data_2LVL
#
_entry.id   2LVL
#
_entity_poly.entity_id   1
_entity_poly.type   'polypeptide(L)'
_entity_poly.pdbx_seq_one_letter_code
;GSTMHFTDDNENDTSETMESLIDKGKLDQVVYDDQLYHLKEKVDEDKKGKVIGAIGQTFFVDGDGKRWSEEELKEPYISN
NPDEIREKKPLRYGKVYSTNEDSDAKDEIIVEFNREYYRAVLIKNEKE
;
_entity_poly.pdbx_strand_id   A
#
# COMPACT_ATOMS: atom_id res chain seq x y z
N GLY A 1 11.99 37.29 -35.46
CA GLY A 1 12.23 37.12 -34.01
C GLY A 1 11.95 35.68 -33.64
N SER A 2 12.42 35.25 -32.47
CA SER A 2 12.26 33.89 -31.95
C SER A 2 12.44 33.96 -30.44
N THR A 3 12.27 32.84 -29.74
CA THR A 3 12.40 32.70 -28.31
C THR A 3 13.27 31.46 -28.04
N MET A 4 13.91 31.37 -26.87
CA MET A 4 14.76 30.25 -26.50
C MET A 4 14.63 30.07 -25.00
N HIS A 5 14.21 28.88 -24.58
CA HIS A 5 14.02 28.45 -23.19
C HIS A 5 14.47 26.99 -23.09
N PHE A 6 14.63 26.48 -21.88
CA PHE A 6 15.03 25.10 -21.60
C PHE A 6 14.42 24.65 -20.27
N THR A 7 14.55 23.39 -19.91
CA THR A 7 14.02 22.84 -18.66
C THR A 7 15.01 21.84 -18.08
N ASP A 8 14.76 21.45 -16.83
CA ASP A 8 15.54 20.50 -16.06
C ASP A 8 14.52 19.53 -15.49
N ASP A 9 14.97 18.34 -15.09
CA ASP A 9 14.11 17.30 -14.53
C ASP A 9 14.66 16.83 -13.20
N ASN A 10 13.77 16.33 -12.36
CA ASN A 10 14.01 15.82 -11.02
C ASN A 10 12.92 14.77 -10.76
N GLU A 11 13.15 13.82 -9.85
CA GLU A 11 12.17 12.80 -9.55
C GLU A 11 10.94 13.48 -8.93
N ASN A 12 9.76 12.93 -9.15
CA ASN A 12 8.50 13.44 -8.65
C ASN A 12 7.65 12.21 -8.40
N ASP A 13 7.76 11.69 -7.19
CA ASP A 13 7.04 10.51 -6.72
C ASP A 13 6.04 10.93 -5.64
N THR A 14 5.23 10.00 -5.13
CA THR A 14 4.25 10.34 -4.09
C THR A 14 4.94 10.86 -2.82
N SER A 15 6.13 10.32 -2.54
CA SER A 15 6.96 10.66 -1.40
C SER A 15 6.14 10.54 -0.09
N GLU A 16 5.55 9.36 0.15
CA GLU A 16 4.75 9.06 1.34
C GLU A 16 5.07 7.62 1.80
N THR A 17 4.43 7.11 2.85
CA THR A 17 4.65 5.76 3.35
C THR A 17 3.32 5.01 3.41
N MET A 18 3.37 3.70 3.70
CA MET A 18 2.18 2.88 3.79
C MET A 18 1.24 3.44 4.85
N GLU A 19 1.77 3.83 6.02
CA GLU A 19 0.98 4.39 7.12
C GLU A 19 0.15 5.56 6.65
N SER A 20 0.74 6.48 5.89
CA SER A 20 0.09 7.65 5.37
C SER A 20 -1.16 7.32 4.58
N LEU A 21 -1.16 6.16 3.92
CA LEU A 21 -2.28 5.73 3.13
C LEU A 21 -3.38 5.22 4.05
N ILE A 22 -3.05 4.26 4.91
CA ILE A 22 -4.02 3.67 5.82
C ILE A 22 -4.62 4.75 6.71
N ASP A 23 -3.80 5.66 7.21
CA ASP A 23 -4.18 6.76 8.11
C ASP A 23 -5.31 7.60 7.52
N LYS A 24 -5.39 7.71 6.18
CA LYS A 24 -6.43 8.46 5.48
C LYS A 24 -7.54 7.56 4.95
N GLY A 25 -7.35 6.25 4.94
CA GLY A 25 -8.33 5.28 4.44
C GLY A 25 -8.00 4.81 3.03
N LYS A 26 -6.73 4.91 2.59
CA LYS A 26 -6.29 4.48 1.26
C LYS A 26 -5.93 2.99 1.40
N LEU A 27 -6.92 2.09 1.37
CA LEU A 27 -6.70 0.64 1.46
C LEU A 27 -6.66 0.03 0.06
N ASP A 28 -6.97 0.81 -0.98
CA ASP A 28 -7.00 0.36 -2.38
C ASP A 28 -5.71 0.71 -3.10
N GLN A 29 -4.72 1.25 -2.39
CA GLN A 29 -3.45 1.62 -2.98
C GLN A 29 -2.37 1.42 -1.92
N VAL A 30 -1.12 1.13 -2.34
CA VAL A 30 -0.01 0.90 -1.42
C VAL A 30 1.29 1.57 -1.89
N VAL A 31 2.27 1.67 -0.97
CA VAL A 31 3.57 2.24 -1.24
C VAL A 31 4.63 1.17 -1.04
N TYR A 32 5.58 1.14 -1.96
CA TYR A 32 6.72 0.24 -1.96
C TYR A 32 7.72 0.92 -2.87
N ASP A 33 8.98 0.94 -2.44
CA ASP A 33 10.09 1.51 -3.18
C ASP A 33 9.89 3.00 -3.49
N ASP A 34 9.24 3.74 -2.57
CA ASP A 34 8.95 5.18 -2.70
C ASP A 34 7.99 5.46 -3.86
N GLN A 35 7.13 4.49 -4.17
CA GLN A 35 6.20 4.61 -5.29
C GLN A 35 4.81 4.29 -4.81
N LEU A 36 3.80 4.78 -5.52
CA LEU A 36 2.40 4.57 -5.20
C LEU A 36 1.75 3.78 -6.31
N TYR A 37 1.08 2.70 -5.93
CA TYR A 37 0.40 1.83 -6.88
C TYR A 37 -1.06 1.76 -6.50
N HIS A 38 -1.93 1.55 -7.48
CA HIS A 38 -3.37 1.46 -7.33
C HIS A 38 -3.84 0.04 -7.61
N LEU A 39 -4.56 -0.57 -6.68
CA LEU A 39 -5.09 -1.92 -6.87
C LEU A 39 -6.24 -1.83 -7.85
N LYS A 40 -6.34 -2.79 -8.77
CA LYS A 40 -7.42 -2.83 -9.75
C LYS A 40 -8.21 -4.11 -9.50
N GLU A 41 -7.54 -5.25 -9.58
CA GLU A 41 -8.21 -6.54 -9.38
C GLU A 41 -7.31 -7.61 -8.75
N LYS A 42 -7.94 -8.71 -8.31
CA LYS A 42 -7.30 -9.86 -7.69
C LYS A 42 -6.79 -10.77 -8.81
N VAL A 43 -5.66 -11.45 -8.63
CA VAL A 43 -5.10 -12.35 -9.63
C VAL A 43 -4.67 -13.66 -8.97
N ASP A 44 -4.42 -14.65 -9.81
CA ASP A 44 -3.96 -15.96 -9.36
C ASP A 44 -2.44 -15.87 -9.17
N GLU A 45 -1.83 -16.80 -8.47
CA GLU A 45 -0.41 -16.87 -8.23
C GLU A 45 0.34 -17.26 -9.48
N ASP A 46 -0.34 -17.78 -10.50
CA ASP A 46 0.31 -18.19 -11.75
C ASP A 46 0.49 -16.96 -12.64
N LYS A 47 -0.22 -15.87 -12.35
CA LYS A 47 -0.16 -14.64 -13.16
C LYS A 47 1.13 -13.88 -12.92
N LYS A 48 1.80 -14.11 -11.78
CA LYS A 48 3.06 -13.42 -11.52
C LYS A 48 4.16 -13.94 -12.45
N GLY A 49 5.20 -13.14 -12.64
CA GLY A 49 6.35 -13.50 -13.47
C GLY A 49 7.63 -13.67 -12.65
N LYS A 50 7.74 -12.97 -11.51
CA LYS A 50 8.91 -12.99 -10.63
C LYS A 50 8.65 -12.14 -9.39
N VAL A 51 9.26 -12.48 -8.26
CA VAL A 51 9.16 -11.71 -7.02
C VAL A 51 10.12 -10.54 -7.23
N ILE A 52 9.70 -9.33 -6.86
CA ILE A 52 10.51 -8.12 -7.02
C ILE A 52 10.77 -7.40 -5.70
N GLY A 53 9.93 -7.60 -4.68
CA GLY A 53 10.05 -6.98 -3.37
C GLY A 53 9.05 -7.63 -2.43
N ALA A 54 8.93 -7.13 -1.20
CA ALA A 54 8.02 -7.65 -0.20
C ALA A 54 7.58 -6.55 0.77
N ILE A 55 6.27 -6.33 0.95
CA ILE A 55 5.82 -5.34 1.90
C ILE A 55 5.95 -6.00 3.28
N GLY A 56 5.27 -7.14 3.49
CA GLY A 56 5.29 -7.91 4.74
C GLY A 56 4.79 -7.18 6.00
N GLN A 57 4.36 -5.92 5.89
CA GLN A 57 3.89 -5.10 6.98
C GLN A 57 2.52 -5.55 7.48
N THR A 58 2.08 -5.04 8.63
CA THR A 58 0.78 -5.36 9.20
C THR A 58 0.33 -4.17 10.04
N PHE A 59 -0.89 -3.69 9.81
CA PHE A 59 -1.46 -2.57 10.54
C PHE A 59 -2.91 -2.89 10.92
N PHE A 60 -3.57 -2.04 11.71
CA PHE A 60 -4.96 -2.22 12.12
C PHE A 60 -5.70 -0.89 12.12
N VAL A 61 -7.02 -0.92 11.84
CA VAL A 61 -7.88 0.27 11.83
C VAL A 61 -9.22 -0.09 12.48
N ASP A 62 -10.02 0.90 12.84
CA ASP A 62 -11.34 0.74 13.45
C ASP A 62 -12.44 0.91 12.40
N GLY A 63 -13.69 0.98 12.85
CA GLY A 63 -14.85 1.15 11.99
C GLY A 63 -14.89 2.53 11.32
N ASP A 64 -14.12 3.50 11.83
CA ASP A 64 -14.06 4.85 11.27
C ASP A 64 -12.91 4.93 10.26
N GLY A 65 -11.94 4.01 10.36
CA GLY A 65 -10.77 3.92 9.51
C GLY A 65 -9.58 4.63 10.14
N LYS A 66 -9.47 4.68 11.48
CA LYS A 66 -8.35 5.33 12.17
C LYS A 66 -7.29 4.31 12.54
N ARG A 67 -6.02 4.66 12.37
CA ARG A 67 -4.86 3.83 12.66
C ARG A 67 -4.76 3.57 14.15
N TRP A 68 -4.88 2.33 14.58
CA TRP A 68 -4.78 1.99 15.99
C TRP A 68 -3.35 2.23 16.47
N SER A 69 -3.20 2.88 17.63
CA SER A 69 -1.92 3.16 18.25
C SER A 69 -1.50 1.92 19.03
N GLU A 70 -0.20 1.64 19.17
CA GLU A 70 0.26 0.47 19.92
C GLU A 70 -0.22 0.51 21.39
N GLU A 71 -0.42 1.71 21.93
CA GLU A 71 -0.88 1.89 23.30
C GLU A 71 -2.32 1.39 23.45
N GLU A 72 -3.10 1.48 22.37
CA GLU A 72 -4.48 1.02 22.31
C GLU A 72 -4.48 -0.50 22.10
N LEU A 73 -3.44 -1.03 21.46
CA LEU A 73 -3.30 -2.46 21.17
C LEU A 73 -2.86 -3.27 22.39
N LYS A 74 -2.04 -2.71 23.29
CA LYS A 74 -1.57 -3.42 24.49
C LYS A 74 -2.72 -3.73 25.44
N GLU A 75 -3.79 -2.93 25.40
CA GLU A 75 -4.96 -3.08 26.26
C GLU A 75 -5.59 -4.47 26.12
N PRO A 76 -6.28 -4.95 27.17
CA PRO A 76 -6.93 -6.25 27.15
C PRO A 76 -8.20 -6.12 26.30
N TYR A 77 -8.49 -7.13 25.48
CA TYR A 77 -9.67 -7.09 24.63
C TYR A 77 -10.90 -7.32 25.50
N ILE A 78 -10.96 -8.47 26.18
CA ILE A 78 -12.09 -8.75 27.05
C ILE A 78 -12.02 -7.72 28.16
N SER A 79 -13.15 -7.07 28.46
CA SER A 79 -13.29 -6.05 29.46
C SER A 79 -14.77 -6.01 29.86
N ASN A 80 -15.12 -5.22 30.89
CA ASN A 80 -16.48 -5.13 31.39
C ASN A 80 -17.46 -4.24 30.62
N ASN A 81 -17.00 -3.38 29.70
CA ASN A 81 -17.87 -2.48 28.95
C ASN A 81 -17.72 -2.77 27.46
N PRO A 82 -18.52 -3.69 26.90
CA PRO A 82 -18.43 -4.03 25.48
C PRO A 82 -18.91 -2.90 24.56
N ASP A 83 -19.48 -1.83 25.11
CA ASP A 83 -19.97 -0.70 24.33
C ASP A 83 -18.86 0.32 24.07
N GLU A 84 -18.02 0.54 25.09
CA GLU A 84 -16.90 1.48 25.09
C GLU A 84 -15.76 1.09 24.14
N ILE A 85 -15.64 -0.19 23.80
CA ILE A 85 -14.58 -0.69 22.91
C ILE A 85 -14.88 -0.38 21.44
N ARG A 86 -13.91 -0.64 20.56
CA ARG A 86 -14.02 -0.42 19.12
C ARG A 86 -13.55 -1.64 18.35
N GLU A 87 -13.94 -1.74 17.09
CA GLU A 87 -13.53 -2.85 16.24
C GLU A 87 -12.08 -2.63 15.82
N LYS A 88 -11.40 -3.70 15.43
CA LYS A 88 -10.02 -3.67 15.02
C LYS A 88 -9.81 -4.60 13.83
N LYS A 89 -9.83 -4.03 12.63
CA LYS A 89 -9.69 -4.68 11.33
C LYS A 89 -8.19 -4.83 11.03
N PRO A 90 -7.64 -6.05 11.05
CA PRO A 90 -6.24 -6.26 10.73
C PRO A 90 -6.03 -6.10 9.22
N LEU A 91 -4.86 -5.61 8.82
CA LEU A 91 -4.46 -5.36 7.44
C LEU A 91 -3.09 -6.02 7.28
N ARG A 92 -3.02 -7.25 6.75
CA ARG A 92 -1.77 -7.99 6.55
C ARG A 92 -1.28 -7.84 5.13
N TYR A 93 -0.09 -7.29 4.95
CA TYR A 93 0.49 -7.10 3.62
C TYR A 93 1.45 -8.24 3.33
N GLY A 94 1.44 -8.63 2.06
CA GLY A 94 2.07 -9.63 1.29
C GLY A 94 3.30 -9.22 0.49
N LYS A 95 4.03 -10.21 -0.01
CA LYS A 95 5.20 -10.00 -0.85
C LYS A 95 4.71 -9.37 -2.19
N VAL A 96 5.62 -8.88 -3.03
CA VAL A 96 5.27 -8.25 -4.31
C VAL A 96 5.94 -8.97 -5.47
N TYR A 97 5.25 -8.99 -6.61
CA TYR A 97 5.67 -9.65 -7.83
C TYR A 97 5.48 -8.72 -9.03
N SER A 98 5.96 -9.14 -10.19
CA SER A 98 5.86 -8.46 -11.47
C SER A 98 4.77 -9.14 -12.27
N THR A 99 4.11 -8.38 -13.14
CA THR A 99 3.09 -8.89 -14.03
C THR A 99 3.86 -9.61 -15.15
N ASN A 100 3.22 -10.55 -15.86
CA ASN A 100 3.87 -11.26 -16.96
C ASN A 100 3.78 -10.34 -18.18
N GLU A 101 4.70 -9.38 -18.29
CA GLU A 101 4.77 -8.42 -19.38
C GLU A 101 6.05 -8.53 -20.20
N ASP A 102 7.12 -9.09 -19.63
CA ASP A 102 8.45 -9.29 -20.23
C ASP A 102 8.94 -8.08 -21.03
N SER A 103 8.59 -6.87 -20.56
CA SER A 103 8.91 -5.60 -21.18
C SER A 103 9.56 -4.65 -20.18
N ASP A 104 10.05 -3.52 -20.68
CA ASP A 104 10.71 -2.46 -19.92
C ASP A 104 9.71 -1.63 -19.10
N ALA A 105 8.43 -1.65 -19.50
CA ALA A 105 7.30 -0.94 -18.92
C ALA A 105 7.35 -0.76 -17.41
N LYS A 106 7.23 -1.87 -16.65
CA LYS A 106 7.25 -1.93 -15.19
C LYS A 106 6.30 -0.89 -14.58
N ASP A 107 5.19 -0.63 -15.26
CA ASP A 107 4.16 0.32 -14.86
C ASP A 107 3.03 -0.35 -14.09
N GLU A 108 3.06 -1.66 -13.94
CA GLU A 108 2.09 -2.46 -13.21
C GLU A 108 2.91 -3.54 -12.51
N ILE A 109 2.48 -3.93 -11.32
CA ILE A 109 3.10 -4.96 -10.46
C ILE A 109 1.97 -5.70 -9.72
N ILE A 110 2.29 -6.70 -8.89
CA ILE A 110 1.28 -7.48 -8.16
C ILE A 110 1.61 -7.44 -6.68
N VAL A 111 0.76 -6.79 -5.88
CA VAL A 111 0.85 -6.62 -4.44
C VAL A 111 -0.05 -7.65 -3.75
N GLU A 112 0.50 -8.42 -2.81
CA GLU A 112 -0.28 -9.40 -2.05
C GLU A 112 -0.81 -8.66 -0.82
N PHE A 113 -2.06 -8.92 -0.44
CA PHE A 113 -2.74 -8.33 0.70
C PHE A 113 -3.70 -9.38 1.21
N ASN A 114 -3.89 -9.48 2.53
CA ASN A 114 -4.79 -10.45 3.16
C ASN A 114 -4.55 -11.87 2.63
N ARG A 115 -3.29 -12.20 2.31
CA ARG A 115 -2.84 -13.49 1.78
C ARG A 115 -3.41 -13.83 0.39
N GLU A 116 -3.80 -12.83 -0.41
CA GLU A 116 -4.33 -12.96 -1.76
C GLU A 116 -3.48 -12.03 -2.63
N TYR A 117 -3.22 -12.39 -3.89
CA TYR A 117 -2.42 -11.56 -4.79
C TYR A 117 -3.35 -10.69 -5.60
N TYR A 118 -3.06 -9.40 -5.71
CA TYR A 118 -3.85 -8.45 -6.50
C TYR A 118 -2.90 -7.76 -7.45
N ARG A 119 -3.37 -7.29 -8.60
CA ARG A 119 -2.58 -6.59 -9.61
C ARG A 119 -2.80 -5.09 -9.40
N ALA A 120 -1.70 -4.35 -9.31
CA ALA A 120 -1.69 -2.90 -9.11
C ALA A 120 -1.02 -2.20 -10.29
N VAL A 121 -1.20 -0.88 -10.37
CA VAL A 121 -0.68 -0.01 -11.42
C VAL A 121 -0.04 1.24 -10.83
N LEU A 122 1.06 1.70 -11.42
CA LEU A 122 1.82 2.88 -11.03
C LEU A 122 0.87 4.09 -11.17
N ILE A 123 0.64 4.85 -10.10
CA ILE A 123 -0.30 5.99 -10.12
C ILE A 123 0.39 7.24 -10.58
N LYS A 124 1.55 7.49 -9.99
CA LYS A 124 2.40 8.63 -10.28
C LYS A 124 2.74 8.75 -11.77
N ASN A 125 2.64 7.64 -12.51
CA ASN A 125 2.88 7.51 -13.93
C ASN A 125 1.82 8.19 -14.78
N GLU A 126 0.60 8.26 -14.25
CA GLU A 126 -0.54 8.87 -14.88
C GLU A 126 -0.91 10.15 -14.13
N LYS A 127 -1.83 10.90 -14.71
CA LYS A 127 -2.35 12.14 -14.15
C LYS A 127 -3.85 11.94 -14.27
N GLU A 128 -4.36 11.05 -13.43
CA GLU A 128 -5.75 10.65 -13.34
C GLU A 128 -6.02 10.18 -11.91
N GLY A 1 3.16 25.88 -39.97
CA GLY A 1 4.28 25.17 -39.34
C GLY A 1 3.77 24.38 -38.16
N SER A 2 4.65 23.66 -37.46
CA SER A 2 4.33 22.85 -36.30
C SER A 2 5.55 22.90 -35.38
N THR A 3 5.33 22.98 -34.07
CA THR A 3 6.39 23.07 -33.07
C THR A 3 5.93 22.30 -31.83
N MET A 4 6.79 21.44 -31.29
CA MET A 4 6.57 20.61 -30.11
C MET A 4 7.98 20.29 -29.58
N HIS A 5 8.11 19.84 -28.33
CA HIS A 5 9.38 19.48 -27.73
C HIS A 5 9.19 18.24 -26.86
N PHE A 6 10.28 17.53 -26.59
CA PHE A 6 10.30 16.35 -25.75
C PHE A 6 10.26 16.80 -24.28
N THR A 7 10.33 15.84 -23.36
CA THR A 7 10.31 16.08 -21.93
C THR A 7 11.39 15.19 -21.29
N ASP A 8 11.42 15.15 -19.96
CA ASP A 8 12.38 14.38 -19.20
C ASP A 8 11.63 13.45 -18.25
N ASP A 9 12.35 12.52 -17.61
CA ASP A 9 11.74 11.57 -16.68
C ASP A 9 11.24 12.34 -15.46
N ASN A 10 9.95 12.19 -15.16
CA ASN A 10 9.33 12.84 -14.01
C ASN A 10 9.91 12.22 -12.75
N GLU A 11 10.34 13.04 -11.78
CA GLU A 11 10.94 12.58 -10.53
C GLU A 11 10.18 13.17 -9.33
N ASN A 12 8.86 13.10 -9.41
CA ASN A 12 7.89 13.56 -8.43
C ASN A 12 7.01 12.39 -8.01
N ASP A 13 7.63 11.45 -7.30
CA ASP A 13 7.00 10.26 -6.76
C ASP A 13 6.04 10.66 -5.63
N THR A 14 5.24 9.72 -5.11
CA THR A 14 4.31 10.07 -4.03
C THR A 14 5.12 10.48 -2.79
N SER A 15 6.25 9.79 -2.56
CA SER A 15 7.15 9.98 -1.44
C SER A 15 6.34 10.00 -0.14
N GLU A 16 5.77 8.85 0.20
CA GLU A 16 4.96 8.65 1.39
C GLU A 16 5.26 7.25 1.94
N THR A 17 4.50 6.76 2.92
CA THR A 17 4.68 5.43 3.53
C THR A 17 3.34 4.70 3.61
N MET A 18 3.36 3.39 3.88
CA MET A 18 2.14 2.60 3.99
C MET A 18 1.23 3.17 5.08
N GLU A 19 1.80 3.60 6.22
CA GLU A 19 1.04 4.16 7.34
C GLU A 19 0.29 5.42 6.89
N SER A 20 0.94 6.27 6.09
CA SER A 20 0.38 7.52 5.59
C SER A 20 -0.84 7.26 4.70
N LEU A 21 -0.87 6.11 4.03
CA LEU A 21 -2.01 5.75 3.20
C LEU A 21 -3.16 5.45 4.13
N ILE A 22 -2.92 4.57 5.10
CA ILE A 22 -3.95 4.19 6.05
C ILE A 22 -4.46 5.41 6.81
N ASP A 23 -3.60 6.38 7.13
CA ASP A 23 -3.95 7.62 7.85
C ASP A 23 -5.11 8.32 7.14
N LYS A 24 -5.19 8.23 5.81
CA LYS A 24 -6.26 8.87 5.01
C LYS A 24 -7.31 7.90 4.52
N GLY A 25 -7.06 6.59 4.61
CA GLY A 25 -7.98 5.57 4.14
C GLY A 25 -7.62 5.09 2.73
N LYS A 26 -6.35 5.22 2.30
CA LYS A 26 -5.89 4.78 0.98
C LYS A 26 -5.71 3.24 1.02
N LEU A 27 -6.78 2.48 1.26
CA LEU A 27 -6.74 0.99 1.29
C LEU A 27 -6.92 0.45 -0.14
N ASP A 28 -7.04 1.36 -1.11
CA ASP A 28 -7.24 1.11 -2.53
C ASP A 28 -5.92 1.16 -3.28
N GLN A 29 -4.81 1.48 -2.61
CA GLN A 29 -3.48 1.60 -3.17
C GLN A 29 -2.43 1.28 -2.11
N VAL A 30 -1.17 1.06 -2.49
CA VAL A 30 -0.06 0.76 -1.57
C VAL A 30 1.25 1.40 -2.04
N VAL A 31 2.27 1.43 -1.17
CA VAL A 31 3.57 1.96 -1.54
C VAL A 31 4.62 0.88 -1.40
N TYR A 32 5.65 0.98 -2.22
CA TYR A 32 6.80 0.08 -2.23
C TYR A 32 7.82 0.82 -3.08
N ASP A 33 9.06 0.85 -2.60
CA ASP A 33 10.18 1.50 -3.25
C ASP A 33 9.89 2.97 -3.53
N ASP A 34 9.13 3.59 -2.61
CA ASP A 34 8.69 5.00 -2.56
C ASP A 34 7.65 5.38 -3.63
N GLN A 35 7.14 4.38 -4.34
CA GLN A 35 6.19 4.54 -5.42
C GLN A 35 4.82 4.19 -4.93
N LEU A 36 3.79 4.59 -5.68
CA LEU A 36 2.40 4.36 -5.34
C LEU A 36 1.76 3.52 -6.43
N TYR A 37 1.14 2.41 -6.04
CA TYR A 37 0.46 1.50 -6.96
C TYR A 37 -1.02 1.39 -6.59
N HIS A 38 -1.90 1.52 -7.57
CA HIS A 38 -3.35 1.47 -7.49
C HIS A 38 -3.84 0.05 -7.65
N LEU A 39 -4.62 -0.46 -6.70
CA LEU A 39 -5.15 -1.82 -6.73
C LEU A 39 -6.34 -1.89 -7.69
N LYS A 40 -6.22 -2.67 -8.75
CA LYS A 40 -7.26 -2.84 -9.77
C LYS A 40 -8.15 -4.06 -9.52
N GLU A 41 -7.58 -5.26 -9.62
CA GLU A 41 -8.32 -6.51 -9.43
C GLU A 41 -7.51 -7.60 -8.71
N LYS A 42 -8.18 -8.66 -8.27
CA LYS A 42 -7.63 -9.82 -7.58
C LYS A 42 -7.18 -10.80 -8.66
N VAL A 43 -5.97 -11.36 -8.52
CA VAL A 43 -5.38 -12.30 -9.47
C VAL A 43 -4.92 -13.58 -8.76
N ASP A 44 -4.36 -14.54 -9.51
CA ASP A 44 -3.88 -15.80 -8.97
C ASP A 44 -2.36 -15.79 -8.83
N GLU A 45 -1.83 -16.81 -8.14
CA GLU A 45 -0.42 -17.03 -7.94
C GLU A 45 0.21 -17.53 -9.23
N ASP A 46 -0.59 -18.03 -10.17
CA ASP A 46 -0.15 -18.51 -11.48
C ASP A 46 0.26 -17.31 -12.33
N LYS A 47 -0.28 -16.13 -12.00
CA LYS A 47 -0.06 -14.91 -12.73
C LYS A 47 1.25 -14.22 -12.44
N LYS A 48 1.90 -14.57 -11.33
CA LYS A 48 3.17 -13.95 -10.95
C LYS A 48 4.27 -14.24 -11.95
N GLY A 49 4.75 -13.19 -12.60
CA GLY A 49 5.84 -13.31 -13.58
C GLY A 49 7.15 -13.55 -12.84
N LYS A 50 7.32 -12.88 -11.70
CA LYS A 50 8.49 -12.95 -10.83
C LYS A 50 8.30 -12.03 -9.62
N VAL A 51 9.03 -12.27 -8.54
CA VAL A 51 9.00 -11.44 -7.33
C VAL A 51 9.91 -10.25 -7.61
N ILE A 52 9.59 -9.10 -7.00
CA ILE A 52 10.35 -7.86 -7.15
C ILE A 52 10.63 -7.22 -5.79
N GLY A 53 9.72 -7.36 -4.83
CA GLY A 53 9.87 -6.77 -3.50
C GLY A 53 8.93 -7.44 -2.51
N ALA A 54 8.90 -7.01 -1.25
CA ALA A 54 8.03 -7.60 -0.23
C ALA A 54 7.56 -6.61 0.84
N ILE A 55 6.28 -6.21 0.86
CA ILE A 55 5.78 -5.27 1.85
C ILE A 55 5.87 -5.93 3.23
N GLY A 56 5.21 -7.08 3.41
CA GLY A 56 5.18 -7.86 4.65
C GLY A 56 5.04 -7.00 5.90
N GLN A 57 3.96 -6.20 5.98
CA GLN A 57 3.66 -5.31 7.10
C GLN A 57 2.30 -5.65 7.71
N THR A 58 1.99 -5.13 8.89
CA THR A 58 0.70 -5.35 9.56
C THR A 58 0.35 -4.12 10.40
N PHE A 59 -0.88 -3.63 10.27
CA PHE A 59 -1.43 -2.49 11.01
C PHE A 59 -2.91 -2.81 11.28
N PHE A 60 -3.61 -2.00 12.08
CA PHE A 60 -5.02 -2.21 12.38
C PHE A 60 -5.81 -0.91 12.29
N VAL A 61 -7.10 -0.98 11.94
CA VAL A 61 -7.96 0.20 11.87
C VAL A 61 -9.31 -0.10 12.53
N ASP A 62 -9.99 0.93 13.01
CA ASP A 62 -11.30 0.87 13.65
C ASP A 62 -12.40 0.91 12.60
N GLY A 63 -13.66 0.94 13.05
CA GLY A 63 -14.82 1.02 12.18
C GLY A 63 -14.84 2.37 11.45
N ASP A 64 -14.16 3.37 12.03
CA ASP A 64 -14.01 4.74 11.53
C ASP A 64 -12.78 4.81 10.61
N GLY A 65 -12.07 3.69 10.44
CA GLY A 65 -10.89 3.56 9.60
C GLY A 65 -9.68 4.32 10.13
N LYS A 66 -9.60 4.58 11.44
CA LYS A 66 -8.51 5.31 12.06
C LYS A 66 -7.35 4.35 12.29
N ARG A 67 -6.12 4.84 12.34
CA ARG A 67 -4.95 3.98 12.52
C ARG A 67 -4.72 3.74 14.00
N TRP A 68 -4.86 2.48 14.44
CA TRP A 68 -4.66 2.13 15.83
C TRP A 68 -3.22 2.43 16.26
N SER A 69 -3.10 3.08 17.41
CA SER A 69 -1.86 3.46 18.07
C SER A 69 -1.37 2.24 18.85
N GLU A 70 -0.05 2.07 18.95
CA GLU A 70 0.54 0.95 19.68
C GLU A 70 0.15 1.00 21.15
N GLU A 71 -0.18 2.19 21.68
CA GLU A 71 -0.58 2.36 23.06
C GLU A 71 -1.91 1.65 23.31
N GLU A 72 -2.81 1.72 22.33
CA GLU A 72 -4.14 1.11 22.36
C GLU A 72 -4.05 -0.39 22.05
N LEU A 73 -3.08 -0.81 21.22
CA LEU A 73 -2.90 -2.21 20.87
C LEU A 73 -2.42 -3.03 22.07
N LYS A 74 -1.71 -2.40 23.02
CA LYS A 74 -1.24 -3.11 24.21
C LYS A 74 -2.42 -3.52 25.10
N GLU A 75 -3.54 -2.81 25.04
CA GLU A 75 -4.73 -3.09 25.86
C GLU A 75 -5.34 -4.47 25.55
N PRO A 76 -6.13 -5.07 26.46
CA PRO A 76 -6.75 -6.36 26.22
C PRO A 76 -7.96 -6.21 25.29
N TYR A 77 -8.49 -7.31 24.76
CA TYR A 77 -9.63 -7.32 23.87
C TYR A 77 -10.88 -7.67 24.69
N ILE A 78 -11.00 -8.92 25.13
CA ILE A 78 -12.15 -9.38 25.93
C ILE A 78 -12.27 -8.56 27.23
N SER A 79 -13.51 -8.33 27.68
CA SER A 79 -13.86 -7.58 28.88
C SER A 79 -15.26 -7.99 29.32
N ASN A 80 -15.82 -7.33 30.35
CA ASN A 80 -17.16 -7.62 30.85
C ASN A 80 -18.21 -7.32 29.77
N ASN A 81 -17.95 -6.34 28.91
CA ASN A 81 -18.81 -5.96 27.80
C ASN A 81 -17.86 -5.79 26.62
N PRO A 82 -17.68 -6.81 25.78
CA PRO A 82 -16.79 -6.74 24.63
C PRO A 82 -17.28 -5.77 23.55
N ASP A 83 -18.48 -5.21 23.69
CA ASP A 83 -19.01 -4.29 22.69
C ASP A 83 -18.54 -2.86 22.86
N GLU A 84 -18.03 -2.53 24.05
CA GLU A 84 -17.52 -1.18 24.34
C GLU A 84 -16.14 -0.93 23.74
N ILE A 85 -15.44 -1.99 23.30
CA ILE A 85 -14.13 -1.86 22.70
C ILE A 85 -14.32 -1.75 21.19
N ARG A 86 -13.65 -0.78 20.59
CA ARG A 86 -13.77 -0.55 19.16
C ARG A 86 -13.26 -1.72 18.33
N GLU A 87 -13.88 -1.91 17.16
CA GLU A 87 -13.50 -2.98 16.25
C GLU A 87 -12.05 -2.80 15.83
N LYS A 88 -11.43 -3.88 15.37
CA LYS A 88 -10.04 -3.91 14.98
C LYS A 88 -9.86 -4.76 13.73
N LYS A 89 -9.72 -4.11 12.57
CA LYS A 89 -9.56 -4.71 11.26
C LYS A 89 -8.06 -4.91 10.99
N PRO A 90 -7.52 -6.15 11.02
CA PRO A 90 -6.11 -6.44 10.78
C PRO A 90 -5.78 -6.30 9.28
N LEU A 91 -4.90 -5.37 8.94
CA LEU A 91 -4.47 -5.08 7.57
C LEU A 91 -3.10 -5.74 7.38
N ARG A 92 -3.04 -6.93 6.81
CA ARG A 92 -1.80 -7.67 6.57
C ARG A 92 -1.32 -7.50 5.15
N TYR A 93 -0.20 -6.82 4.96
CA TYR A 93 0.43 -6.56 3.69
C TYR A 93 1.33 -7.77 3.39
N GLY A 94 1.45 -8.10 2.10
CA GLY A 94 2.11 -9.17 1.42
C GLY A 94 3.26 -8.85 0.48
N LYS A 95 3.98 -9.91 0.07
CA LYS A 95 5.10 -9.74 -0.85
C LYS A 95 4.56 -9.22 -2.21
N VAL A 96 5.44 -8.67 -3.06
CA VAL A 96 5.08 -8.09 -4.35
C VAL A 96 5.72 -8.86 -5.52
N TYR A 97 4.97 -8.97 -6.61
CA TYR A 97 5.34 -9.65 -7.85
C TYR A 97 5.18 -8.69 -9.03
N SER A 98 5.57 -9.14 -10.22
CA SER A 98 5.51 -8.41 -11.48
C SER A 98 4.48 -9.09 -12.38
N THR A 99 3.73 -8.28 -13.14
CA THR A 99 2.68 -8.73 -14.04
C THR A 99 3.16 -9.20 -15.41
N ASN A 100 4.03 -10.21 -15.42
CA ASN A 100 4.60 -10.83 -16.63
C ASN A 100 5.51 -9.90 -17.46
N GLU A 101 5.51 -8.60 -17.14
CA GLU A 101 6.20 -7.43 -17.67
C GLU A 101 7.36 -7.80 -18.59
N ASP A 102 8.44 -8.26 -17.96
CA ASP A 102 9.72 -8.66 -18.57
C ASP A 102 10.34 -7.55 -19.45
N SER A 103 9.76 -6.36 -19.36
CA SER A 103 10.04 -5.13 -20.06
C SER A 103 10.63 -4.11 -19.09
N ASP A 104 10.90 -2.91 -19.60
CA ASP A 104 11.45 -1.81 -18.83
C ASP A 104 10.35 -0.88 -18.33
N ALA A 105 9.10 -1.14 -18.72
CA ALA A 105 7.94 -0.38 -18.31
C ALA A 105 7.82 -0.49 -16.80
N LYS A 106 7.60 -1.71 -16.29
CA LYS A 106 7.43 -2.00 -14.86
C LYS A 106 6.41 -1.01 -14.33
N ASP A 107 5.27 -0.95 -15.01
CA ASP A 107 4.18 -0.06 -14.63
C ASP A 107 3.19 -0.86 -13.82
N GLU A 108 3.05 -2.16 -14.07
CA GLU A 108 2.11 -2.96 -13.31
C GLU A 108 2.90 -4.01 -12.56
N ILE A 109 2.41 -4.25 -11.35
CA ILE A 109 2.95 -5.20 -10.39
C ILE A 109 1.79 -5.89 -9.67
N ILE A 110 2.04 -6.81 -8.75
CA ILE A 110 1.00 -7.52 -8.01
C ILE A 110 1.36 -7.47 -6.54
N VAL A 111 0.53 -6.80 -5.75
CA VAL A 111 0.67 -6.61 -4.32
C VAL A 111 -0.20 -7.64 -3.60
N GLU A 112 0.37 -8.35 -2.65
CA GLU A 112 -0.38 -9.32 -1.86
C GLU A 112 -0.95 -8.58 -0.66
N PHE A 113 -2.17 -8.91 -0.24
CA PHE A 113 -2.82 -8.30 0.91
C PHE A 113 -3.80 -9.31 1.48
N ASN A 114 -3.97 -9.35 2.80
CA ASN A 114 -4.88 -10.25 3.49
C ASN A 114 -4.82 -11.68 2.92
N ARG A 115 -3.61 -12.19 2.68
CA ARG A 115 -3.32 -13.54 2.14
C ARG A 115 -3.83 -13.80 0.71
N GLU A 116 -3.93 -12.78 -0.13
CA GLU A 116 -4.37 -12.90 -1.52
C GLU A 116 -3.56 -11.95 -2.39
N TYR A 117 -3.43 -12.25 -3.69
CA TYR A 117 -2.67 -11.44 -4.65
C TYR A 117 -3.59 -10.47 -5.39
N TYR A 118 -3.22 -9.18 -5.44
CA TYR A 118 -3.96 -8.10 -6.06
C TYR A 118 -3.12 -7.36 -7.10
N ARG A 119 -3.58 -7.32 -8.34
CA ARG A 119 -2.87 -6.62 -9.42
C ARG A 119 -2.95 -5.15 -9.13
N ALA A 120 -1.81 -4.48 -9.23
CA ALA A 120 -1.69 -3.05 -8.98
C ALA A 120 -1.03 -2.38 -10.18
N VAL A 121 -1.17 -1.06 -10.32
CA VAL A 121 -0.59 -0.28 -11.43
C VAL A 121 0.01 1.01 -10.91
N LEU A 122 1.06 1.50 -11.57
CA LEU A 122 1.77 2.71 -11.22
C LEU A 122 0.82 3.90 -11.37
N ILE A 123 0.76 4.77 -10.35
CA ILE A 123 -0.15 5.92 -10.35
C ILE A 123 0.60 7.13 -10.86
N LYS A 124 1.79 7.37 -10.31
CA LYS A 124 2.66 8.46 -10.67
C LYS A 124 2.99 8.51 -12.17
N ASN A 125 2.65 7.47 -12.93
CA ASN A 125 2.86 7.40 -14.36
C ASN A 125 1.85 8.34 -15.04
N GLU A 126 0.59 8.31 -14.58
CA GLU A 126 -0.54 9.11 -15.08
C GLU A 126 -0.96 10.28 -14.18
N LYS A 127 -0.44 10.30 -12.96
CA LYS A 127 -0.63 11.24 -11.87
C LYS A 127 -2.09 11.54 -11.51
N GLU A 128 -2.95 10.53 -11.59
CA GLU A 128 -4.36 10.63 -11.24
C GLU A 128 -4.43 10.82 -9.72
N GLY A 1 21.77 38.67 -23.76
CA GLY A 1 20.36 38.75 -23.36
C GLY A 1 20.19 39.88 -22.37
N SER A 2 19.10 39.88 -21.60
CA SER A 2 18.79 40.88 -20.60
C SER A 2 18.17 40.12 -19.43
N THR A 3 17.01 39.50 -19.67
CA THR A 3 16.30 38.70 -18.68
C THR A 3 17.11 37.41 -18.43
N MET A 4 16.84 36.75 -17.30
CA MET A 4 17.49 35.52 -16.89
C MET A 4 16.42 34.62 -16.27
N HIS A 5 16.59 33.30 -16.38
CA HIS A 5 15.70 32.26 -15.86
C HIS A 5 16.58 31.12 -15.36
N PHE A 6 16.05 30.29 -14.48
CA PHE A 6 16.73 29.13 -13.91
C PHE A 6 15.77 27.94 -13.95
N THR A 7 16.24 26.75 -13.58
CA THR A 7 15.45 25.53 -13.57
C THR A 7 15.83 24.77 -12.30
N ASP A 8 14.89 24.63 -11.37
CA ASP A 8 15.09 23.91 -10.11
C ASP A 8 14.62 22.47 -10.29
N ASP A 9 14.66 21.67 -9.23
CA ASP A 9 14.24 20.27 -9.23
C ASP A 9 13.55 19.98 -7.89
N ASN A 10 12.76 18.90 -7.87
CA ASN A 10 11.98 18.39 -6.75
C ASN A 10 11.72 16.90 -6.98
N GLU A 11 10.97 16.24 -6.08
CA GLU A 11 10.64 14.81 -6.19
C GLU A 11 9.65 14.57 -7.36
N ASN A 12 9.38 13.30 -7.69
CA ASN A 12 8.47 12.90 -8.78
C ASN A 12 7.53 11.77 -8.34
N ASP A 13 7.32 11.62 -7.04
CA ASP A 13 6.48 10.59 -6.45
C ASP A 13 5.60 11.13 -5.34
N THR A 14 4.80 10.22 -4.75
CA THR A 14 3.89 10.51 -3.68
C THR A 14 4.63 11.04 -2.44
N SER A 15 5.82 10.50 -2.17
CA SER A 15 6.72 10.79 -1.08
C SER A 15 6.04 10.56 0.27
N GLU A 16 5.28 9.47 0.36
CA GLU A 16 4.54 9.03 1.52
C GLU A 16 4.98 7.59 1.85
N THR A 17 4.45 7.01 2.91
CA THR A 17 4.77 5.64 3.34
C THR A 17 3.47 4.85 3.49
N MET A 18 3.55 3.55 3.74
CA MET A 18 2.36 2.72 3.88
C MET A 18 1.43 3.18 4.99
N GLU A 19 1.96 3.65 6.13
CA GLU A 19 1.10 4.10 7.23
C GLU A 19 0.26 5.29 6.79
N SER A 20 0.86 6.25 6.10
CA SER A 20 0.25 7.47 5.60
C SER A 20 -0.98 7.19 4.75
N LEU A 21 -0.96 6.05 4.04
CA LEU A 21 -2.07 5.66 3.20
C LEU A 21 -3.24 5.29 4.10
N ILE A 22 -3.00 4.38 5.03
CA ILE A 22 -4.01 3.89 5.94
C ILE A 22 -4.57 5.07 6.76
N ASP A 23 -3.71 5.99 7.17
CA ASP A 23 -4.06 7.19 7.94
C ASP A 23 -5.14 8.02 7.24
N LYS A 24 -5.26 7.93 5.90
CA LYS A 24 -6.26 8.65 5.10
C LYS A 24 -7.36 7.71 4.56
N GLY A 25 -7.13 6.40 4.63
CA GLY A 25 -8.08 5.40 4.16
C GLY A 25 -7.73 4.88 2.77
N LYS A 26 -6.47 4.92 2.36
CA LYS A 26 -6.02 4.43 1.07
C LYS A 26 -5.85 2.91 1.18
N LEU A 27 -6.95 2.16 1.32
CA LEU A 27 -6.96 0.69 1.44
C LEU A 27 -7.12 0.02 0.06
N ASP A 28 -7.14 0.82 -1.01
CA ASP A 28 -7.28 0.36 -2.40
C ASP A 28 -5.96 0.59 -3.16
N GLN A 29 -4.90 1.00 -2.46
CA GLN A 29 -3.58 1.27 -3.03
C GLN A 29 -2.50 1.02 -1.96
N VAL A 30 -1.24 0.93 -2.38
CA VAL A 30 -0.10 0.69 -1.48
C VAL A 30 1.17 1.41 -1.96
N VAL A 31 2.21 1.51 -1.12
CA VAL A 31 3.48 2.16 -1.44
C VAL A 31 4.60 1.13 -1.31
N TYR A 32 5.44 0.99 -2.33
CA TYR A 32 6.58 0.08 -2.32
C TYR A 32 7.62 0.76 -3.16
N ASP A 33 8.85 0.74 -2.64
CA ASP A 33 10.06 1.29 -3.23
C ASP A 33 9.91 2.75 -3.61
N ASP A 34 9.13 3.51 -2.81
CA ASP A 34 8.84 4.94 -2.99
C ASP A 34 7.93 5.21 -4.18
N GLN A 35 7.03 4.27 -4.44
CA GLN A 35 6.11 4.39 -5.55
C GLN A 35 4.72 4.17 -5.00
N LEU A 36 3.72 4.64 -5.72
CA LEU A 36 2.32 4.51 -5.33
C LEU A 36 1.63 3.70 -6.39
N TYR A 37 1.06 2.56 -6.00
CA TYR A 37 0.37 1.70 -6.94
C TYR A 37 -1.08 1.64 -6.55
N HIS A 38 -1.97 1.49 -7.52
CA HIS A 38 -3.40 1.40 -7.35
C HIS A 38 -3.82 -0.03 -7.60
N LEU A 39 -4.56 -0.64 -6.68
CA LEU A 39 -5.02 -2.02 -6.90
C LEU A 39 -6.06 -1.94 -8.02
N LYS A 40 -6.15 -2.98 -8.84
CA LYS A 40 -7.10 -3.04 -9.94
C LYS A 40 -7.95 -4.27 -9.73
N GLU A 41 -7.32 -5.44 -9.82
CA GLU A 41 -8.02 -6.71 -9.63
C GLU A 41 -7.19 -7.77 -8.88
N LYS A 42 -7.89 -8.78 -8.39
CA LYS A 42 -7.35 -9.92 -7.68
C LYS A 42 -6.86 -10.89 -8.76
N VAL A 43 -5.71 -11.50 -8.57
CA VAL A 43 -5.13 -12.42 -9.52
C VAL A 43 -4.67 -13.71 -8.84
N ASP A 44 -4.29 -14.69 -9.66
CA ASP A 44 -3.80 -15.98 -9.20
C ASP A 44 -2.27 -15.92 -9.17
N GLU A 45 -1.66 -16.93 -8.59
CA GLU A 45 -0.23 -17.06 -8.46
C GLU A 45 0.40 -17.38 -9.81
N ASP A 46 -0.38 -17.81 -10.81
CA ASP A 46 0.09 -18.14 -12.15
C ASP A 46 0.08 -16.89 -13.04
N LYS A 47 -0.20 -15.71 -12.47
CA LYS A 47 -0.22 -14.44 -13.19
C LYS A 47 1.04 -13.63 -12.88
N LYS A 48 1.70 -13.94 -11.76
CA LYS A 48 2.93 -13.29 -11.33
C LYS A 48 4.06 -13.83 -12.20
N GLY A 49 5.11 -13.04 -12.41
CA GLY A 49 6.25 -13.49 -13.23
C GLY A 49 7.46 -13.81 -12.37
N LYS A 50 7.64 -13.07 -11.28
CA LYS A 50 8.75 -13.20 -10.35
C LYS A 50 8.51 -12.25 -9.19
N VAL A 51 9.11 -12.54 -8.03
CA VAL A 51 9.04 -11.68 -6.87
C VAL A 51 9.96 -10.51 -7.19
N ILE A 52 9.65 -9.32 -6.67
CA ILE A 52 10.45 -8.12 -6.90
C ILE A 52 10.74 -7.35 -5.61
N GLY A 53 9.90 -7.51 -4.59
CA GLY A 53 10.03 -6.86 -3.29
C GLY A 53 9.03 -7.49 -2.33
N ALA A 54 8.95 -7.04 -1.08
CA ALA A 54 8.02 -7.60 -0.11
C ALA A 54 7.58 -6.61 0.97
N ILE A 55 6.29 -6.31 1.10
CA ILE A 55 5.83 -5.38 2.12
C ILE A 55 5.91 -6.09 3.49
N GLY A 56 5.20 -7.21 3.64
CA GLY A 56 5.17 -7.99 4.89
C GLY A 56 4.76 -7.22 6.15
N GLN A 57 4.31 -5.98 6.07
CA GLN A 57 3.93 -5.17 7.22
C GLN A 57 2.54 -5.56 7.72
N THR A 58 2.16 -5.07 8.90
CA THR A 58 0.86 -5.32 9.50
C THR A 58 0.43 -4.09 10.31
N PHE A 59 -0.81 -3.65 10.14
CA PHE A 59 -1.38 -2.50 10.86
C PHE A 59 -2.86 -2.77 11.17
N PHE A 60 -3.53 -1.87 11.90
CA PHE A 60 -4.95 -2.01 12.26
C PHE A 60 -5.70 -0.67 12.29
N VAL A 61 -7.00 -0.67 11.97
CA VAL A 61 -7.86 0.52 12.01
C VAL A 61 -9.21 0.14 12.61
N ASP A 62 -9.98 1.14 13.00
CA ASP A 62 -11.32 1.01 13.55
C ASP A 62 -12.35 1.21 12.43
N GLY A 63 -13.64 1.31 12.79
CA GLY A 63 -14.71 1.52 11.82
C GLY A 63 -14.66 2.90 11.20
N ASP A 64 -14.03 3.86 11.86
CA ASP A 64 -13.94 5.22 11.37
C ASP A 64 -12.73 5.40 10.45
N GLY A 65 -11.74 4.50 10.54
CA GLY A 65 -10.52 4.51 9.74
C GLY A 65 -9.32 5.14 10.45
N LYS A 66 -9.28 5.18 11.78
CA LYS A 66 -8.18 5.75 12.56
C LYS A 66 -7.15 4.67 12.80
N ARG A 67 -5.87 4.98 12.63
CA ARG A 67 -4.78 4.04 12.87
C ARG A 67 -4.79 3.79 14.37
N TRP A 68 -4.89 2.53 14.78
CA TRP A 68 -4.90 2.18 16.20
C TRP A 68 -3.50 2.43 16.72
N SER A 69 -3.37 3.11 17.84
CA SER A 69 -2.07 3.39 18.43
C SER A 69 -1.57 2.10 19.09
N GLU A 70 -0.25 1.92 19.16
CA GLU A 70 0.37 0.74 19.76
C GLU A 70 -0.05 0.60 21.23
N GLU A 71 -0.33 1.72 21.90
CA GLU A 71 -0.76 1.86 23.28
C GLU A 71 -2.13 1.23 23.49
N GLU A 72 -2.99 1.32 22.47
CA GLU A 72 -4.34 0.75 22.47
C GLU A 72 -4.25 -0.76 22.16
N LEU A 73 -3.32 -1.14 21.28
CA LEU A 73 -3.11 -2.51 20.88
C LEU A 73 -2.59 -3.40 22.02
N LYS A 74 -1.72 -2.87 22.89
CA LYS A 74 -1.14 -3.62 24.00
C LYS A 74 -2.06 -3.78 25.22
N GLU A 75 -3.21 -3.12 25.23
CA GLU A 75 -4.15 -3.19 26.37
C GLU A 75 -4.49 -4.65 26.69
N PRO A 76 -4.86 -4.95 27.95
CA PRO A 76 -5.20 -6.29 28.38
C PRO A 76 -6.62 -6.65 27.97
N TYR A 77 -6.89 -7.95 27.88
CA TYR A 77 -8.19 -8.48 27.52
C TYR A 77 -9.18 -8.09 28.62
N ILE A 78 -10.43 -7.88 28.22
CA ILE A 78 -11.55 -7.48 29.06
C ILE A 78 -12.83 -8.16 28.54
N SER A 79 -13.98 -7.84 29.11
CA SER A 79 -15.26 -8.37 28.73
C SER A 79 -15.58 -7.99 27.29
N ASN A 80 -16.67 -8.55 26.77
CA ASN A 80 -17.13 -8.33 25.39
C ASN A 80 -17.26 -6.86 25.05
N ASN A 81 -17.83 -6.04 25.96
CA ASN A 81 -18.07 -4.59 25.89
C ASN A 81 -18.13 -4.09 24.45
N PRO A 82 -19.09 -4.57 23.65
CA PRO A 82 -19.19 -4.21 22.23
C PRO A 82 -19.60 -2.76 21.95
N ASP A 83 -19.93 -1.98 22.97
CA ASP A 83 -20.33 -0.59 22.79
C ASP A 83 -19.18 0.34 23.18
N GLU A 84 -18.31 -0.11 24.08
CA GLU A 84 -17.15 0.62 24.57
C GLU A 84 -15.94 0.37 23.68
N ILE A 85 -15.54 -0.89 23.47
CA ILE A 85 -14.39 -1.18 22.64
C ILE A 85 -14.75 -0.83 21.19
N ARG A 86 -13.74 -0.71 20.33
CA ARG A 86 -13.94 -0.39 18.92
C ARG A 86 -13.55 -1.59 18.08
N GLU A 87 -14.05 -1.64 16.85
CA GLU A 87 -13.70 -2.73 15.95
C GLU A 87 -12.22 -2.60 15.59
N LYS A 88 -11.60 -3.69 15.16
CA LYS A 88 -10.19 -3.68 14.82
C LYS A 88 -9.95 -4.52 13.60
N LYS A 89 -9.88 -3.86 12.44
CA LYS A 89 -9.68 -4.42 11.12
C LYS A 89 -8.18 -4.62 10.88
N PRO A 90 -7.66 -5.86 10.89
CA PRO A 90 -6.25 -6.11 10.64
C PRO A 90 -5.95 -5.92 9.15
N LEU A 91 -4.73 -5.48 8.85
CA LEU A 91 -4.23 -5.23 7.51
C LEU A 91 -2.87 -5.91 7.43
N ARG A 92 -2.78 -7.13 6.89
CA ARG A 92 -1.59 -7.94 6.75
C ARG A 92 -1.11 -7.88 5.30
N TYR A 93 -0.05 -7.12 5.09
CA TYR A 93 0.52 -6.92 3.78
C TYR A 93 1.48 -8.07 3.49
N GLY A 94 1.47 -8.44 2.24
CA GLY A 94 2.09 -9.43 1.45
C GLY A 94 3.25 -9.00 0.58
N LYS A 95 3.96 -10.01 0.08
CA LYS A 95 5.10 -9.81 -0.79
C LYS A 95 4.63 -9.20 -2.13
N VAL A 96 5.56 -8.72 -2.95
CA VAL A 96 5.25 -8.09 -4.22
C VAL A 96 5.92 -8.86 -5.37
N TYR A 97 5.22 -8.94 -6.50
CA TYR A 97 5.63 -9.63 -7.72
C TYR A 97 5.47 -8.72 -8.93
N SER A 98 6.02 -9.14 -10.06
CA SER A 98 5.95 -8.43 -11.33
C SER A 98 4.81 -9.03 -12.15
N THR A 99 4.25 -8.24 -13.06
CA THR A 99 3.18 -8.70 -13.95
C THR A 99 3.85 -9.11 -15.26
N ASN A 100 3.15 -9.89 -16.07
CA ASN A 100 3.60 -10.38 -17.37
C ASN A 100 3.68 -9.24 -18.39
N GLU A 101 4.68 -8.39 -18.24
CA GLU A 101 4.93 -7.25 -19.12
C GLU A 101 6.00 -7.65 -20.12
N ASP A 102 7.00 -8.39 -19.62
CA ASP A 102 8.16 -8.95 -20.29
C ASP A 102 8.81 -7.97 -21.28
N SER A 103 8.72 -6.69 -20.94
CA SER A 103 9.21 -5.51 -21.63
C SER A 103 9.99 -4.68 -20.62
N ASP A 104 10.38 -3.45 -20.95
CA ASP A 104 11.13 -2.58 -20.03
C ASP A 104 10.16 -1.69 -19.23
N ALA A 105 8.86 -1.71 -19.59
CA ALA A 105 7.73 -0.97 -19.02
C ALA A 105 7.76 -0.87 -17.50
N LYS A 106 7.57 -1.99 -16.79
CA LYS A 106 7.60 -2.03 -15.33
C LYS A 106 6.59 -1.05 -14.72
N ASP A 107 5.34 -1.02 -15.21
CA ASP A 107 4.34 -0.09 -14.66
C ASP A 107 3.37 -0.85 -13.78
N GLU A 108 3.05 -2.11 -14.08
CA GLU A 108 2.12 -2.86 -13.26
C GLU A 108 2.87 -3.97 -12.52
N ILE A 109 2.48 -4.19 -11.27
CA ILE A 109 3.06 -5.18 -10.38
C ILE A 109 1.93 -5.89 -9.63
N ILE A 110 2.21 -6.80 -8.70
CA ILE A 110 1.20 -7.53 -7.95
C ILE A 110 1.55 -7.49 -6.48
N VAL A 111 0.68 -6.91 -5.67
CA VAL A 111 0.80 -6.78 -4.23
C VAL A 111 -0.06 -7.82 -3.57
N GLU A 112 0.43 -8.50 -2.55
CA GLU A 112 -0.34 -9.49 -1.81
C GLU A 112 -0.96 -8.80 -0.57
N PHE A 113 -2.19 -9.18 -0.20
CA PHE A 113 -2.90 -8.64 0.95
C PHE A 113 -3.90 -9.69 1.47
N ASN A 114 -4.02 -9.90 2.79
CA ASN A 114 -4.93 -10.89 3.42
C ASN A 114 -4.75 -12.30 2.80
N ARG A 115 -3.53 -12.70 2.41
CA ARG A 115 -3.22 -14.00 1.79
C ARG A 115 -3.74 -14.13 0.36
N GLU A 116 -3.95 -13.03 -0.37
CA GLU A 116 -4.44 -13.03 -1.74
C GLU A 116 -3.60 -12.05 -2.55
N TYR A 117 -3.33 -12.36 -3.83
CA TYR A 117 -2.54 -11.53 -4.74
C TYR A 117 -3.43 -10.56 -5.51
N TYR A 118 -3.05 -9.29 -5.57
CA TYR A 118 -3.78 -8.23 -6.26
C TYR A 118 -2.90 -7.46 -7.22
N ARG A 119 -3.26 -7.49 -8.50
CA ARG A 119 -2.51 -6.78 -9.52
C ARG A 119 -2.77 -5.29 -9.32
N ALA A 120 -1.68 -4.53 -9.22
CA ALA A 120 -1.70 -3.09 -9.01
C ALA A 120 -1.00 -2.38 -10.19
N VAL A 121 -1.20 -1.07 -10.33
CA VAL A 121 -0.65 -0.23 -11.40
C VAL A 121 -0.02 1.04 -10.89
N LEU A 122 1.02 1.53 -11.55
CA LEU A 122 1.71 2.76 -11.16
C LEU A 122 0.74 3.94 -11.34
N ILE A 123 0.57 4.76 -10.30
CA ILE A 123 -0.36 5.89 -10.35
C ILE A 123 0.39 7.11 -10.85
N LYS A 124 1.58 7.34 -10.27
CA LYS A 124 2.52 8.42 -10.54
C LYS A 124 3.19 8.32 -11.92
N ASN A 125 2.41 7.94 -12.91
CA ASN A 125 2.70 7.75 -14.33
C ASN A 125 1.59 8.42 -15.14
N GLU A 126 0.38 8.49 -14.58
CA GLU A 126 -0.81 9.10 -15.14
C GLU A 126 -1.23 10.26 -14.23
N LYS A 127 -2.31 10.97 -14.59
CA LYS A 127 -2.84 12.08 -13.80
C LYS A 127 -4.34 11.90 -13.68
N GLU A 128 -4.73 10.97 -12.81
CA GLU A 128 -6.11 10.65 -12.52
C GLU A 128 -6.17 10.52 -11.03
N GLY A 1 10.31 40.56 -10.30
CA GLY A 1 11.76 40.69 -10.45
C GLY A 1 12.00 41.58 -11.64
N SER A 2 12.77 41.11 -12.61
CA SER A 2 13.10 41.81 -13.85
C SER A 2 13.12 40.65 -14.84
N THR A 3 14.28 40.30 -15.40
CA THR A 3 14.43 39.19 -16.32
C THR A 3 14.54 37.89 -15.50
N MET A 4 14.41 36.74 -16.18
CA MET A 4 14.50 35.41 -15.60
C MET A 4 15.33 34.55 -16.56
N HIS A 5 15.63 33.32 -16.15
CA HIS A 5 16.39 32.32 -16.90
C HIS A 5 15.62 31.00 -16.85
N PHE A 6 16.14 29.95 -17.47
CA PHE A 6 15.50 28.64 -17.45
C PHE A 6 15.76 28.01 -16.07
N THR A 7 14.91 27.07 -15.69
CA THR A 7 14.97 26.36 -14.42
C THR A 7 14.81 24.86 -14.71
N ASP A 8 14.83 24.03 -13.67
CA ASP A 8 14.72 22.58 -13.80
C ASP A 8 13.36 22.10 -13.29
N ASP A 9 12.91 20.97 -13.82
CA ASP A 9 11.65 20.35 -13.43
C ASP A 9 11.87 19.60 -12.12
N ASN A 10 10.79 19.17 -11.47
CA ASN A 10 10.82 18.43 -10.22
C ASN A 10 10.10 17.10 -10.40
N GLU A 11 10.23 16.22 -9.40
CA GLU A 11 9.61 14.90 -9.41
C GLU A 11 8.11 15.05 -9.10
N ASN A 12 7.38 13.95 -9.13
CA ASN A 12 5.94 13.88 -8.88
C ASN A 12 5.59 12.61 -8.09
N ASP A 13 6.53 12.15 -7.27
CA ASP A 13 6.42 10.95 -6.43
C ASP A 13 5.34 11.11 -5.37
N THR A 14 5.11 10.06 -4.58
CA THR A 14 4.12 10.12 -3.52
C THR A 14 4.81 10.49 -2.20
N SER A 15 6.04 10.00 -2.03
CA SER A 15 6.91 10.21 -0.87
C SER A 15 6.18 9.98 0.47
N GLU A 16 5.18 9.09 0.45
CA GLU A 16 4.35 8.69 1.58
C GLU A 16 4.68 7.24 1.93
N THR A 17 4.20 6.77 3.07
CA THR A 17 4.42 5.42 3.55
C THR A 17 3.08 4.68 3.62
N MET A 18 3.11 3.37 3.83
CA MET A 18 1.90 2.55 3.93
C MET A 18 1.00 3.07 5.05
N GLU A 19 1.55 3.56 6.16
CA GLU A 19 0.76 4.08 7.24
C GLU A 19 -0.04 5.30 6.79
N SER A 20 0.52 6.21 6.00
CA SER A 20 -0.19 7.40 5.54
C SER A 20 -1.41 7.02 4.72
N LEU A 21 -1.33 5.92 3.99
CA LEU A 21 -2.45 5.47 3.18
C LEU A 21 -3.57 5.01 4.08
N ILE A 22 -3.26 4.08 4.97
CA ILE A 22 -4.22 3.50 5.89
C ILE A 22 -4.83 4.59 6.78
N ASP A 23 -3.99 5.49 7.31
CA ASP A 23 -4.35 6.59 8.18
C ASP A 23 -5.45 7.45 7.56
N LYS A 24 -5.45 7.61 6.23
CA LYS A 24 -6.47 8.41 5.55
C LYS A 24 -7.60 7.52 5.03
N GLY A 25 -7.42 6.21 5.00
CA GLY A 25 -8.40 5.26 4.50
C GLY A 25 -8.17 4.91 3.03
N LYS A 26 -6.90 4.76 2.61
CA LYS A 26 -6.53 4.40 1.24
C LYS A 26 -6.25 2.89 1.27
N LEU A 27 -7.29 2.06 1.33
CA LEU A 27 -7.18 0.60 1.37
C LEU A 27 -7.29 -0.04 -0.02
N ASP A 28 -7.30 0.78 -1.08
CA ASP A 28 -7.37 0.36 -2.49
C ASP A 28 -6.06 0.64 -3.24
N GLN A 29 -5.00 1.08 -2.54
CA GLN A 29 -3.69 1.37 -3.11
C GLN A 29 -2.63 1.17 -2.03
N VAL A 30 -1.38 0.90 -2.43
CA VAL A 30 -0.25 0.66 -1.50
C VAL A 30 1.04 1.33 -1.96
N VAL A 31 2.08 1.37 -1.12
CA VAL A 31 3.38 1.92 -1.48
C VAL A 31 4.46 0.86 -1.33
N TYR A 32 5.52 1.01 -2.10
CA TYR A 32 6.70 0.15 -2.11
C TYR A 32 7.75 0.90 -2.91
N ASP A 33 8.98 0.94 -2.39
CA ASP A 33 10.13 1.61 -3.02
C ASP A 33 9.81 3.05 -3.46
N ASP A 34 8.96 3.73 -2.67
CA ASP A 34 8.44 5.11 -2.80
C ASP A 34 7.41 5.29 -3.91
N GLN A 35 6.95 4.17 -4.46
CA GLN A 35 6.02 4.13 -5.55
C GLN A 35 4.64 3.94 -4.98
N LEU A 36 3.64 4.30 -5.77
CA LEU A 36 2.25 4.22 -5.36
C LEU A 36 1.54 3.39 -6.39
N TYR A 37 0.95 2.27 -5.95
CA TYR A 37 0.25 1.38 -6.85
C TYR A 37 -1.22 1.26 -6.50
N HIS A 38 -2.07 1.40 -7.50
CA HIS A 38 -3.52 1.33 -7.43
C HIS A 38 -3.91 -0.11 -7.68
N LEU A 39 -4.67 -0.73 -6.79
CA LEU A 39 -5.12 -2.11 -6.99
C LEU A 39 -6.22 -2.09 -8.05
N LYS A 40 -6.16 -2.95 -9.06
CA LYS A 40 -7.16 -3.00 -10.13
C LYS A 40 -8.02 -4.25 -9.97
N GLU A 41 -7.37 -5.40 -9.93
CA GLU A 41 -8.04 -6.69 -9.81
C GLU A 41 -7.24 -7.69 -8.95
N LYS A 42 -7.81 -8.86 -8.72
CA LYS A 42 -7.25 -9.98 -7.98
C LYS A 42 -6.74 -10.94 -9.06
N VAL A 43 -5.61 -11.58 -8.83
CA VAL A 43 -5.03 -12.52 -9.78
C VAL A 43 -4.57 -13.78 -9.02
N ASP A 44 -4.28 -14.86 -9.75
CA ASP A 44 -3.80 -16.09 -9.13
C ASP A 44 -2.28 -16.02 -9.05
N GLU A 45 -1.68 -16.98 -8.36
CA GLU A 45 -0.25 -17.12 -8.15
C GLU A 45 0.46 -17.55 -9.42
N ASP A 46 -0.25 -18.05 -10.43
CA ASP A 46 0.36 -18.50 -11.68
C ASP A 46 0.44 -17.37 -12.71
N LYS A 47 -0.16 -16.24 -12.37
CA LYS A 47 -0.18 -15.07 -13.23
C LYS A 47 1.11 -14.27 -13.09
N LYS A 48 1.80 -14.38 -11.95
CA LYS A 48 3.06 -13.64 -11.75
C LYS A 48 4.17 -14.11 -12.67
N GLY A 49 5.08 -13.19 -12.99
CA GLY A 49 6.23 -13.49 -13.83
C GLY A 49 7.44 -13.77 -12.94
N LYS A 50 7.59 -13.00 -11.85
CA LYS A 50 8.70 -13.08 -10.89
C LYS A 50 8.45 -12.12 -9.75
N VAL A 51 9.14 -12.30 -8.63
CA VAL A 51 9.06 -11.42 -7.46
C VAL A 51 9.95 -10.23 -7.81
N ILE A 52 9.66 -9.08 -7.21
CA ILE A 52 10.43 -7.86 -7.41
C ILE A 52 10.70 -7.12 -6.10
N GLY A 53 9.91 -7.39 -5.06
CA GLY A 53 10.07 -6.76 -3.75
C GLY A 53 9.04 -7.33 -2.78
N ALA A 54 8.90 -6.75 -1.58
CA ALA A 54 7.95 -7.18 -0.57
C ALA A 54 7.48 -6.04 0.31
N ILE A 55 6.17 -5.97 0.62
CA ILE A 55 5.67 -4.92 1.50
C ILE A 55 5.99 -5.35 2.94
N GLY A 56 5.48 -6.51 3.35
CA GLY A 56 5.66 -7.11 4.67
C GLY A 56 5.37 -6.18 5.85
N GLN A 57 4.17 -5.63 5.95
CA GLN A 57 3.75 -4.72 7.03
C GLN A 57 2.43 -5.20 7.63
N THR A 58 2.16 -4.91 8.90
CA THR A 58 0.96 -5.29 9.63
C THR A 58 0.43 -4.10 10.44
N PHE A 59 -0.83 -3.69 10.22
CA PHE A 59 -1.46 -2.55 10.89
C PHE A 59 -2.93 -2.85 11.20
N PHE A 60 -3.64 -1.93 11.87
CA PHE A 60 -5.05 -2.09 12.21
C PHE A 60 -5.76 -0.74 12.19
N VAL A 61 -7.07 -0.73 11.89
CA VAL A 61 -7.88 0.48 11.89
C VAL A 61 -9.24 0.13 12.50
N ASP A 62 -9.98 1.13 12.94
CA ASP A 62 -11.31 0.99 13.53
C ASP A 62 -12.37 1.16 12.41
N GLY A 63 -13.65 1.21 12.78
CA GLY A 63 -14.74 1.38 11.82
C GLY A 63 -14.78 2.77 11.23
N ASP A 64 -14.20 3.74 11.91
CA ASP A 64 -14.14 5.13 11.44
C ASP A 64 -12.98 5.24 10.44
N GLY A 65 -12.02 4.31 10.52
CA GLY A 65 -10.85 4.21 9.69
C GLY A 65 -9.64 4.88 10.32
N LYS A 66 -9.52 4.92 11.66
CA LYS A 66 -8.38 5.54 12.31
C LYS A 66 -7.34 4.49 12.64
N ARG A 67 -6.06 4.82 12.43
CA ARG A 67 -4.94 3.93 12.71
C ARG A 67 -4.89 3.73 14.22
N TRP A 68 -4.94 2.49 14.67
CA TRP A 68 -4.88 2.18 16.09
C TRP A 68 -3.47 2.44 16.62
N SER A 69 -3.36 3.01 17.82
CA SER A 69 -2.08 3.28 18.47
C SER A 69 -1.62 1.94 19.03
N GLU A 70 -0.31 1.66 18.97
CA GLU A 70 0.21 0.39 19.50
C GLU A 70 -0.01 0.24 21.00
N GLU A 71 -0.13 1.34 21.75
CA GLU A 71 -0.36 1.30 23.19
C GLU A 71 -1.73 0.68 23.44
N GLU A 72 -2.74 1.12 22.68
CA GLU A 72 -4.11 0.61 22.79
C GLU A 72 -4.14 -0.88 22.37
N LEU A 73 -3.19 -1.30 21.53
CA LEU A 73 -3.11 -2.70 21.09
C LEU A 73 -2.46 -3.58 22.17
N LYS A 74 -1.59 -3.05 23.05
CA LYS A 74 -0.90 -3.82 24.09
C LYS A 74 -1.55 -3.74 25.46
N GLU A 75 -2.37 -2.73 25.73
CA GLU A 75 -3.08 -2.58 27.01
C GLU A 75 -4.04 -3.78 27.20
N PRO A 76 -4.63 -4.00 28.39
CA PRO A 76 -5.56 -5.11 28.60
C PRO A 76 -6.90 -4.79 27.92
N TYR A 77 -7.83 -5.75 27.92
CA TYR A 77 -9.15 -5.59 27.31
C TYR A 77 -10.20 -5.74 28.40
N ILE A 78 -11.35 -5.10 28.20
CA ILE A 78 -12.48 -5.09 29.13
C ILE A 78 -13.70 -5.80 28.54
N SER A 79 -14.83 -5.76 29.23
CA SER A 79 -16.10 -6.37 28.84
C SER A 79 -17.20 -5.62 29.59
N ASN A 80 -18.47 -5.79 29.17
CA ASN A 80 -19.67 -5.15 29.75
C ASN A 80 -19.74 -3.64 29.44
N ASN A 81 -18.73 -3.11 28.75
CA ASN A 81 -18.57 -1.72 28.35
C ASN A 81 -18.50 -1.70 26.82
N PRO A 82 -19.65 -1.72 26.12
CA PRO A 82 -19.73 -1.76 24.67
C PRO A 82 -19.48 -0.43 23.95
N ASP A 83 -19.31 0.69 24.67
CA ASP A 83 -19.10 2.00 24.06
C ASP A 83 -17.65 2.42 24.07
N GLU A 84 -16.90 1.98 25.08
CA GLU A 84 -15.48 2.30 25.26
C GLU A 84 -14.61 1.55 24.23
N ILE A 85 -15.03 0.32 23.90
CA ILE A 85 -14.35 -0.55 22.95
C ILE A 85 -14.61 -0.13 21.51
N ARG A 86 -13.66 -0.43 20.62
CA ARG A 86 -13.74 -0.10 19.20
C ARG A 86 -13.37 -1.31 18.36
N GLU A 87 -13.90 -1.42 17.14
CA GLU A 87 -13.60 -2.53 16.25
C GLU A 87 -12.14 -2.45 15.77
N LYS A 88 -11.61 -3.54 15.23
CA LYS A 88 -10.24 -3.65 14.76
C LYS A 88 -10.24 -4.40 13.44
N LYS A 89 -9.61 -3.84 12.43
CA LYS A 89 -9.51 -4.41 11.10
C LYS A 89 -8.03 -4.72 10.82
N PRO A 90 -7.57 -5.96 11.04
CA PRO A 90 -6.19 -6.36 10.82
C PRO A 90 -5.80 -6.43 9.34
N LEU A 91 -4.93 -5.51 8.96
CA LEU A 91 -4.38 -5.38 7.63
C LEU A 91 -3.06 -6.16 7.67
N ARG A 92 -2.78 -7.02 6.68
CA ARG A 92 -1.55 -7.82 6.59
C ARG A 92 -1.07 -7.76 5.15
N TYR A 93 0.03 -7.06 4.88
CA TYR A 93 0.58 -6.95 3.54
C TYR A 93 1.64 -8.03 3.28
N GLY A 94 1.61 -8.47 2.05
CA GLY A 94 2.28 -9.45 1.27
C GLY A 94 3.43 -9.00 0.37
N LYS A 95 4.17 -10.00 -0.12
CA LYS A 95 5.31 -9.77 -1.02
C LYS A 95 4.75 -9.20 -2.35
N VAL A 96 5.61 -8.68 -3.23
CA VAL A 96 5.23 -8.08 -4.51
C VAL A 96 5.86 -8.82 -5.69
N TYR A 97 5.12 -8.89 -6.79
CA TYR A 97 5.47 -9.57 -8.03
C TYR A 97 5.32 -8.66 -9.25
N SER A 98 5.77 -9.12 -10.41
CA SER A 98 5.73 -8.44 -11.70
C SER A 98 4.66 -9.04 -12.60
N THR A 99 4.00 -8.19 -13.39
CA THR A 99 2.97 -8.59 -14.34
C THR A 99 3.64 -8.97 -15.66
N ASN A 100 4.32 -10.11 -15.64
CA ASN A 100 5.06 -10.66 -16.78
C ASN A 100 5.86 -9.57 -17.52
N GLU A 101 6.45 -8.61 -16.79
CA GLU A 101 7.20 -7.52 -17.39
C GLU A 101 8.59 -7.95 -17.80
N ASP A 102 9.45 -8.14 -16.80
CA ASP A 102 10.85 -8.52 -16.90
C ASP A 102 11.63 -7.63 -17.90
N SER A 103 11.09 -6.44 -18.18
CA SER A 103 11.60 -5.44 -19.09
C SER A 103 11.74 -4.13 -18.29
N ASP A 104 12.09 -3.03 -18.96
CA ASP A 104 12.27 -1.73 -18.31
C ASP A 104 10.93 -1.06 -17.97
N ALA A 105 9.83 -1.80 -17.98
CA ALA A 105 8.47 -1.33 -17.69
C ALA A 105 8.28 -0.89 -16.24
N LYS A 106 8.07 -1.83 -15.30
CA LYS A 106 7.84 -1.56 -13.89
C LYS A 106 6.67 -0.58 -13.71
N ASP A 107 5.57 -0.75 -14.46
CA ASP A 107 4.41 0.13 -14.35
C ASP A 107 3.35 -0.63 -13.59
N GLU A 108 3.13 -1.90 -13.93
CA GLU A 108 2.15 -2.73 -13.27
C GLU A 108 2.94 -3.81 -12.55
N ILE A 109 2.44 -4.14 -11.38
CA ILE A 109 3.02 -5.11 -10.46
C ILE A 109 1.88 -5.84 -9.75
N ILE A 110 2.15 -6.74 -8.82
CA ILE A 110 1.11 -7.48 -8.11
C ILE A 110 1.45 -7.46 -6.62
N VAL A 111 0.61 -6.82 -5.83
CA VAL A 111 0.70 -6.65 -4.39
C VAL A 111 -0.09 -7.72 -3.67
N GLU A 112 0.51 -8.44 -2.73
CA GLU A 112 -0.24 -9.43 -1.99
C GLU A 112 -0.80 -8.71 -0.75
N PHE A 113 -2.04 -8.98 -0.37
CA PHE A 113 -2.70 -8.40 0.78
C PHE A 113 -3.71 -9.43 1.27
N ASN A 114 -3.95 -9.55 2.58
CA ASN A 114 -4.90 -10.53 3.14
C ASN A 114 -4.70 -11.92 2.50
N ARG A 115 -3.44 -12.34 2.30
CA ARG A 115 -3.03 -13.62 1.70
C ARG A 115 -3.56 -13.83 0.27
N GLU A 116 -3.82 -12.77 -0.50
CA GLU A 116 -4.32 -12.83 -1.86
C GLU A 116 -3.51 -11.86 -2.71
N TYR A 117 -3.26 -12.18 -3.98
CA TYR A 117 -2.49 -11.34 -4.89
C TYR A 117 -3.40 -10.39 -5.66
N TYR A 118 -3.07 -9.11 -5.66
CA TYR A 118 -3.84 -8.05 -6.33
C TYR A 118 -2.98 -7.33 -7.36
N ARG A 119 -3.34 -7.42 -8.64
CA ARG A 119 -2.60 -6.73 -9.69
C ARG A 119 -2.84 -5.25 -9.46
N ALA A 120 -1.75 -4.52 -9.35
CA ALA A 120 -1.72 -3.10 -9.11
C ALA A 120 -1.02 -2.36 -10.25
N VAL A 121 -1.17 -1.04 -10.32
CA VAL A 121 -0.59 -0.18 -11.34
C VAL A 121 -0.06 1.12 -10.76
N LEU A 122 1.07 1.59 -11.27
CA LEU A 122 1.72 2.81 -10.86
C LEU A 122 0.77 3.98 -11.13
N ILE A 123 0.50 4.82 -10.13
CA ILE A 123 -0.44 5.95 -10.27
C ILE A 123 0.31 7.14 -10.78
N LYS A 124 1.49 7.37 -10.22
CA LYS A 124 2.37 8.46 -10.60
C LYS A 124 2.78 8.41 -12.09
N ASN A 125 2.46 7.31 -12.79
CA ASN A 125 2.75 7.08 -14.20
C ASN A 125 1.73 7.81 -15.08
N GLU A 126 0.62 8.25 -14.51
CA GLU A 126 -0.49 8.97 -15.09
C GLU A 126 -0.76 10.15 -14.14
N LYS A 127 -1.72 11.04 -14.46
CA LYS A 127 -2.00 12.20 -13.61
C LYS A 127 -3.50 12.41 -13.45
N GLU A 128 -4.29 11.35 -13.39
CA GLU A 128 -5.73 11.45 -13.24
C GLU A 128 -6.19 10.26 -12.43
N GLY A 1 -2.73 38.18 -17.57
CA GLY A 1 -2.37 36.89 -16.97
C GLY A 1 -0.88 36.81 -16.72
N SER A 2 -0.43 35.65 -16.21
CA SER A 2 0.95 35.31 -15.90
C SER A 2 1.64 34.83 -17.19
N THR A 3 2.76 34.12 -17.06
CA THR A 3 3.54 33.54 -18.16
C THR A 3 3.97 32.16 -17.66
N MET A 4 4.42 31.27 -18.56
CA MET A 4 4.84 29.91 -18.21
C MET A 4 6.19 29.58 -18.83
N HIS A 5 6.83 28.54 -18.32
CA HIS A 5 8.14 28.04 -18.74
C HIS A 5 8.10 26.53 -18.97
N PHE A 6 9.26 25.96 -19.32
CA PHE A 6 9.43 24.55 -19.58
C PHE A 6 9.62 23.78 -18.26
N THR A 7 10.01 22.51 -18.35
CA THR A 7 10.26 21.62 -17.23
C THR A 7 11.62 20.97 -17.45
N ASP A 8 12.19 20.38 -16.40
CA ASP A 8 13.48 19.69 -16.41
C ASP A 8 13.22 18.22 -16.07
N ASP A 9 14.24 17.38 -16.02
CA ASP A 9 14.12 15.97 -15.70
C ASP A 9 14.10 15.85 -14.16
N ASN A 10 13.10 15.20 -13.57
CA ASN A 10 13.00 15.06 -12.12
C ASN A 10 11.93 14.05 -11.69
N GLU A 11 12.28 13.16 -10.76
CA GLU A 11 11.45 12.14 -10.17
C GLU A 11 10.87 12.84 -8.94
N ASN A 12 9.56 13.00 -8.89
CA ASN A 12 8.81 13.64 -7.81
C ASN A 12 7.63 12.75 -7.50
N ASP A 13 7.97 11.67 -6.81
CA ASP A 13 7.14 10.57 -6.34
C ASP A 13 6.03 11.01 -5.37
N THR A 14 5.22 10.02 -4.96
CA THR A 14 4.09 10.12 -4.05
C THR A 14 4.44 10.85 -2.74
N SER A 15 5.62 10.55 -2.23
CA SER A 15 6.26 11.04 -1.02
C SER A 15 5.37 10.83 0.20
N GLU A 16 4.89 9.59 0.34
CA GLU A 16 4.06 9.12 1.43
C GLU A 16 4.54 7.69 1.72
N THR A 17 4.04 7.06 2.77
CA THR A 17 4.44 5.71 3.14
C THR A 17 3.18 4.87 3.33
N MET A 18 3.34 3.57 3.57
CA MET A 18 2.20 2.69 3.75
C MET A 18 1.28 3.18 4.88
N GLU A 19 1.85 3.67 5.99
CA GLU A 19 1.07 4.15 7.13
C GLU A 19 0.15 5.31 6.69
N SER A 20 0.69 6.28 5.96
CA SER A 20 -0.04 7.46 5.48
C SER A 20 -1.28 7.07 4.69
N LEU A 21 -1.19 6.01 3.90
CA LEU A 21 -2.31 5.55 3.10
C LEU A 21 -3.43 5.12 4.02
N ILE A 22 -3.10 4.21 4.93
CA ILE A 22 -4.06 3.68 5.87
C ILE A 22 -4.65 4.79 6.73
N ASP A 23 -3.82 5.76 7.17
CA ASP A 23 -4.25 6.88 8.01
C ASP A 23 -5.33 7.73 7.34
N LYS A 24 -5.46 7.66 6.01
CA LYS A 24 -6.48 8.40 5.25
C LYS A 24 -7.55 7.44 4.70
N GLY A 25 -7.31 6.14 4.74
CA GLY A 25 -8.21 5.11 4.26
C GLY A 25 -7.92 4.72 2.81
N LYS A 26 -6.66 4.72 2.38
CA LYS A 26 -6.25 4.36 1.03
C LYS A 26 -5.96 2.85 1.01
N LEU A 27 -6.99 2.01 1.15
CA LEU A 27 -6.84 0.55 1.13
C LEU A 27 -6.96 0.00 -0.31
N ASP A 28 -7.12 0.89 -1.30
CA ASP A 28 -7.21 0.51 -2.72
C ASP A 28 -5.85 0.68 -3.40
N GLN A 29 -4.80 1.03 -2.66
CA GLN A 29 -3.46 1.24 -3.18
C GLN A 29 -2.45 0.96 -2.05
N VAL A 30 -1.17 0.87 -2.40
CA VAL A 30 -0.08 0.61 -1.46
C VAL A 30 1.21 1.34 -1.87
N VAL A 31 2.22 1.41 -0.98
CA VAL A 31 3.50 2.01 -1.25
C VAL A 31 4.56 0.92 -1.12
N TYR A 32 5.50 0.85 -2.06
CA TYR A 32 6.60 -0.10 -2.12
C TYR A 32 7.68 0.64 -2.89
N ASP A 33 8.90 0.60 -2.38
CA ASP A 33 10.05 1.23 -3.01
C ASP A 33 9.79 2.70 -3.34
N ASP A 34 9.02 3.37 -2.47
CA ASP A 34 8.61 4.77 -2.56
C ASP A 34 7.72 5.01 -3.80
N GLN A 35 6.98 3.98 -4.19
CA GLN A 35 6.12 4.01 -5.36
C GLN A 35 4.73 3.64 -4.96
N LEU A 36 3.79 4.35 -5.55
CA LEU A 36 2.37 4.22 -5.29
C LEU A 36 1.67 3.48 -6.42
N TYR A 37 1.09 2.31 -6.10
CA TYR A 37 0.38 1.51 -7.08
C TYR A 37 -1.08 1.36 -6.64
N HIS A 38 -1.99 1.48 -7.60
CA HIS A 38 -3.44 1.39 -7.46
C HIS A 38 -3.87 -0.02 -7.76
N LEU A 39 -4.51 -0.67 -6.81
CA LEU A 39 -5.02 -2.03 -6.98
C LEU A 39 -6.20 -1.96 -7.95
N LYS A 40 -6.15 -2.71 -9.06
CA LYS A 40 -7.21 -2.73 -10.05
C LYS A 40 -8.11 -3.94 -9.82
N GLU A 41 -7.49 -5.12 -9.80
CA GLU A 41 -8.21 -6.38 -9.59
C GLU A 41 -7.41 -7.43 -8.81
N LYS A 42 -8.11 -8.46 -8.35
CA LYS A 42 -7.56 -9.61 -7.63
C LYS A 42 -7.14 -10.62 -8.70
N VAL A 43 -5.95 -11.18 -8.59
CA VAL A 43 -5.39 -12.17 -9.51
C VAL A 43 -4.97 -13.42 -8.74
N ASP A 44 -4.46 -14.42 -9.45
CA ASP A 44 -4.01 -15.67 -8.84
C ASP A 44 -2.50 -15.72 -8.73
N GLU A 45 -2.01 -16.74 -8.03
CA GLU A 45 -0.59 -16.98 -7.83
C GLU A 45 0.02 -17.48 -9.13
N ASP A 46 -0.78 -18.05 -10.02
CA ASP A 46 -0.32 -18.57 -11.30
C ASP A 46 -0.04 -17.38 -12.23
N LYS A 47 -0.48 -16.19 -11.84
CA LYS A 47 -0.33 -14.97 -12.61
C LYS A 47 0.94 -14.20 -12.29
N LYS A 48 1.59 -14.48 -11.15
CA LYS A 48 2.81 -13.76 -10.81
C LYS A 48 3.89 -13.99 -11.85
N GLY A 49 4.47 -12.91 -12.37
CA GLY A 49 5.54 -12.99 -13.35
C GLY A 49 6.80 -13.44 -12.65
N LYS A 50 7.21 -12.68 -11.64
CA LYS A 50 8.40 -12.93 -10.84
C LYS A 50 8.33 -12.09 -9.57
N VAL A 51 8.95 -12.51 -8.48
CA VAL A 51 8.98 -11.73 -7.25
C VAL A 51 9.92 -10.57 -7.55
N ILE A 52 9.63 -9.38 -7.00
CA ILE A 52 10.45 -8.18 -7.21
C ILE A 52 10.76 -7.48 -5.89
N GLY A 53 9.90 -7.63 -4.87
CA GLY A 53 10.07 -7.02 -3.55
C GLY A 53 9.03 -7.59 -2.62
N ALA A 54 8.98 -7.16 -1.35
CA ALA A 54 8.01 -7.65 -0.39
C ALA A 54 7.62 -6.56 0.62
N ILE A 55 6.32 -6.27 0.76
CA ILE A 55 5.87 -5.27 1.73
C ILE A 55 5.92 -5.96 3.10
N GLY A 56 5.19 -7.06 3.26
CA GLY A 56 5.13 -7.87 4.48
C GLY A 56 4.72 -7.13 5.76
N GLN A 57 4.31 -5.86 5.69
CA GLN A 57 3.90 -5.07 6.84
C GLN A 57 2.54 -5.51 7.36
N THR A 58 2.17 -5.05 8.56
CA THR A 58 0.89 -5.37 9.19
C THR A 58 0.46 -4.15 10.02
N PHE A 59 -0.82 -3.76 9.93
CA PHE A 59 -1.38 -2.63 10.67
C PHE A 59 -2.84 -2.91 11.00
N PHE A 60 -3.49 -2.03 11.79
CA PHE A 60 -4.89 -2.15 12.19
C PHE A 60 -5.60 -0.80 12.17
N VAL A 61 -6.91 -0.79 11.89
CA VAL A 61 -7.70 0.44 11.90
C VAL A 61 -9.04 0.15 12.57
N ASP A 62 -9.77 1.20 12.97
CA ASP A 62 -11.06 1.08 13.62
C ASP A 62 -12.20 1.27 12.62
N GLY A 63 -13.43 1.31 13.13
CA GLY A 63 -14.63 1.49 12.33
C GLY A 63 -14.64 2.80 11.53
N ASP A 64 -13.85 3.79 11.91
CA ASP A 64 -13.71 5.09 11.26
C ASP A 64 -12.46 5.11 10.36
N GLY A 65 -11.65 4.05 10.38
CA GLY A 65 -10.44 3.91 9.59
C GLY A 65 -9.23 4.60 10.22
N LYS A 66 -9.25 4.83 11.53
CA LYS A 66 -8.18 5.47 12.28
C LYS A 66 -7.11 4.43 12.57
N ARG A 67 -5.83 4.79 12.40
CA ARG A 67 -4.71 3.91 12.66
C ARG A 67 -4.64 3.67 14.16
N TRP A 68 -4.75 2.41 14.59
CA TRP A 68 -4.67 2.11 16.01
C TRP A 68 -3.24 2.37 16.46
N SER A 69 -3.04 3.07 17.58
CA SER A 69 -1.69 3.34 18.06
C SER A 69 -1.18 2.15 18.87
N GLU A 70 0.13 2.03 19.07
CA GLU A 70 0.73 0.94 19.83
C GLU A 70 0.22 0.93 21.28
N GLU A 71 -0.21 2.07 21.80
CA GLU A 71 -0.71 2.20 23.15
C GLU A 71 -2.06 1.50 23.29
N GLU A 72 -2.95 1.64 22.32
CA GLU A 72 -4.27 1.01 22.35
C GLU A 72 -4.15 -0.49 22.06
N LEU A 73 -3.09 -0.89 21.35
CA LEU A 73 -2.85 -2.29 21.01
C LEU A 73 -2.29 -3.08 22.19
N LYS A 74 -1.86 -2.40 23.26
CA LYS A 74 -1.37 -3.07 24.48
C LYS A 74 -2.54 -3.47 25.38
N GLU A 75 -3.73 -2.90 25.13
CA GLU A 75 -4.95 -3.15 25.90
C GLU A 75 -5.51 -4.58 25.69
N PRO A 76 -6.44 -5.06 26.54
CA PRO A 76 -7.01 -6.39 26.44
C PRO A 76 -8.19 -6.45 25.45
N TYR A 77 -8.88 -7.59 25.39
CA TYR A 77 -10.04 -7.78 24.51
C TYR A 77 -11.18 -6.93 25.05
N ILE A 78 -11.55 -7.21 26.29
CA ILE A 78 -12.62 -6.55 27.04
C ILE A 78 -12.20 -6.52 28.52
N SER A 79 -12.94 -5.78 29.33
CA SER A 79 -12.73 -5.65 30.77
C SER A 79 -14.08 -5.29 31.39
N ASN A 80 -14.34 -3.99 31.58
CA ASN A 80 -15.59 -3.49 32.17
C ASN A 80 -16.58 -2.98 31.13
N ASN A 81 -16.20 -2.82 29.86
CA ASN A 81 -17.10 -2.34 28.83
C ASN A 81 -16.87 -3.13 27.54
N PRO A 82 -17.60 -4.22 27.30
CA PRO A 82 -17.44 -5.06 26.12
C PRO A 82 -18.12 -4.52 24.84
N ASP A 83 -19.02 -3.53 24.96
CA ASP A 83 -19.75 -2.97 23.83
C ASP A 83 -19.35 -1.54 23.46
N GLU A 84 -18.51 -0.90 24.29
CA GLU A 84 -18.05 0.48 24.03
C GLU A 84 -16.71 0.48 23.27
N ILE A 85 -16.06 -0.67 23.13
CA ILE A 85 -14.77 -0.82 22.46
C ILE A 85 -14.89 -0.56 20.96
N ARG A 86 -13.79 -0.19 20.32
CA ARG A 86 -13.76 0.06 18.87
C ARG A 86 -13.33 -1.22 18.14
N GLU A 87 -13.76 -1.39 16.88
CA GLU A 87 -13.38 -2.57 16.12
C GLU A 87 -11.90 -2.49 15.73
N LYS A 88 -11.31 -3.63 15.34
CA LYS A 88 -9.91 -3.72 14.95
C LYS A 88 -9.82 -4.47 13.62
N LYS A 89 -9.72 -3.76 12.50
CA LYS A 89 -9.63 -4.29 11.15
C LYS A 89 -8.15 -4.58 10.83
N PRO A 90 -7.71 -5.84 10.76
CA PRO A 90 -6.32 -6.17 10.43
C PRO A 90 -6.04 -5.90 8.95
N LEU A 91 -4.83 -5.47 8.63
CA LEU A 91 -4.36 -5.15 7.29
C LEU A 91 -3.02 -5.86 7.17
N ARG A 92 -3.00 -7.06 6.57
CA ARG A 92 -1.82 -7.89 6.40
C ARG A 92 -1.29 -7.79 4.98
N TYR A 93 -0.18 -7.09 4.80
CA TYR A 93 0.46 -6.91 3.51
C TYR A 93 1.37 -8.09 3.24
N GLY A 94 1.45 -8.43 1.96
CA GLY A 94 2.09 -9.46 1.24
C GLY A 94 3.26 -9.07 0.35
N LYS A 95 3.99 -10.09 -0.11
CA LYS A 95 5.13 -9.91 -0.99
C LYS A 95 4.61 -9.34 -2.33
N VAL A 96 5.50 -8.79 -3.15
CA VAL A 96 5.17 -8.16 -4.43
C VAL A 96 5.82 -8.93 -5.59
N TYR A 97 5.11 -9.00 -6.72
CA TYR A 97 5.50 -9.68 -7.94
C TYR A 97 5.30 -8.74 -9.12
N SER A 98 5.82 -9.07 -10.30
CA SER A 98 5.64 -8.26 -11.51
C SER A 98 4.55 -8.94 -12.35
N THR A 99 4.10 -8.25 -13.39
CA THR A 99 3.08 -8.71 -14.33
C THR A 99 3.75 -9.35 -15.55
N ASN A 100 2.99 -9.71 -16.59
CA ASN A 100 3.49 -10.33 -17.83
C ASN A 100 4.10 -9.24 -18.72
N GLU A 101 5.03 -8.47 -18.18
CA GLU A 101 5.72 -7.36 -18.84
C GLU A 101 6.92 -7.86 -19.64
N ASP A 102 7.91 -8.27 -18.88
CA ASP A 102 9.23 -8.78 -19.14
C ASP A 102 10.17 -7.71 -19.69
N SER A 103 9.67 -6.50 -19.91
CA SER A 103 10.42 -5.35 -20.38
C SER A 103 11.00 -4.66 -19.14
N ASP A 104 11.31 -3.38 -19.21
CA ASP A 104 11.86 -2.62 -18.09
C ASP A 104 10.82 -1.62 -17.51
N ALA A 105 9.61 -1.57 -18.09
CA ALA A 105 8.51 -0.69 -17.71
C ALA A 105 8.28 -0.52 -16.21
N LYS A 106 7.94 -1.58 -15.47
CA LYS A 106 7.65 -1.53 -14.03
C LYS A 106 6.47 -0.59 -13.74
N ASP A 107 5.55 -0.37 -14.68
CA ASP A 107 4.43 0.54 -14.40
C ASP A 107 3.30 -0.23 -13.74
N GLU A 108 3.33 -1.56 -13.75
CA GLU A 108 2.31 -2.39 -13.16
C GLU A 108 3.01 -3.58 -12.55
N ILE A 109 2.51 -3.99 -11.40
CA ILE A 109 3.04 -5.09 -10.60
C ILE A 109 1.87 -5.76 -9.85
N ILE A 110 2.12 -6.75 -9.00
CA ILE A 110 1.11 -7.47 -8.24
C ILE A 110 1.46 -7.45 -6.76
N VAL A 111 0.62 -6.83 -5.95
CA VAL A 111 0.76 -6.68 -4.50
C VAL A 111 -0.14 -7.69 -3.79
N GLU A 112 0.40 -8.45 -2.83
CA GLU A 112 -0.41 -9.40 -2.09
C GLU A 112 -0.98 -8.70 -0.86
N PHE A 113 -2.23 -9.01 -0.52
CA PHE A 113 -2.93 -8.47 0.62
C PHE A 113 -3.92 -9.52 1.09
N ASN A 114 -4.16 -9.61 2.40
CA ASN A 114 -5.09 -10.59 2.98
C ASN A 114 -4.92 -12.00 2.38
N ARG A 115 -3.68 -12.45 2.18
CA ARG A 115 -3.35 -13.78 1.61
C ARG A 115 -3.83 -14.00 0.17
N GLU A 116 -4.07 -12.94 -0.61
CA GLU A 116 -4.51 -13.00 -2.00
C GLU A 116 -3.67 -11.99 -2.78
N TYR A 117 -3.45 -12.22 -4.07
CA TYR A 117 -2.64 -11.34 -4.92
C TYR A 117 -3.54 -10.35 -5.65
N TYR A 118 -3.13 -9.08 -5.73
CA TYR A 118 -3.90 -8.02 -6.39
C TYR A 118 -3.02 -7.27 -7.38
N ARG A 119 -3.46 -7.19 -8.65
CA ARG A 119 -2.72 -6.48 -9.67
C ARG A 119 -2.84 -5.00 -9.36
N ALA A 120 -1.72 -4.29 -9.43
CA ALA A 120 -1.66 -2.87 -9.16
C ALA A 120 -0.94 -2.11 -10.27
N VAL A 121 -1.17 -0.80 -10.38
CA VAL A 121 -0.59 0.08 -11.41
C VAL A 121 -0.07 1.37 -10.83
N LEU A 122 1.08 1.84 -11.30
CA LEU A 122 1.78 3.05 -10.91
C LEU A 122 0.82 4.22 -11.12
N ILE A 123 0.52 4.96 -10.06
CA ILE A 123 -0.42 6.07 -10.06
C ILE A 123 0.28 7.34 -10.51
N LYS A 124 1.44 7.56 -9.91
CA LYS A 124 2.31 8.70 -10.14
C LYS A 124 2.86 8.78 -11.57
N ASN A 125 2.60 7.77 -12.40
CA ASN A 125 3.03 7.69 -13.79
C ASN A 125 1.83 8.05 -14.65
N GLU A 126 0.69 7.37 -14.41
CA GLU A 126 -0.53 7.64 -15.13
C GLU A 126 -1.13 8.94 -14.62
N LYS A 127 -2.31 9.31 -15.13
CA LYS A 127 -3.00 10.53 -14.73
C LYS A 127 -4.44 10.25 -14.32
N GLU A 128 -4.75 9.00 -13.97
CA GLU A 128 -6.07 8.59 -13.52
C GLU A 128 -6.15 8.82 -12.02
N GLY A 1 3.13 41.57 -7.18
CA GLY A 1 4.20 41.88 -8.15
C GLY A 1 4.23 40.79 -9.19
N SER A 2 5.35 40.59 -9.86
CA SER A 2 5.55 39.58 -10.89
C SER A 2 7.05 39.28 -10.96
N THR A 3 7.43 38.22 -11.64
CA THR A 3 8.80 37.76 -11.83
C THR A 3 8.86 37.08 -13.21
N MET A 4 10.06 36.85 -13.74
CA MET A 4 10.27 36.21 -15.02
C MET A 4 11.57 35.42 -14.93
N HIS A 5 11.55 34.34 -14.16
CA HIS A 5 12.68 33.45 -13.93
C HIS A 5 12.24 32.01 -14.14
N PHE A 6 13.17 31.07 -14.13
CA PHE A 6 12.87 29.65 -14.32
C PHE A 6 13.22 28.87 -13.05
N THR A 7 12.72 27.65 -12.95
CA THR A 7 12.93 26.75 -11.82
C THR A 7 13.57 25.44 -12.29
N ASP A 8 14.01 24.63 -11.34
CA ASP A 8 14.67 23.36 -11.55
C ASP A 8 13.67 22.21 -11.40
N ASP A 9 14.06 20.99 -11.74
CA ASP A 9 13.19 19.82 -11.63
C ASP A 9 13.05 19.50 -10.13
N ASN A 10 12.00 18.77 -9.74
CA ASN A 10 11.75 18.35 -8.37
C ASN A 10 11.38 16.86 -8.36
N GLU A 11 11.20 16.30 -7.15
CA GLU A 11 10.85 14.93 -6.83
C GLU A 11 9.68 14.41 -7.68
N ASN A 12 9.59 13.08 -7.82
CA ASN A 12 8.52 12.45 -8.59
C ASN A 12 7.88 11.28 -7.83
N ASP A 13 8.30 11.06 -6.59
CA ASP A 13 7.78 10.01 -5.71
C ASP A 13 6.38 10.38 -5.23
N THR A 14 5.75 9.53 -4.44
CA THR A 14 4.39 9.76 -3.91
C THR A 14 4.38 10.63 -2.66
N SER A 15 5.53 10.73 -2.02
CA SER A 15 5.84 11.48 -0.81
C SER A 15 5.09 10.93 0.40
N GLU A 16 4.78 9.64 0.41
CA GLU A 16 4.08 8.98 1.49
C GLU A 16 4.53 7.54 1.54
N THR A 17 4.22 6.84 2.64
CA THR A 17 4.57 5.45 2.87
C THR A 17 3.26 4.68 3.09
N MET A 18 3.35 3.35 3.28
CA MET A 18 2.19 2.53 3.49
C MET A 18 1.32 3.03 4.65
N GLU A 19 1.94 3.52 5.72
CA GLU A 19 1.25 4.04 6.89
C GLU A 19 0.32 5.18 6.51
N SER A 20 0.85 6.18 5.81
CA SER A 20 0.17 7.39 5.38
C SER A 20 -1.10 7.10 4.61
N LEU A 21 -1.12 5.98 3.90
CA LEU A 21 -2.27 5.57 3.14
C LEU A 21 -3.36 5.15 4.11
N ILE A 22 -3.04 4.22 5.00
CA ILE A 22 -3.99 3.71 5.97
C ILE A 22 -4.43 4.83 6.92
N ASP A 23 -3.54 5.73 7.29
CA ASP A 23 -3.80 6.87 8.19
C ASP A 23 -4.89 7.77 7.61
N LYS A 24 -5.17 7.69 6.29
CA LYS A 24 -6.23 8.46 5.65
C LYS A 24 -7.36 7.55 5.18
N GLY A 25 -7.15 6.23 5.13
CA GLY A 25 -8.14 5.25 4.69
C GLY A 25 -7.95 4.82 3.24
N LYS A 26 -6.75 4.97 2.67
CA LYS A 26 -6.46 4.57 1.28
C LYS A 26 -6.19 3.07 1.27
N LEU A 27 -7.23 2.23 1.45
CA LEU A 27 -7.09 0.77 1.44
C LEU A 27 -7.19 0.20 0.02
N ASP A 28 -7.26 1.05 -0.99
CA ASP A 28 -7.38 0.63 -2.39
C ASP A 28 -6.07 0.87 -3.15
N GLN A 29 -4.98 1.19 -2.43
CA GLN A 29 -3.65 1.41 -2.99
C GLN A 29 -2.60 1.11 -1.92
N VAL A 30 -1.34 0.97 -2.33
CA VAL A 30 -0.20 0.67 -1.44
C VAL A 30 1.08 1.38 -1.91
N VAL A 31 2.12 1.46 -1.07
CA VAL A 31 3.40 2.06 -1.41
C VAL A 31 4.46 0.96 -1.27
N TYR A 32 5.46 0.94 -2.15
CA TYR A 32 6.57 0.00 -2.13
C TYR A 32 7.67 0.68 -2.92
N ASP A 33 8.92 0.54 -2.46
CA ASP A 33 10.10 1.11 -3.09
C ASP A 33 9.96 2.60 -3.37
N ASP A 34 9.24 3.34 -2.49
CA ASP A 34 8.99 4.79 -2.58
C ASP A 34 8.05 5.13 -3.76
N GLN A 35 7.19 4.19 -4.14
CA GLN A 35 6.27 4.31 -5.26
C GLN A 35 4.89 3.94 -4.82
N LEU A 36 3.89 4.46 -5.51
CA LEU A 36 2.49 4.26 -5.19
C LEU A 36 1.77 3.51 -6.28
N TYR A 37 1.08 2.45 -5.89
CA TYR A 37 0.33 1.62 -6.82
C TYR A 37 -1.12 1.51 -6.41
N HIS A 38 -2.00 1.64 -7.38
CA HIS A 38 -3.45 1.56 -7.27
C HIS A 38 -3.86 0.14 -7.52
N LEU A 39 -4.69 -0.42 -6.67
CA LEU A 39 -5.16 -1.79 -6.88
C LEU A 39 -6.22 -1.76 -7.99
N LYS A 40 -6.13 -2.68 -8.95
CA LYS A 40 -7.07 -2.76 -10.07
C LYS A 40 -7.92 -3.98 -9.93
N GLU A 41 -7.27 -5.15 -9.94
CA GLU A 41 -8.02 -6.40 -9.79
C GLU A 41 -7.20 -7.48 -9.09
N LYS A 42 -7.89 -8.54 -8.68
CA LYS A 42 -7.31 -9.69 -8.00
C LYS A 42 -6.84 -10.65 -9.07
N VAL A 43 -5.75 -11.35 -8.80
CA VAL A 43 -5.14 -12.32 -9.69
C VAL A 43 -4.71 -13.53 -8.85
N ASP A 44 -4.23 -14.58 -9.52
CA ASP A 44 -3.79 -15.81 -8.87
C ASP A 44 -2.27 -15.91 -8.78
N GLU A 45 -1.76 -16.89 -8.03
CA GLU A 45 -0.33 -17.12 -7.86
C GLU A 45 0.30 -17.66 -9.13
N ASP A 46 -0.51 -18.08 -10.09
CA ASP A 46 -0.05 -18.57 -11.37
C ASP A 46 0.09 -17.39 -12.33
N LYS A 47 -0.35 -16.17 -11.95
CA LYS A 47 -0.31 -14.98 -12.80
C LYS A 47 0.91 -14.12 -12.59
N LYS A 48 1.60 -14.29 -11.46
CA LYS A 48 2.82 -13.52 -11.17
C LYS A 48 3.90 -13.88 -12.19
N GLY A 49 4.76 -12.92 -12.52
CA GLY A 49 5.83 -13.08 -13.49
C GLY A 49 7.21 -13.30 -12.87
N LYS A 50 7.41 -12.97 -11.59
CA LYS A 50 8.63 -13.07 -10.77
C LYS A 50 8.50 -12.15 -9.56
N VAL A 51 9.22 -12.41 -8.46
CA VAL A 51 9.19 -11.55 -7.28
C VAL A 51 10.08 -10.35 -7.61
N ILE A 52 9.82 -9.21 -6.98
CA ILE A 52 10.59 -7.98 -7.17
C ILE A 52 10.87 -7.30 -5.82
N GLY A 53 10.01 -7.52 -4.82
CA GLY A 53 10.17 -6.94 -3.50
C GLY A 53 9.06 -7.45 -2.60
N ALA A 54 8.92 -6.92 -1.39
CA ALA A 54 7.91 -7.32 -0.43
C ALA A 54 7.48 -6.16 0.46
N ILE A 55 6.16 -6.03 0.70
CA ILE A 55 5.64 -5.00 1.59
C ILE A 55 5.85 -5.54 3.01
N GLY A 56 5.27 -6.72 3.30
CA GLY A 56 5.35 -7.44 4.56
C GLY A 56 4.82 -6.74 5.82
N GLN A 57 4.32 -5.51 5.74
CA GLN A 57 3.83 -4.75 6.88
C GLN A 57 2.50 -5.32 7.40
N THR A 58 2.12 -4.93 8.62
CA THR A 58 0.87 -5.33 9.27
C THR A 58 0.39 -4.16 10.11
N PHE A 59 -0.88 -3.77 9.97
CA PHE A 59 -1.48 -2.67 10.72
C PHE A 59 -2.95 -3.01 11.03
N PHE A 60 -3.65 -2.18 11.81
CA PHE A 60 -5.07 -2.36 12.18
C PHE A 60 -5.83 -1.02 12.18
N VAL A 61 -7.11 -1.02 11.82
CA VAL A 61 -7.91 0.21 11.85
C VAL A 61 -9.24 -0.05 12.52
N ASP A 62 -9.91 1.03 12.91
CA ASP A 62 -11.21 1.03 13.56
C ASP A 62 -12.30 1.33 12.55
N GLY A 63 -13.53 1.49 13.04
CA GLY A 63 -14.68 1.78 12.21
C GLY A 63 -14.63 3.12 11.54
N ASP A 64 -13.86 4.06 12.08
CA ASP A 64 -13.72 5.37 11.46
C ASP A 64 -12.62 5.28 10.39
N GLY A 65 -11.78 4.26 10.51
CA GLY A 65 -10.68 3.92 9.64
C GLY A 65 -9.39 4.59 10.10
N LYS A 66 -9.23 4.81 11.41
CA LYS A 66 -8.04 5.42 11.98
C LYS A 66 -7.05 4.31 12.26
N ARG A 67 -5.76 4.63 12.32
CA ARG A 67 -4.68 3.70 12.59
C ARG A 67 -4.64 3.44 14.09
N TRP A 68 -4.87 2.20 14.53
CA TRP A 68 -4.81 1.88 15.96
C TRP A 68 -3.38 2.14 16.44
N SER A 69 -3.22 2.92 17.51
CA SER A 69 -1.90 3.21 18.05
C SER A 69 -1.41 1.96 18.80
N GLU A 70 -0.10 1.73 18.88
CA GLU A 70 0.46 0.58 19.60
C GLU A 70 0.05 0.60 21.08
N GLU A 71 -0.23 1.79 21.60
CA GLU A 71 -0.66 2.11 22.95
C GLU A 71 -2.03 1.46 23.21
N GLU A 72 -2.90 1.47 22.21
CA GLU A 72 -4.23 0.87 22.26
C GLU A 72 -4.09 -0.64 22.07
N LEU A 73 -3.10 -1.08 21.28
CA LEU A 73 -2.83 -2.47 20.97
C LEU A 73 -2.10 -3.21 22.10
N LYS A 74 -1.48 -2.51 23.06
CA LYS A 74 -0.77 -3.11 24.19
C LYS A 74 -1.63 -3.17 25.44
N GLU A 75 -2.84 -2.60 25.40
CA GLU A 75 -3.82 -2.54 26.48
C GLU A 75 -4.05 -3.87 27.23
N PRO A 76 -4.69 -3.79 28.41
CA PRO A 76 -5.01 -4.94 29.23
C PRO A 76 -6.21 -5.69 28.62
N TYR A 77 -6.64 -6.75 29.30
CA TYR A 77 -7.78 -7.54 28.86
C TYR A 77 -9.07 -6.73 28.94
N ILE A 78 -10.06 -7.21 28.20
CA ILE A 78 -11.37 -6.60 28.08
C ILE A 78 -12.45 -7.48 28.69
N SER A 79 -13.66 -6.93 28.75
CA SER A 79 -14.87 -7.56 29.26
C SER A 79 -15.34 -8.74 28.40
N ASN A 80 -14.65 -9.05 27.29
CA ASN A 80 -14.98 -10.10 26.32
C ASN A 80 -16.38 -9.82 25.77
N ASN A 81 -16.63 -8.53 25.58
CA ASN A 81 -17.84 -7.90 25.09
C ASN A 81 -17.40 -7.17 23.82
N PRO A 82 -17.66 -7.73 22.65
CA PRO A 82 -17.29 -7.15 21.38
C PRO A 82 -18.12 -5.92 21.00
N ASP A 83 -19.11 -5.54 21.82
CA ASP A 83 -19.97 -4.40 21.51
C ASP A 83 -19.44 -3.11 22.12
N GLU A 84 -18.93 -3.16 23.35
CA GLU A 84 -18.41 -1.96 24.02
C GLU A 84 -17.12 -1.45 23.38
N ILE A 85 -16.22 -2.36 23.07
CA ILE A 85 -14.93 -2.09 22.46
C ILE A 85 -15.07 -1.55 21.03
N ARG A 86 -13.96 -1.03 20.48
CA ARG A 86 -13.95 -0.50 19.13
C ARG A 86 -13.60 -1.66 18.20
N GLU A 87 -14.03 -1.62 16.95
CA GLU A 87 -13.73 -2.66 15.97
C GLU A 87 -12.25 -2.61 15.59
N LYS A 88 -11.70 -3.73 15.13
CA LYS A 88 -10.30 -3.84 14.74
C LYS A 88 -10.20 -4.66 13.48
N LYS A 89 -9.95 -3.99 12.35
CA LYS A 89 -9.82 -4.55 11.02
C LYS A 89 -8.34 -4.79 10.74
N PRO A 90 -7.84 -6.03 10.81
CA PRO A 90 -6.44 -6.33 10.54
C PRO A 90 -6.15 -6.17 9.05
N LEU A 91 -4.98 -5.60 8.74
CA LEU A 91 -4.47 -5.33 7.40
C LEU A 91 -3.12 -6.02 7.35
N ARG A 92 -3.01 -7.16 6.66
CA ARG A 92 -1.75 -7.91 6.54
C ARG A 92 -1.28 -7.83 5.12
N TYR A 93 -0.10 -7.26 4.90
CA TYR A 93 0.48 -7.12 3.59
C TYR A 93 1.41 -8.28 3.28
N GLY A 94 1.44 -8.60 2.00
CA GLY A 94 2.11 -9.61 1.26
C GLY A 94 3.28 -9.15 0.42
N LYS A 95 4.06 -10.13 -0.03
CA LYS A 95 5.20 -9.85 -0.89
C LYS A 95 4.67 -9.31 -2.24
N VAL A 96 5.56 -8.78 -3.08
CA VAL A 96 5.21 -8.18 -4.37
C VAL A 96 5.88 -8.93 -5.51
N TYR A 97 5.20 -8.99 -6.65
CA TYR A 97 5.60 -9.66 -7.86
C TYR A 97 5.43 -8.73 -9.07
N SER A 98 6.00 -9.13 -10.19
CA SER A 98 5.98 -8.45 -11.47
C SER A 98 4.84 -9.05 -12.28
N THR A 99 4.44 -8.34 -13.33
CA THR A 99 3.40 -8.66 -14.29
C THR A 99 4.01 -9.35 -15.52
N ASN A 100 3.18 -9.75 -16.48
CA ASN A 100 3.58 -10.43 -17.73
C ASN A 100 4.31 -9.54 -18.74
N GLU A 101 4.62 -8.29 -18.40
CA GLU A 101 5.29 -7.37 -19.32
C GLU A 101 6.62 -7.85 -19.85
N ASP A 102 7.38 -8.55 -19.00
CA ASP A 102 8.72 -9.08 -19.30
C ASP A 102 9.66 -7.98 -19.81
N SER A 103 9.37 -6.70 -19.50
CA SER A 103 10.08 -5.49 -19.86
C SER A 103 10.39 -4.69 -18.60
N ASP A 104 11.23 -3.66 -18.76
CA ASP A 104 11.67 -2.77 -17.69
C ASP A 104 10.59 -1.82 -17.17
N ALA A 105 9.50 -1.65 -17.94
CA ALA A 105 8.37 -0.80 -17.64
C ALA A 105 8.00 -0.78 -16.15
N LYS A 106 7.60 -1.94 -15.60
CA LYS A 106 7.21 -2.10 -14.19
C LYS A 106 6.19 -1.03 -13.75
N ASP A 107 5.38 -0.50 -14.67
CA ASP A 107 4.39 0.51 -14.28
C ASP A 107 3.22 -0.20 -13.62
N GLU A 108 3.21 -1.52 -13.66
CA GLU A 108 2.21 -2.38 -13.09
C GLU A 108 3.03 -3.50 -12.46
N ILE A 109 2.55 -3.94 -11.32
CA ILE A 109 3.12 -4.99 -10.48
C ILE A 109 1.96 -5.70 -9.77
N ILE A 110 2.22 -6.69 -8.91
CA ILE A 110 1.19 -7.43 -8.20
C ILE A 110 1.52 -7.46 -6.71
N VAL A 111 0.69 -6.82 -5.89
CA VAL A 111 0.78 -6.68 -4.45
C VAL A 111 -0.09 -7.74 -3.75
N GLU A 112 0.47 -8.47 -2.80
CA GLU A 112 -0.35 -9.43 -2.06
C GLU A 112 -0.91 -8.71 -0.83
N PHE A 113 -2.16 -9.00 -0.46
CA PHE A 113 -2.84 -8.43 0.70
C PHE A 113 -3.88 -9.43 1.18
N ASN A 114 -4.12 -9.53 2.49
CA ASN A 114 -5.10 -10.45 3.07
C ASN A 114 -5.00 -11.86 2.46
N ARG A 115 -3.77 -12.35 2.21
CA ARG A 115 -3.45 -13.65 1.64
C ARG A 115 -3.84 -13.82 0.17
N GLU A 116 -4.15 -12.77 -0.57
CA GLU A 116 -4.55 -12.81 -1.97
C GLU A 116 -3.67 -11.86 -2.77
N TYR A 117 -3.49 -12.14 -4.05
CA TYR A 117 -2.66 -11.35 -4.95
C TYR A 117 -3.51 -10.35 -5.73
N TYR A 118 -3.09 -9.09 -5.78
CA TYR A 118 -3.81 -8.02 -6.48
C TYR A 118 -2.91 -7.26 -7.44
N ARG A 119 -3.28 -7.21 -8.71
CA ARG A 119 -2.54 -6.49 -9.74
C ARG A 119 -2.77 -5.02 -9.45
N ALA A 120 -1.68 -4.29 -9.27
CA ALA A 120 -1.67 -2.88 -8.98
C ALA A 120 -0.96 -2.12 -10.11
N VAL A 121 -1.15 -0.80 -10.17
CA VAL A 121 -0.57 0.05 -11.19
C VAL A 121 -0.10 1.38 -10.64
N LEU A 122 1.04 1.85 -11.14
CA LEU A 122 1.67 3.10 -10.79
C LEU A 122 0.66 4.19 -11.16
N ILE A 123 0.35 5.08 -10.21
CA ILE A 123 -0.67 6.11 -10.39
C ILE A 123 -0.09 7.29 -11.13
N LYS A 124 1.10 7.67 -10.72
CA LYS A 124 1.91 8.75 -11.26
C LYS A 124 2.39 8.50 -12.70
N ASN A 125 1.93 7.43 -13.32
CA ASN A 125 2.24 7.01 -14.68
C ASN A 125 1.07 7.29 -15.60
N GLU A 126 -0.13 7.33 -15.04
CA GLU A 126 -1.38 7.61 -15.72
C GLU A 126 -1.82 9.02 -15.29
N LYS A 127 -2.99 9.47 -15.74
CA LYS A 127 -3.52 10.81 -15.43
C LYS A 127 -4.99 10.69 -15.02
N GLU A 128 -5.36 9.53 -14.50
CA GLU A 128 -6.69 9.18 -14.08
C GLU A 128 -6.81 9.33 -12.58
N GLY A 1 10.06 36.72 -33.81
CA GLY A 1 10.33 35.31 -34.12
C GLY A 1 9.90 34.46 -32.92
N SER A 2 10.40 33.24 -32.84
CA SER A 2 10.12 32.32 -31.74
C SER A 2 11.00 32.70 -30.54
N THR A 3 11.07 31.83 -29.52
CA THR A 3 11.85 32.01 -28.31
C THR A 3 12.44 30.61 -27.99
N MET A 4 13.39 30.52 -27.05
CA MET A 4 14.04 29.28 -26.65
C MET A 4 14.10 29.24 -25.13
N HIS A 5 13.72 28.12 -24.54
CA HIS A 5 13.70 27.86 -23.10
C HIS A 5 13.68 26.32 -22.95
N PHE A 6 14.14 25.83 -21.81
CA PHE A 6 14.20 24.41 -21.46
C PHE A 6 14.16 24.33 -19.93
N THR A 7 13.81 23.17 -19.38
CA THR A 7 13.73 22.92 -17.95
C THR A 7 14.69 21.78 -17.59
N ASP A 8 14.65 21.30 -16.36
CA ASP A 8 15.46 20.20 -15.84
C ASP A 8 14.51 19.23 -15.17
N ASP A 9 14.77 17.94 -15.31
CA ASP A 9 13.92 16.89 -14.74
C ASP A 9 14.51 16.46 -13.40
N ASN A 10 13.64 16.09 -12.47
CA ASN A 10 14.01 15.64 -11.14
C ASN A 10 12.96 14.64 -10.64
N GLU A 11 13.21 14.03 -9.48
CA GLU A 11 12.31 13.08 -8.84
C GLU A 11 10.91 13.69 -8.72
N ASN A 12 9.90 12.85 -8.85
CA ASN A 12 8.49 13.18 -8.81
C ASN A 12 7.84 11.87 -8.41
N ASP A 13 7.64 11.71 -7.11
CA ASP A 13 7.06 10.49 -6.55
C ASP A 13 6.07 10.85 -5.47
N THR A 14 5.38 9.85 -4.92
CA THR A 14 4.39 10.06 -3.87
C THR A 14 5.07 10.62 -2.63
N SER A 15 6.23 10.04 -2.31
CA SER A 15 7.06 10.38 -1.18
C SER A 15 6.27 10.31 0.13
N GLU A 16 5.52 9.22 0.26
CA GLU A 16 4.68 8.90 1.40
C GLU A 16 4.98 7.45 1.75
N THR A 17 4.42 6.97 2.85
CA THR A 17 4.62 5.62 3.32
C THR A 17 3.28 4.87 3.40
N MET A 18 3.31 3.58 3.66
CA MET A 18 2.11 2.77 3.75
C MET A 18 1.18 3.29 4.85
N GLU A 19 1.76 3.76 5.95
CA GLU A 19 1.03 4.27 7.09
C GLU A 19 0.11 5.41 6.66
N SER A 20 0.64 6.40 5.95
CA SER A 20 -0.06 7.58 5.45
C SER A 20 -1.27 7.23 4.62
N LEU A 21 -1.22 6.10 3.92
CA LEU A 21 -2.33 5.68 3.10
C LEU A 21 -3.47 5.26 4.01
N ILE A 22 -3.19 4.33 4.93
CA ILE A 22 -4.18 3.81 5.86
C ILE A 22 -4.76 4.96 6.65
N ASP A 23 -3.91 5.85 7.16
CA ASP A 23 -4.23 7.02 7.97
C ASP A 23 -5.24 7.95 7.28
N LYS A 24 -5.44 7.84 5.97
CA LYS A 24 -6.41 8.64 5.21
C LYS A 24 -7.56 7.78 4.67
N GLY A 25 -7.42 6.46 4.69
CA GLY A 25 -8.41 5.52 4.19
C GLY A 25 -8.08 5.08 2.77
N LYS A 26 -6.78 5.04 2.40
CA LYS A 26 -6.34 4.62 1.06
C LYS A 26 -6.15 3.10 1.08
N LEU A 27 -7.25 2.38 1.21
CA LEU A 27 -7.27 0.92 1.25
C LEU A 27 -7.28 0.32 -0.16
N ASP A 28 -7.31 1.14 -1.20
CA ASP A 28 -7.36 0.76 -2.62
C ASP A 28 -6.02 0.93 -3.32
N GLN A 29 -4.96 1.30 -2.59
CA GLN A 29 -3.63 1.51 -3.14
C GLN A 29 -2.59 1.22 -2.04
N VAL A 30 -1.34 0.99 -2.41
CA VAL A 30 -0.24 0.68 -1.48
C VAL A 30 1.07 1.37 -1.90
N VAL A 31 2.08 1.39 -0.99
CA VAL A 31 3.39 1.95 -1.24
C VAL A 31 4.44 0.86 -1.02
N TYR A 32 5.46 0.82 -1.87
CA TYR A 32 6.58 -0.11 -1.81
C TYR A 32 7.71 0.57 -2.56
N ASP A 33 8.92 0.52 -2.00
CA ASP A 33 10.13 1.11 -2.57
C ASP A 33 9.93 2.58 -2.97
N ASP A 34 9.13 3.31 -2.16
CA ASP A 34 8.78 4.74 -2.31
C ASP A 34 7.91 5.02 -3.54
N GLN A 35 7.13 4.03 -3.97
CA GLN A 35 6.27 4.16 -5.14
C GLN A 35 4.85 3.86 -4.76
N LEU A 36 3.90 4.48 -5.45
CA LEU A 36 2.48 4.33 -5.18
C LEU A 36 1.81 3.55 -6.28
N TYR A 37 1.15 2.45 -5.90
CA TYR A 37 0.46 1.58 -6.84
C TYR A 37 -1.02 1.48 -6.50
N HIS A 38 -1.87 1.63 -7.51
CA HIS A 38 -3.32 1.58 -7.46
C HIS A 38 -3.78 0.17 -7.76
N LEU A 39 -4.60 -0.41 -6.90
CA LEU A 39 -5.11 -1.77 -7.12
C LEU A 39 -6.16 -1.71 -8.23
N LYS A 40 -6.17 -2.71 -9.11
CA LYS A 40 -7.13 -2.79 -10.23
C LYS A 40 -8.00 -4.03 -10.07
N GLU A 41 -7.37 -5.20 -10.00
CA GLU A 41 -8.09 -6.47 -9.82
C GLU A 41 -7.27 -7.51 -9.06
N LYS A 42 -7.89 -8.63 -8.70
CA LYS A 42 -7.25 -9.74 -8.00
C LYS A 42 -6.80 -10.74 -9.06
N VAL A 43 -5.71 -11.46 -8.81
CA VAL A 43 -5.13 -12.45 -9.73
C VAL A 43 -4.73 -13.70 -8.96
N ASP A 44 -4.34 -14.74 -9.70
CA ASP A 44 -3.91 -16.01 -9.14
C ASP A 44 -2.37 -15.98 -8.99
N GLU A 45 -1.79 -16.88 -8.22
CA GLU A 45 -0.34 -16.95 -8.03
C GLU A 45 0.34 -17.48 -9.29
N ASP A 46 -0.43 -17.98 -10.25
CA ASP A 46 0.07 -18.49 -11.51
C ASP A 46 0.30 -17.35 -12.51
N LYS A 47 -0.18 -16.14 -12.17
CA LYS A 47 -0.09 -14.95 -13.02
C LYS A 47 1.23 -14.22 -12.80
N LYS A 48 1.86 -14.44 -11.65
CA LYS A 48 3.15 -13.82 -11.38
C LYS A 48 4.15 -14.42 -12.37
N GLY A 49 5.26 -13.72 -12.54
CA GLY A 49 6.36 -14.07 -13.41
C GLY A 49 7.62 -14.20 -12.56
N LYS A 50 7.80 -13.27 -11.63
CA LYS A 50 8.92 -13.16 -10.73
C LYS A 50 8.61 -12.21 -9.58
N VAL A 51 9.30 -12.37 -8.47
CA VAL A 51 9.18 -11.53 -7.29
C VAL A 51 10.07 -10.32 -7.56
N ILE A 52 9.72 -9.17 -7.01
CA ILE A 52 10.48 -7.92 -7.17
C ILE A 52 10.59 -7.15 -5.86
N GLY A 53 9.78 -7.47 -4.86
CA GLY A 53 9.81 -6.77 -3.58
C GLY A 53 8.92 -7.48 -2.59
N ALA A 54 8.77 -6.93 -1.39
CA ALA A 54 7.95 -7.46 -0.34
C ALA A 54 7.47 -6.31 0.55
N ILE A 55 6.15 -6.19 0.73
CA ILE A 55 5.60 -5.16 1.60
C ILE A 55 5.77 -5.74 3.02
N GLY A 56 5.19 -6.92 3.28
CA GLY A 56 5.24 -7.66 4.55
C GLY A 56 4.73 -6.91 5.79
N GLN A 57 4.23 -5.69 5.63
CA GLN A 57 3.72 -4.84 6.69
C GLN A 57 2.42 -5.38 7.30
N THR A 58 2.03 -4.84 8.46
CA THR A 58 0.82 -5.22 9.17
C THR A 58 0.37 -4.01 10.01
N PHE A 59 -0.91 -3.66 9.99
CA PHE A 59 -1.51 -2.55 10.74
C PHE A 59 -2.97 -2.88 11.07
N PHE A 60 -3.66 -2.06 11.87
CA PHE A 60 -5.06 -2.26 12.24
C PHE A 60 -5.83 -0.94 12.24
N VAL A 61 -7.13 -0.95 11.95
CA VAL A 61 -7.99 0.25 11.95
C VAL A 61 -9.33 -0.10 12.57
N ASP A 62 -10.10 0.91 12.94
CA ASP A 62 -11.43 0.79 13.55
C ASP A 62 -12.52 0.95 12.48
N GLY A 63 -13.78 1.00 12.92
CA GLY A 63 -14.94 1.16 12.05
C GLY A 63 -15.01 2.53 11.38
N ASP A 64 -14.28 3.52 11.90
CA ASP A 64 -14.24 4.87 11.35
C ASP A 64 -13.11 5.04 10.35
N GLY A 65 -12.16 4.10 10.32
CA GLY A 65 -11.01 4.13 9.43
C GLY A 65 -9.83 4.86 10.05
N LYS A 66 -9.72 4.85 11.39
CA LYS A 66 -8.66 5.50 12.14
C LYS A 66 -7.67 4.42 12.54
N ARG A 67 -6.39 4.79 12.52
CA ARG A 67 -5.29 3.92 12.85
C ARG A 67 -5.19 3.70 14.35
N TRP A 68 -5.08 2.43 14.72
CA TRP A 68 -4.92 2.04 16.11
C TRP A 68 -3.47 2.32 16.49
N SER A 69 -3.26 2.82 17.71
CA SER A 69 -1.94 3.11 18.26
C SER A 69 -1.43 1.86 18.97
N GLU A 70 -0.12 1.72 19.11
CA GLU A 70 0.54 0.61 19.78
C GLU A 70 0.00 0.46 21.20
N GLU A 71 -0.17 1.60 21.86
CA GLU A 71 -0.66 1.76 23.22
C GLU A 71 -2.03 1.13 23.37
N GLU A 72 -2.92 1.38 22.41
CA GLU A 72 -4.29 0.87 22.39
C GLU A 72 -4.28 -0.63 22.10
N LEU A 73 -3.36 -1.07 21.23
CA LEU A 73 -3.25 -2.47 20.87
C LEU A 73 -2.76 -3.30 22.05
N LYS A 74 -1.84 -2.79 22.85
CA LYS A 74 -1.25 -3.49 24.01
C LYS A 74 -2.05 -3.30 25.29
N GLU A 75 -3.26 -2.76 25.22
CA GLU A 75 -4.09 -2.58 26.40
C GLU A 75 -4.36 -3.92 27.09
N PRO A 76 -4.64 -3.91 28.40
CA PRO A 76 -4.95 -5.12 29.13
C PRO A 76 -6.28 -5.67 28.61
N TYR A 77 -6.46 -6.99 28.66
CA TYR A 77 -7.70 -7.62 28.19
C TYR A 77 -8.89 -7.19 29.05
N ILE A 78 -8.65 -6.96 30.34
CA ILE A 78 -9.69 -6.55 31.29
C ILE A 78 -9.82 -5.01 31.32
N SER A 79 -11.04 -4.55 31.58
CA SER A 79 -11.48 -3.16 31.69
C SER A 79 -12.95 -3.19 32.11
N ASN A 80 -13.59 -2.03 32.23
CA ASN A 80 -14.99 -1.86 32.60
C ASN A 80 -15.55 -0.79 31.64
N ASN A 81 -15.03 -0.73 30.41
CA ASN A 81 -15.39 0.26 29.41
C ASN A 81 -15.84 -0.40 28.10
N PRO A 82 -17.02 -1.03 28.04
CA PRO A 82 -17.51 -1.70 26.83
C PRO A 82 -17.82 -0.76 25.66
N ASP A 83 -17.86 0.55 25.88
CA ASP A 83 -18.16 1.55 24.84
C ASP A 83 -16.92 2.31 24.37
N GLU A 84 -15.85 2.30 25.17
CA GLU A 84 -14.60 2.97 24.82
C GLU A 84 -13.79 2.14 23.83
N ILE A 85 -14.06 0.84 23.77
CA ILE A 85 -13.40 -0.09 22.86
C ILE A 85 -14.04 0.06 21.48
N ARG A 86 -13.34 -0.41 20.45
CA ARG A 86 -13.80 -0.34 19.07
C ARG A 86 -13.34 -1.55 18.30
N GLU A 87 -13.89 -1.74 17.10
CA GLU A 87 -13.49 -2.86 16.27
C GLU A 87 -12.03 -2.64 15.86
N LYS A 88 -11.36 -3.72 15.47
CA LYS A 88 -9.96 -3.72 15.08
C LYS A 88 -9.81 -4.65 13.90
N LYS A 89 -9.77 -4.09 12.69
CA LYS A 89 -9.66 -4.77 11.42
C LYS A 89 -8.19 -4.99 11.06
N PRO A 90 -7.66 -6.22 11.08
CA PRO A 90 -6.28 -6.50 10.74
C PRO A 90 -6.02 -6.41 9.23
N LEU A 91 -5.03 -5.61 8.87
CA LEU A 91 -4.56 -5.35 7.50
C LEU A 91 -3.21 -6.05 7.44
N ARG A 92 -3.05 -7.11 6.66
CA ARG A 92 -1.79 -7.86 6.54
C ARG A 92 -1.35 -7.83 5.10
N TYR A 93 -0.18 -7.26 4.84
CA TYR A 93 0.39 -7.13 3.52
C TYR A 93 1.35 -8.27 3.23
N GLY A 94 1.39 -8.64 1.96
CA GLY A 94 2.06 -9.65 1.20
C GLY A 94 3.22 -9.19 0.34
N LYS A 95 3.99 -10.18 -0.12
CA LYS A 95 5.13 -9.93 -0.98
C LYS A 95 4.65 -9.35 -2.34
N VAL A 96 5.56 -8.85 -3.19
CA VAL A 96 5.21 -8.23 -4.47
C VAL A 96 5.91 -8.94 -5.65
N TYR A 97 5.21 -8.99 -6.78
CA TYR A 97 5.61 -9.62 -8.04
C TYR A 97 5.44 -8.62 -9.19
N SER A 98 5.85 -8.97 -10.41
CA SER A 98 5.73 -8.11 -11.60
C SER A 98 4.55 -8.58 -12.49
N THR A 99 4.30 -7.98 -13.65
CA THR A 99 3.21 -8.33 -14.58
C THR A 99 3.71 -8.66 -15.99
N ASN A 100 4.48 -9.73 -16.09
CA ASN A 100 5.09 -10.22 -17.33
C ASN A 100 5.86 -9.08 -18.05
N GLU A 101 6.62 -8.33 -17.26
CA GLU A 101 7.45 -7.23 -17.73
C GLU A 101 8.72 -7.32 -16.93
N ASP A 102 9.69 -7.99 -17.52
CA ASP A 102 11.04 -8.28 -17.04
C ASP A 102 11.98 -7.22 -17.64
N SER A 103 11.53 -5.96 -17.71
CA SER A 103 12.22 -4.79 -18.25
C SER A 103 12.22 -3.63 -17.23
N ASP A 104 12.69 -2.44 -17.63
CA ASP A 104 12.77 -1.25 -16.79
C ASP A 104 11.44 -0.50 -16.64
N ALA A 105 10.41 -0.89 -17.38
CA ALA A 105 9.09 -0.30 -17.39
C ALA A 105 8.55 -0.11 -15.96
N LYS A 106 8.42 -1.22 -15.23
CA LYS A 106 7.93 -1.31 -13.85
C LYS A 106 6.77 -0.37 -13.60
N ASP A 107 5.76 -0.37 -14.49
CA ASP A 107 4.60 0.49 -14.35
C ASP A 107 3.45 -0.28 -13.71
N GLU A 108 3.52 -1.60 -13.65
CA GLU A 108 2.49 -2.41 -13.01
C GLU A 108 3.23 -3.51 -12.25
N ILE A 109 2.73 -3.86 -11.07
CA ILE A 109 3.28 -4.86 -10.17
C ILE A 109 2.13 -5.50 -9.39
N ILE A 110 2.28 -6.74 -8.95
CA ILE A 110 1.25 -7.48 -8.22
C ILE A 110 1.54 -7.46 -6.74
N VAL A 111 0.69 -6.79 -5.98
CA VAL A 111 0.70 -6.61 -4.53
C VAL A 111 -0.10 -7.69 -3.82
N GLU A 112 0.49 -8.43 -2.89
CA GLU A 112 -0.28 -9.41 -2.14
C GLU A 112 -0.81 -8.71 -0.89
N PHE A 113 -2.02 -9.04 -0.48
CA PHE A 113 -2.68 -8.51 0.70
C PHE A 113 -3.73 -9.54 1.12
N ASN A 114 -3.99 -9.71 2.43
CA ASN A 114 -4.99 -10.66 2.91
C ASN A 114 -4.86 -12.07 2.28
N ARG A 115 -3.63 -12.53 2.01
CA ARG A 115 -3.29 -13.82 1.41
C ARG A 115 -3.76 -13.95 -0.05
N GLU A 116 -4.08 -12.86 -0.74
CA GLU A 116 -4.53 -12.83 -2.11
C GLU A 116 -3.62 -11.89 -2.87
N TYR A 117 -3.37 -12.19 -4.15
CA TYR A 117 -2.48 -11.38 -4.99
C TYR A 117 -3.37 -10.41 -5.78
N TYR A 118 -3.03 -9.12 -5.77
CA TYR A 118 -3.77 -8.05 -6.45
C TYR A 118 -2.90 -7.31 -7.44
N ARG A 119 -3.40 -7.14 -8.66
CA ARG A 119 -2.73 -6.44 -9.73
C ARG A 119 -2.76 -4.96 -9.38
N ALA A 120 -1.61 -4.29 -9.39
CA ALA A 120 -1.51 -2.87 -9.06
C ALA A 120 -0.78 -2.09 -10.17
N VAL A 121 -1.01 -0.77 -10.29
CA VAL A 121 -0.40 0.08 -11.31
C VAL A 121 0.14 1.38 -10.72
N LEU A 122 1.27 1.86 -11.23
CA LEU A 122 1.98 3.07 -10.83
C LEU A 122 1.06 4.28 -11.06
N ILE A 123 0.81 5.08 -10.02
CA ILE A 123 -0.10 6.22 -10.06
C ILE A 123 0.65 7.50 -10.42
N LYS A 124 1.75 7.71 -9.72
CA LYS A 124 2.66 8.83 -9.83
C LYS A 124 3.23 9.03 -11.25
N ASN A 125 2.96 8.09 -12.16
CA ASN A 125 3.36 8.02 -13.56
C ASN A 125 2.30 8.60 -14.50
N GLU A 126 1.07 8.74 -14.01
CA GLU A 126 -0.08 9.28 -14.73
C GLU A 126 -0.66 10.52 -14.08
N LYS A 127 -0.34 10.73 -12.81
CA LYS A 127 -0.76 11.82 -11.93
C LYS A 127 -2.24 12.12 -12.14
N GLU A 128 -3.07 11.24 -11.59
CA GLU A 128 -4.51 11.31 -11.65
C GLU A 128 -5.03 11.37 -10.22
N GLY A 1 11.01 10.39 3.28
CA GLY A 1 10.84 11.85 3.30
C GLY A 1 12.04 12.55 3.89
N SER A 2 11.95 13.88 4.03
CA SER A 2 12.96 14.77 4.58
C SER A 2 12.20 16.00 5.13
N THR A 3 12.93 17.06 5.49
CA THR A 3 12.37 18.29 6.01
C THR A 3 13.05 19.52 5.39
N MET A 4 13.91 19.31 4.39
CA MET A 4 14.67 20.34 3.68
C MET A 4 14.55 20.16 2.16
N HIS A 5 15.00 21.16 1.40
CA HIS A 5 14.98 21.11 -0.07
C HIS A 5 16.10 20.15 -0.48
N PHE A 6 16.01 19.53 -1.65
CA PHE A 6 16.99 18.57 -2.12
C PHE A 6 17.17 18.58 -3.65
N THR A 7 17.88 17.60 -4.17
CA THR A 7 18.16 17.41 -5.58
C THR A 7 16.91 16.79 -6.21
N ASP A 8 16.11 17.62 -6.88
CA ASP A 8 14.86 17.24 -7.53
C ASP A 8 15.03 16.10 -8.53
N ASP A 9 13.95 15.37 -8.78
CA ASP A 9 13.87 14.24 -9.69
C ASP A 9 12.88 14.50 -10.81
N ASN A 10 13.05 13.78 -11.92
CA ASN A 10 12.17 13.83 -13.10
C ASN A 10 10.94 12.94 -12.87
N GLU A 11 10.93 12.27 -11.73
CA GLU A 11 9.89 11.39 -11.25
C GLU A 11 8.81 12.22 -10.55
N ASN A 12 7.73 11.55 -10.16
CA ASN A 12 6.59 12.10 -9.47
C ASN A 12 6.36 11.20 -8.25
N ASP A 13 7.19 11.38 -7.24
CA ASP A 13 7.17 10.64 -5.97
C ASP A 13 5.94 11.07 -5.14
N THR A 14 5.28 10.12 -4.45
CA THR A 14 4.10 10.38 -3.64
C THR A 14 4.47 10.99 -2.27
N SER A 15 5.67 10.69 -1.80
CA SER A 15 6.27 11.11 -0.54
C SER A 15 5.32 10.75 0.61
N GLU A 16 5.02 9.45 0.73
CA GLU A 16 4.16 8.90 1.77
C GLU A 16 4.63 7.49 2.11
N THR A 17 3.95 6.84 3.04
CA THR A 17 4.25 5.49 3.48
C THR A 17 2.92 4.74 3.52
N MET A 18 3.00 3.42 3.69
CA MET A 18 1.84 2.57 3.77
C MET A 18 0.92 3.06 4.89
N GLU A 19 1.53 3.50 5.99
CA GLU A 19 0.89 4.01 7.18
C GLU A 19 -0.01 5.19 6.84
N SER A 20 0.48 6.15 6.04
CA SER A 20 -0.24 7.34 5.61
C SER A 20 -1.50 6.96 4.84
N LEU A 21 -1.40 5.95 3.98
CA LEU A 21 -2.52 5.50 3.17
C LEU A 21 -3.63 5.02 4.07
N ILE A 22 -3.30 4.09 4.95
CA ILE A 22 -4.22 3.48 5.87
C ILE A 22 -4.84 4.57 6.77
N ASP A 23 -4.02 5.49 7.26
CA ASP A 23 -4.41 6.61 8.12
C ASP A 23 -5.45 7.50 7.44
N LYS A 24 -5.50 7.54 6.10
CA LYS A 24 -6.49 8.35 5.37
C LYS A 24 -7.62 7.48 4.84
N GLY A 25 -7.48 6.16 4.84
CA GLY A 25 -8.48 5.23 4.33
C GLY A 25 -8.20 4.86 2.89
N LYS A 26 -6.93 4.67 2.49
CA LYS A 26 -6.55 4.28 1.13
C LYS A 26 -6.36 2.76 1.15
N LEU A 27 -7.45 2.02 1.33
CA LEU A 27 -7.45 0.55 1.37
C LEU A 27 -7.50 -0.06 -0.03
N ASP A 28 -7.52 0.76 -1.07
CA ASP A 28 -7.55 0.37 -2.49
C ASP A 28 -6.20 0.61 -3.18
N GLN A 29 -5.16 1.02 -2.44
CA GLN A 29 -3.84 1.31 -3.01
C GLN A 29 -2.75 1.09 -1.95
N VAL A 30 -1.50 0.83 -2.37
CA VAL A 30 -0.38 0.58 -1.45
C VAL A 30 0.90 1.30 -1.88
N VAL A 31 1.91 1.39 -0.98
CA VAL A 31 3.19 2.00 -1.26
C VAL A 31 4.27 0.95 -1.09
N TYR A 32 5.09 0.73 -2.10
CA TYR A 32 6.21 -0.21 -2.04
C TYR A 32 7.27 0.39 -2.94
N ASP A 33 8.52 0.28 -2.48
CA ASP A 33 9.71 0.78 -3.16
C ASP A 33 9.61 2.28 -3.36
N ASP A 34 8.94 2.99 -2.41
CA ASP A 34 8.71 4.43 -2.43
C ASP A 34 7.85 4.85 -3.62
N GLN A 35 6.92 3.99 -4.01
CA GLN A 35 6.04 4.23 -5.14
C GLN A 35 4.63 3.94 -4.74
N LEU A 36 3.67 4.53 -5.45
CA LEU A 36 2.25 4.40 -5.18
C LEU A 36 1.58 3.62 -6.29
N TYR A 37 0.90 2.54 -5.93
CA TYR A 37 0.20 1.69 -6.88
C TYR A 37 -1.27 1.63 -6.51
N HIS A 38 -2.13 1.45 -7.50
CA HIS A 38 -3.57 1.36 -7.37
C HIS A 38 -3.98 -0.07 -7.62
N LEU A 39 -4.74 -0.68 -6.74
CA LEU A 39 -5.18 -2.06 -6.94
C LEU A 39 -6.22 -2.04 -8.06
N LYS A 40 -6.23 -3.09 -8.88
CA LYS A 40 -7.16 -3.22 -10.00
C LYS A 40 -8.03 -4.43 -9.76
N GLU A 41 -7.42 -5.60 -9.81
CA GLU A 41 -8.15 -6.85 -9.59
C GLU A 41 -7.29 -7.94 -8.98
N LYS A 42 -7.92 -9.02 -8.54
CA LYS A 42 -7.30 -10.20 -7.94
C LYS A 42 -6.76 -11.07 -9.07
N VAL A 43 -5.66 -11.78 -8.83
CA VAL A 43 -5.04 -12.67 -9.80
C VAL A 43 -4.61 -13.97 -9.10
N ASP A 44 -4.30 -15.00 -9.89
CA ASP A 44 -3.85 -16.31 -9.41
C ASP A 44 -2.34 -16.29 -9.18
N GLU A 45 -1.79 -17.28 -8.48
CA GLU A 45 -0.34 -17.38 -8.24
C GLU A 45 0.38 -17.80 -9.52
N ASP A 46 -0.34 -18.23 -10.55
CA ASP A 46 0.23 -18.64 -11.82
C ASP A 46 0.41 -17.41 -12.72
N LYS A 47 0.00 -16.23 -12.24
CA LYS A 47 0.09 -14.97 -12.97
C LYS A 47 1.36 -14.20 -12.62
N LYS A 48 1.97 -14.53 -11.48
CA LYS A 48 3.19 -13.89 -11.03
C LYS A 48 4.29 -14.08 -12.07
N GLY A 49 4.87 -12.97 -12.53
CA GLY A 49 5.95 -13.00 -13.50
C GLY A 49 7.26 -13.30 -12.80
N LYS A 50 7.51 -12.62 -11.67
CA LYS A 50 8.72 -12.75 -10.87
C LYS A 50 8.59 -11.90 -9.60
N VAL A 51 9.23 -12.27 -8.50
CA VAL A 51 9.19 -11.48 -7.27
C VAL A 51 10.14 -10.31 -7.48
N ILE A 52 9.83 -9.17 -6.87
CA ILE A 52 10.65 -7.95 -6.95
C ILE A 52 10.91 -7.37 -5.56
N GLY A 53 10.00 -7.59 -4.61
CA GLY A 53 10.13 -7.09 -3.25
C GLY A 53 8.93 -7.52 -2.43
N ALA A 54 8.80 -7.10 -1.17
CA ALA A 54 7.70 -7.47 -0.31
C ALA A 54 7.26 -6.35 0.63
N ILE A 55 5.94 -6.17 0.77
CA ILE A 55 5.41 -5.17 1.70
C ILE A 55 5.51 -5.84 3.07
N GLY A 56 4.85 -7.00 3.22
CA GLY A 56 4.79 -7.85 4.41
C GLY A 56 4.32 -7.22 5.72
N GLN A 57 3.95 -5.94 5.75
CA GLN A 57 3.54 -5.24 6.97
C GLN A 57 2.18 -5.69 7.50
N THR A 58 1.84 -5.19 8.69
CA THR A 58 0.57 -5.46 9.36
C THR A 58 0.19 -4.17 10.08
N PHE A 59 -1.07 -3.76 9.94
CA PHE A 59 -1.62 -2.56 10.55
C PHE A 59 -3.10 -2.82 10.88
N PHE A 60 -3.74 -1.93 11.63
CA PHE A 60 -5.14 -2.06 12.01
C PHE A 60 -5.82 -0.70 12.01
N VAL A 61 -7.14 -0.66 11.75
CA VAL A 61 -7.93 0.55 11.78
C VAL A 61 -9.26 0.26 12.48
N ASP A 62 -9.93 1.31 12.94
CA ASP A 62 -11.22 1.23 13.65
C ASP A 62 -12.41 1.51 12.73
N GLY A 63 -13.57 1.63 13.35
CA GLY A 63 -14.85 1.89 12.73
C GLY A 63 -14.94 3.26 12.09
N ASP A 64 -14.00 4.16 12.31
CA ASP A 64 -13.97 5.49 11.73
C ASP A 64 -12.94 5.50 10.59
N GLY A 65 -12.02 4.52 10.58
CA GLY A 65 -10.96 4.35 9.61
C GLY A 65 -9.65 4.97 10.11
N LYS A 66 -9.41 5.03 11.42
CA LYS A 66 -8.21 5.62 12.00
C LYS A 66 -7.24 4.54 12.40
N ARG A 67 -5.94 4.81 12.25
CA ARG A 67 -4.86 3.89 12.59
C ARG A 67 -4.82 3.67 14.10
N TRP A 68 -4.75 2.41 14.50
CA TRP A 68 -4.66 2.05 15.91
C TRP A 68 -3.18 2.18 16.28
N SER A 69 -2.89 2.88 17.38
CA SER A 69 -1.51 3.06 17.85
C SER A 69 -1.07 1.76 18.55
N GLU A 70 0.23 1.49 18.62
CA GLU A 70 0.75 0.28 19.26
C GLU A 70 0.28 0.18 20.72
N GLU A 71 0.18 1.31 21.43
CA GLU A 71 -0.27 1.31 22.82
C GLU A 71 -1.69 0.78 22.92
N GLU A 72 -2.58 1.26 22.05
CA GLU A 72 -3.98 0.84 22.03
C GLU A 72 -4.05 -0.68 21.79
N LEU A 73 -3.07 -1.24 21.06
CA LEU A 73 -2.96 -2.67 20.78
C LEU A 73 -2.39 -3.46 21.96
N LYS A 74 -1.61 -2.84 22.84
CA LYS A 74 -0.99 -3.48 24.02
C LYS A 74 -1.94 -3.45 25.22
N GLU A 75 -2.87 -2.50 25.26
CA GLU A 75 -3.84 -2.37 26.34
C GLU A 75 -4.65 -3.66 26.56
N PRO A 76 -5.26 -3.85 27.74
CA PRO A 76 -6.02 -5.06 28.07
C PRO A 76 -7.31 -5.22 27.27
N TYR A 77 -7.90 -6.41 27.32
CA TYR A 77 -9.14 -6.73 26.63
C TYR A 77 -10.29 -6.45 27.60
N ILE A 78 -10.58 -7.40 28.48
CA ILE A 78 -11.65 -7.22 29.46
C ILE A 78 -11.14 -6.16 30.44
N SER A 79 -12.03 -5.21 30.71
CA SER A 79 -11.88 -4.07 31.59
C SER A 79 -13.27 -3.72 32.13
N ASN A 80 -13.38 -2.66 32.95
CA ASN A 80 -14.67 -2.24 33.49
C ASN A 80 -15.46 -1.37 32.50
N ASN A 81 -14.84 -0.94 31.39
CA ASN A 81 -15.41 -0.09 30.33
C ASN A 81 -15.25 -0.75 28.94
N PRO A 82 -15.79 -1.96 28.71
CA PRO A 82 -15.69 -2.68 27.44
C PRO A 82 -16.42 -2.02 26.27
N ASP A 83 -17.19 -0.95 26.51
CA ASP A 83 -17.94 -0.28 25.45
C ASP A 83 -17.11 0.80 24.75
N GLU A 84 -16.07 1.28 25.43
CA GLU A 84 -15.19 2.33 24.90
C GLU A 84 -14.25 1.84 23.79
N ILE A 85 -14.10 0.53 23.61
CA ILE A 85 -13.25 -0.04 22.57
C ILE A 85 -14.06 -0.22 21.30
N ARG A 86 -13.50 0.19 20.17
CA ARG A 86 -14.12 0.13 18.85
C ARG A 86 -13.62 -1.10 18.08
N GLU A 87 -14.23 -1.37 16.93
CA GLU A 87 -13.88 -2.49 16.04
C GLU A 87 -12.41 -2.37 15.64
N LYS A 88 -11.79 -3.46 15.19
CA LYS A 88 -10.38 -3.48 14.81
C LYS A 88 -10.17 -4.36 13.57
N LYS A 89 -10.09 -3.70 12.42
CA LYS A 89 -9.91 -4.24 11.08
C LYS A 89 -8.44 -4.56 10.80
N PRO A 90 -8.01 -5.82 10.77
CA PRO A 90 -6.62 -6.21 10.49
C PRO A 90 -6.29 -6.11 9.00
N LEU A 91 -5.09 -5.62 8.69
CA LEU A 91 -4.60 -5.43 7.33
C LEU A 91 -3.26 -6.16 7.21
N ARG A 92 -3.22 -7.37 6.65
CA ARG A 92 -2.00 -8.15 6.48
C ARG A 92 -1.51 -8.02 5.05
N TYR A 93 -0.41 -7.30 4.84
CA TYR A 93 0.19 -7.08 3.54
C TYR A 93 1.11 -8.26 3.23
N GLY A 94 1.22 -8.56 1.95
CA GLY A 94 1.91 -9.60 1.25
C GLY A 94 3.07 -9.20 0.36
N LYS A 95 3.85 -10.20 -0.06
CA LYS A 95 4.99 -9.97 -0.95
C LYS A 95 4.47 -9.44 -2.29
N VAL A 96 5.35 -8.80 -3.05
CA VAL A 96 5.03 -8.20 -4.33
C VAL A 96 5.76 -8.92 -5.47
N TYR A 97 5.07 -9.03 -6.60
CA TYR A 97 5.53 -9.66 -7.81
C TYR A 97 5.45 -8.61 -8.94
N SER A 98 6.10 -8.82 -10.07
CA SER A 98 6.08 -7.90 -11.21
C SER A 98 5.38 -8.60 -12.35
N THR A 99 4.48 -7.86 -12.94
CA THR A 99 3.63 -8.31 -14.04
C THR A 99 4.46 -8.76 -15.24
N ASN A 100 3.76 -9.37 -16.19
CA ASN A 100 4.22 -9.90 -17.46
C ASN A 100 4.61 -8.75 -18.37
N GLU A 101 5.74 -8.11 -18.05
CA GLU A 101 6.39 -7.01 -18.70
C GLU A 101 7.85 -7.41 -18.77
N ASP A 102 8.15 -7.96 -19.92
CA ASP A 102 9.44 -8.45 -20.41
C ASP A 102 10.32 -7.28 -20.89
N SER A 103 9.89 -6.05 -20.59
CA SER A 103 10.49 -4.77 -20.91
C SER A 103 10.85 -4.01 -19.63
N ASP A 104 11.58 -2.91 -19.78
CA ASP A 104 12.03 -2.04 -18.67
C ASP A 104 10.89 -1.13 -18.14
N ALA A 105 9.65 -1.30 -18.63
CA ALA A 105 8.47 -0.53 -18.27
C ALA A 105 8.21 -0.60 -16.76
N LYS A 106 7.82 -1.78 -16.26
CA LYS A 106 7.55 -2.02 -14.84
C LYS A 106 6.47 -1.03 -14.38
N ASP A 107 5.40 -0.81 -15.15
CA ASP A 107 4.37 0.15 -14.77
C ASP A 107 3.33 -0.52 -13.87
N GLU A 108 3.25 -1.84 -13.90
CA GLU A 108 2.31 -2.58 -13.10
C GLU A 108 3.12 -3.60 -12.30
N ILE A 109 2.55 -4.02 -11.19
CA ILE A 109 3.09 -5.00 -10.24
C ILE A 109 1.92 -5.75 -9.61
N ILE A 110 2.15 -6.80 -8.82
CA ILE A 110 1.10 -7.56 -8.16
C ILE A 110 1.39 -7.60 -6.67
N VAL A 111 0.55 -6.94 -5.88
CA VAL A 111 0.58 -6.82 -4.44
C VAL A 111 -0.24 -7.92 -3.78
N GLU A 112 0.32 -8.66 -2.82
CA GLU A 112 -0.46 -9.67 -2.11
C GLU A 112 -1.11 -8.99 -0.91
N PHE A 113 -2.34 -9.36 -0.55
CA PHE A 113 -3.08 -8.85 0.58
C PHE A 113 -3.95 -9.98 1.12
N ASN A 114 -3.82 -10.29 2.41
CA ASN A 114 -4.56 -11.33 3.10
C ASN A 114 -4.52 -12.64 2.30
N ARG A 115 -3.32 -13.12 1.98
CA ARG A 115 -3.04 -14.37 1.26
C ARG A 115 -3.49 -14.42 -0.21
N GLU A 116 -4.01 -13.35 -0.80
CA GLU A 116 -4.45 -13.30 -2.19
C GLU A 116 -3.62 -12.27 -2.90
N TYR A 117 -3.36 -12.48 -4.18
CA TYR A 117 -2.58 -11.59 -5.02
C TYR A 117 -3.50 -10.65 -5.79
N TYR A 118 -3.15 -9.37 -5.81
CA TYR A 118 -3.92 -8.33 -6.50
C TYR A 118 -3.02 -7.51 -7.42
N ARG A 119 -3.38 -7.47 -8.70
CA ARG A 119 -2.65 -6.72 -9.71
C ARG A 119 -2.88 -5.25 -9.39
N ALA A 120 -1.79 -4.50 -9.32
CA ALA A 120 -1.75 -3.09 -9.01
C ALA A 120 -1.05 -2.33 -10.15
N VAL A 121 -1.24 -1.01 -10.23
CA VAL A 121 -0.69 -0.16 -11.28
C VAL A 121 -0.13 1.15 -10.76
N LEU A 122 0.95 1.62 -11.36
CA LEU A 122 1.65 2.85 -11.02
C LEU A 122 0.70 4.03 -11.21
N ILE A 123 0.42 4.78 -10.14
CA ILE A 123 -0.52 5.92 -10.16
C ILE A 123 0.20 7.17 -10.60
N LYS A 124 1.35 7.44 -10.00
CA LYS A 124 2.20 8.58 -10.27
C LYS A 124 2.48 8.74 -11.78
N ASN A 125 2.42 7.64 -12.54
CA ASN A 125 2.61 7.52 -13.97
C ASN A 125 1.52 8.28 -14.75
N GLU A 126 0.32 8.40 -14.18
CA GLU A 126 -0.85 9.09 -14.75
C GLU A 126 -1.08 10.46 -14.10
N LYS A 127 -0.24 10.84 -13.15
CA LYS A 127 -0.30 12.14 -12.46
C LYS A 127 0.39 13.18 -13.33
N GLU A 128 0.03 13.14 -14.60
CA GLU A 128 0.48 13.96 -15.70
C GLU A 128 -0.79 14.30 -16.45
N GLY A 1 34.44 9.53 -6.50
CA GLY A 1 35.47 10.25 -7.27
C GLY A 1 35.00 11.66 -7.56
N SER A 2 34.10 11.83 -8.53
CA SER A 2 33.54 13.13 -8.88
C SER A 2 32.71 13.61 -7.69
N THR A 3 32.40 14.90 -7.68
CA THR A 3 31.59 15.58 -6.68
C THR A 3 30.50 16.35 -7.44
N MET A 4 29.62 17.04 -6.72
CA MET A 4 28.53 17.84 -7.25
C MET A 4 28.35 18.98 -6.25
N HIS A 5 27.86 20.13 -6.69
CA HIS A 5 27.65 21.31 -5.85
C HIS A 5 26.14 21.49 -5.65
N PHE A 6 25.42 21.63 -6.76
CA PHE A 6 23.97 21.82 -6.81
C PHE A 6 23.40 20.84 -7.84
N THR A 7 22.09 20.73 -7.89
CA THR A 7 21.37 19.85 -8.80
C THR A 7 20.38 20.67 -9.63
N ASP A 8 19.62 19.99 -10.46
CA ASP A 8 18.58 20.51 -11.33
C ASP A 8 17.42 19.51 -11.47
N ASP A 9 17.39 18.50 -10.59
CA ASP A 9 16.38 17.46 -10.55
C ASP A 9 15.72 17.40 -9.17
N ASN A 10 14.53 16.82 -9.14
CA ASN A 10 13.67 16.62 -7.98
C ASN A 10 12.75 15.45 -8.29
N GLU A 11 12.22 14.79 -7.27
CA GLU A 11 11.32 13.66 -7.39
C GLU A 11 9.91 14.07 -7.81
N ASN A 12 9.16 13.10 -8.33
CA ASN A 12 7.77 13.22 -8.78
C ASN A 12 6.94 12.10 -8.14
N ASP A 13 7.52 11.42 -7.14
CA ASP A 13 6.94 10.31 -6.40
C ASP A 13 6.01 10.85 -5.31
N THR A 14 5.19 9.96 -4.75
CA THR A 14 4.27 10.35 -3.70
C THR A 14 5.08 10.70 -2.43
N SER A 15 6.14 9.94 -2.15
CA SER A 15 7.02 10.11 -0.99
C SER A 15 6.19 10.09 0.30
N GLU A 16 5.37 9.05 0.46
CA GLU A 16 4.51 8.80 1.61
C GLU A 16 4.80 7.39 2.12
N THR A 17 4.04 6.92 3.10
CA THR A 17 4.21 5.60 3.68
C THR A 17 2.85 4.89 3.71
N MET A 18 2.88 3.57 3.92
CA MET A 18 1.70 2.74 4.01
C MET A 18 0.75 3.27 5.07
N GLU A 19 1.28 3.69 6.23
CA GLU A 19 0.45 4.22 7.29
C GLU A 19 -0.31 5.48 6.88
N SER A 20 0.25 6.32 6.02
CA SER A 20 -0.42 7.55 5.57
C SER A 20 -1.64 7.19 4.72
N LEU A 21 -1.57 6.09 3.97
CA LEU A 21 -2.67 5.65 3.15
C LEU A 21 -3.76 5.09 4.06
N ILE A 22 -3.37 4.14 4.91
CA ILE A 22 -4.28 3.48 5.83
C ILE A 22 -4.98 4.49 6.72
N ASP A 23 -4.26 5.46 7.27
CA ASP A 23 -4.78 6.50 8.16
C ASP A 23 -5.92 7.27 7.48
N LYS A 24 -5.84 7.45 6.16
CA LYS A 24 -6.90 8.16 5.45
C LYS A 24 -7.95 7.16 4.95
N GLY A 25 -7.67 5.87 4.94
CA GLY A 25 -8.58 4.84 4.46
C GLY A 25 -8.32 4.54 2.99
N LYS A 26 -7.07 4.62 2.52
CA LYS A 26 -6.69 4.32 1.14
C LYS A 26 -6.25 2.86 1.09
N LEU A 27 -7.19 1.91 1.20
CA LEU A 27 -6.89 0.48 1.16
C LEU A 27 -6.92 -0.09 -0.26
N ASP A 28 -7.31 0.72 -1.26
CA ASP A 28 -7.39 0.31 -2.67
C ASP A 28 -6.04 0.57 -3.33
N GLN A 29 -5.04 0.99 -2.56
CA GLN A 29 -3.72 1.28 -3.04
C GLN A 29 -2.72 1.04 -1.92
N VAL A 30 -1.44 0.99 -2.29
CA VAL A 30 -0.33 0.77 -1.39
C VAL A 30 0.93 1.48 -1.88
N VAL A 31 1.97 1.55 -1.02
CA VAL A 31 3.24 2.14 -1.39
C VAL A 31 4.31 1.05 -1.23
N TYR A 32 5.32 1.09 -2.08
CA TYR A 32 6.44 0.17 -2.08
C TYR A 32 7.54 0.85 -2.87
N ASP A 33 8.78 0.73 -2.40
CA ASP A 33 9.95 1.32 -3.03
C ASP A 33 9.75 2.82 -3.30
N ASP A 34 8.99 3.50 -2.42
CA ASP A 34 8.61 4.92 -2.42
C ASP A 34 7.62 5.34 -3.52
N GLN A 35 6.99 4.36 -4.16
CA GLN A 35 6.07 4.53 -5.26
C GLN A 35 4.66 4.28 -4.78
N LEU A 36 3.68 4.68 -5.57
CA LEU A 36 2.27 4.54 -5.25
C LEU A 36 1.61 3.69 -6.31
N TYR A 37 0.99 2.58 -5.92
CA TYR A 37 0.31 1.68 -6.84
C TYR A 37 -1.17 1.54 -6.49
N HIS A 38 -2.04 1.51 -7.49
CA HIS A 38 -3.49 1.40 -7.37
C HIS A 38 -3.88 -0.03 -7.69
N LEU A 39 -4.62 -0.68 -6.81
CA LEU A 39 -5.07 -2.05 -7.07
C LEU A 39 -6.10 -1.96 -8.20
N LYS A 40 -6.14 -2.92 -9.12
CA LYS A 40 -7.07 -2.92 -10.28
C LYS A 40 -7.90 -4.18 -10.30
N GLU A 41 -7.21 -5.30 -10.16
CA GLU A 41 -7.87 -6.60 -10.15
C GLU A 41 -7.14 -7.62 -9.29
N LYS A 42 -7.78 -8.76 -9.04
CA LYS A 42 -7.22 -9.87 -8.28
C LYS A 42 -6.71 -10.85 -9.33
N VAL A 43 -5.64 -11.56 -9.04
CA VAL A 43 -5.03 -12.52 -9.95
C VAL A 43 -4.57 -13.74 -9.15
N ASP A 44 -4.10 -14.77 -9.84
CA ASP A 44 -3.62 -16.00 -9.22
C ASP A 44 -2.10 -15.96 -9.08
N GLU A 45 -1.53 -16.93 -8.37
CA GLU A 45 -0.10 -17.04 -8.14
C GLU A 45 0.63 -17.44 -9.41
N ASP A 46 -0.07 -18.03 -10.38
CA ASP A 46 0.55 -18.46 -11.62
C ASP A 46 0.78 -17.27 -12.54
N LYS A 47 0.10 -16.16 -12.25
CA LYS A 47 0.18 -14.94 -13.04
C LYS A 47 1.42 -14.13 -12.68
N LYS A 48 2.04 -14.40 -11.54
CA LYS A 48 3.23 -13.67 -11.13
C LYS A 48 4.32 -13.92 -12.15
N GLY A 49 4.91 -12.86 -12.69
CA GLY A 49 5.97 -12.98 -13.67
C GLY A 49 7.31 -13.25 -12.98
N LYS A 50 7.44 -12.83 -11.72
CA LYS A 50 8.63 -12.93 -10.86
C LYS A 50 8.40 -12.11 -9.60
N VAL A 51 9.17 -12.32 -8.54
CA VAL A 51 9.08 -11.54 -7.31
C VAL A 51 10.01 -10.35 -7.57
N ILE A 52 9.73 -9.23 -6.89
CA ILE A 52 10.53 -8.01 -6.99
C ILE A 52 10.76 -7.42 -5.59
N GLY A 53 9.80 -7.62 -4.68
CA GLY A 53 9.89 -7.10 -3.32
C GLY A 53 8.86 -7.80 -2.46
N ALA A 54 8.63 -7.32 -1.24
CA ALA A 54 7.70 -7.79 -0.25
C ALA A 54 7.28 -6.64 0.66
N ILE A 55 5.98 -6.41 0.85
CA ILE A 55 5.52 -5.35 1.74
C ILE A 55 5.67 -5.93 3.16
N GLY A 56 5.01 -7.06 3.45
CA GLY A 56 5.05 -7.75 4.74
C GLY A 56 4.61 -6.95 5.96
N GLN A 57 4.14 -5.71 5.80
CA GLN A 57 3.71 -4.87 6.90
C GLN A 57 2.38 -5.40 7.44
N THR A 58 1.96 -4.94 8.62
CA THR A 58 0.70 -5.36 9.23
C THR A 58 0.24 -4.23 10.13
N PHE A 59 -0.99 -3.77 9.94
CA PHE A 59 -1.55 -2.68 10.73
C PHE A 59 -3.00 -2.97 11.09
N PHE A 60 -3.62 -2.10 11.88
CA PHE A 60 -5.01 -2.21 12.30
C PHE A 60 -5.69 -0.84 12.25
N VAL A 61 -6.99 -0.83 11.97
CA VAL A 61 -7.82 0.36 11.92
C VAL A 61 -9.16 0.06 12.59
N ASP A 62 -9.90 1.13 12.90
CA ASP A 62 -11.20 1.10 13.55
C ASP A 62 -12.35 1.25 12.55
N GLY A 63 -13.57 1.38 13.06
CA GLY A 63 -14.78 1.53 12.29
C GLY A 63 -14.87 2.83 11.50
N ASP A 64 -14.05 3.83 11.82
CA ASP A 64 -14.04 5.12 11.11
C ASP A 64 -12.90 5.12 10.08
N GLY A 65 -11.91 4.25 10.25
CA GLY A 65 -10.77 4.10 9.38
C GLY A 65 -9.52 4.79 9.91
N LYS A 66 -9.37 4.96 11.23
CA LYS A 66 -8.21 5.60 11.82
C LYS A 66 -7.26 4.50 12.25
N ARG A 67 -5.95 4.76 12.17
CA ARG A 67 -4.90 3.84 12.54
C ARG A 67 -4.89 3.70 14.05
N TRP A 68 -4.91 2.46 14.53
CA TRP A 68 -4.87 2.20 15.96
C TRP A 68 -3.52 2.64 16.53
N SER A 69 -3.51 3.17 17.74
CA SER A 69 -2.31 3.62 18.43
C SER A 69 -1.64 2.38 19.02
N GLU A 70 -0.30 2.27 18.99
CA GLU A 70 0.40 1.09 19.52
C GLU A 70 0.13 0.86 21.02
N GLU A 71 -0.21 1.92 21.76
CA GLU A 71 -0.50 1.85 23.18
C GLU A 71 -1.82 1.07 23.37
N GLU A 72 -2.85 1.42 22.60
CA GLU A 72 -4.18 0.83 22.61
C GLU A 72 -4.13 -0.65 22.24
N LEU A 73 -3.09 -1.05 21.51
CA LEU A 73 -2.89 -2.44 21.10
C LEU A 73 -2.38 -3.28 22.28
N LYS A 74 -1.85 -2.67 23.33
CA LYS A 74 -1.37 -3.41 24.52
C LYS A 74 -2.54 -3.81 25.41
N GLU A 75 -3.69 -3.15 25.27
CA GLU A 75 -4.90 -3.41 26.07
C GLU A 75 -5.44 -4.84 25.84
N PRO A 76 -6.31 -5.33 26.73
CA PRO A 76 -6.90 -6.66 26.61
C PRO A 76 -8.16 -6.59 25.73
N TYR A 77 -8.67 -7.76 25.33
CA TYR A 77 -9.87 -7.88 24.50
C TYR A 77 -11.01 -7.11 25.14
N ILE A 78 -11.25 -7.40 26.42
CA ILE A 78 -12.27 -6.78 27.25
C ILE A 78 -11.75 -6.75 28.69
N SER A 79 -12.40 -5.92 29.49
CA SER A 79 -12.18 -5.69 30.89
C SER A 79 -13.58 -5.84 31.49
N ASN A 80 -14.24 -4.73 31.82
CA ASN A 80 -15.59 -4.66 32.39
C ASN A 80 -16.41 -3.54 31.72
N ASN A 81 -15.78 -2.88 30.74
CA ASN A 81 -16.19 -1.74 29.94
C ASN A 81 -16.06 -2.12 28.44
N PRO A 82 -16.94 -3.00 27.92
CA PRO A 82 -16.92 -3.46 26.53
C PRO A 82 -17.47 -2.45 25.50
N ASP A 83 -17.92 -1.27 25.94
CA ASP A 83 -18.49 -0.25 25.06
C ASP A 83 -17.48 0.79 24.62
N GLU A 84 -16.48 1.08 25.45
CA GLU A 84 -15.47 2.09 25.11
C GLU A 84 -14.64 1.66 23.90
N ILE A 85 -14.27 0.38 23.91
CA ILE A 85 -13.47 -0.28 22.89
C ILE A 85 -14.17 -0.24 21.54
N ARG A 86 -13.43 -0.50 20.48
CA ARG A 86 -13.95 -0.47 19.12
C ARG A 86 -13.45 -1.65 18.31
N GLU A 87 -14.03 -1.81 17.13
CA GLU A 87 -13.65 -2.86 16.18
C GLU A 87 -12.19 -2.63 15.78
N LYS A 88 -11.50 -3.71 15.42
CA LYS A 88 -10.09 -3.64 15.05
C LYS A 88 -9.87 -4.52 13.82
N LYS A 89 -9.86 -3.91 12.65
CA LYS A 89 -9.69 -4.52 11.33
C LYS A 89 -8.20 -4.75 11.04
N PRO A 90 -7.70 -5.99 11.05
CA PRO A 90 -6.31 -6.30 10.74
C PRO A 90 -6.09 -6.17 9.23
N LEU A 91 -4.95 -5.58 8.83
CA LEU A 91 -4.53 -5.36 7.46
C LEU A 91 -3.20 -6.08 7.34
N ARG A 92 -3.21 -7.31 6.82
CA ARG A 92 -2.02 -8.15 6.66
C ARG A 92 -1.51 -8.13 5.23
N TYR A 93 -0.40 -7.45 4.98
CA TYR A 93 0.20 -7.32 3.66
C TYR A 93 1.12 -8.50 3.33
N GLY A 94 1.17 -8.81 2.04
CA GLY A 94 1.81 -9.81 1.26
C GLY A 94 3.00 -9.39 0.41
N LYS A 95 3.73 -10.39 -0.09
CA LYS A 95 4.89 -10.18 -0.93
C LYS A 95 4.44 -9.54 -2.26
N VAL A 96 5.39 -9.00 -3.03
CA VAL A 96 5.14 -8.32 -4.30
C VAL A 96 5.81 -9.04 -5.46
N TYR A 97 5.15 -9.00 -6.61
CA TYR A 97 5.56 -9.64 -7.84
C TYR A 97 5.41 -8.65 -8.99
N SER A 98 5.93 -9.01 -10.15
CA SER A 98 5.86 -8.22 -11.38
C SER A 98 4.88 -8.96 -12.29
N THR A 99 4.43 -8.26 -13.31
CA THR A 99 3.50 -8.79 -14.31
C THR A 99 4.32 -9.53 -15.38
N ASN A 100 3.67 -10.29 -16.27
CA ASN A 100 4.35 -11.00 -17.35
C ASN A 100 4.58 -9.92 -18.40
N GLU A 101 5.61 -9.12 -18.19
CA GLU A 101 6.01 -8.00 -19.02
C GLU A 101 7.47 -8.16 -19.38
N ASP A 102 8.29 -8.36 -18.35
CA ASP A 102 9.72 -8.53 -18.33
C ASP A 102 10.44 -7.57 -19.29
N SER A 103 10.14 -6.28 -19.14
CA SER A 103 10.67 -5.14 -19.90
C SER A 103 10.91 -3.96 -18.96
N ASP A 104 11.53 -2.90 -19.47
CA ASP A 104 11.90 -1.69 -18.73
C ASP A 104 10.73 -0.85 -18.22
N ALA A 105 9.53 -1.08 -18.74
CA ALA A 105 8.30 -0.39 -18.37
C ALA A 105 8.05 -0.55 -16.87
N LYS A 106 7.61 -1.75 -16.42
CA LYS A 106 7.36 -2.01 -15.00
C LYS A 106 6.31 -1.02 -14.47
N ASP A 107 5.23 -0.78 -15.22
CA ASP A 107 4.21 0.18 -14.75
C ASP A 107 3.25 -0.53 -13.81
N GLU A 108 3.07 -1.83 -13.99
CA GLU A 108 2.17 -2.62 -13.21
C GLU A 108 2.95 -3.74 -12.55
N ILE A 109 2.55 -4.04 -11.33
CA ILE A 109 3.12 -5.06 -10.47
C ILE A 109 1.95 -5.77 -9.78
N ILE A 110 2.21 -6.73 -8.90
CA ILE A 110 1.18 -7.48 -8.21
C ILE A 110 1.50 -7.48 -6.72
N VAL A 111 0.64 -6.87 -5.91
CA VAL A 111 0.77 -6.78 -4.46
C VAL A 111 -0.17 -7.80 -3.81
N GLU A 112 0.34 -8.59 -2.87
CA GLU A 112 -0.48 -9.57 -2.18
C GLU A 112 -1.08 -8.87 -0.94
N PHE A 113 -2.32 -9.17 -0.61
CA PHE A 113 -3.02 -8.64 0.53
C PHE A 113 -3.94 -9.74 1.01
N ASN A 114 -3.94 -10.02 2.32
CA ASN A 114 -4.78 -11.05 2.94
C ASN A 114 -4.65 -12.42 2.22
N ARG A 115 -3.45 -12.76 1.71
CA ARG A 115 -3.11 -14.01 0.99
C ARG A 115 -3.64 -14.08 -0.44
N GLU A 116 -4.19 -12.99 -0.97
CA GLU A 116 -4.76 -12.88 -2.30
C GLU A 116 -3.85 -11.93 -3.07
N TYR A 117 -3.51 -12.28 -4.31
CA TYR A 117 -2.63 -11.47 -5.15
C TYR A 117 -3.46 -10.47 -5.95
N TYR A 118 -3.09 -9.18 -5.92
CA TYR A 118 -3.82 -8.12 -6.64
C TYR A 118 -2.91 -7.35 -7.56
N ARG A 119 -3.23 -7.34 -8.86
CA ARG A 119 -2.45 -6.61 -9.85
C ARG A 119 -2.72 -5.14 -9.60
N ALA A 120 -1.66 -4.36 -9.40
CA ALA A 120 -1.69 -2.94 -9.14
C ALA A 120 -0.94 -2.17 -10.23
N VAL A 121 -1.20 -0.88 -10.37
CA VAL A 121 -0.62 0.00 -11.39
C VAL A 121 -0.03 1.26 -10.80
N LEU A 122 1.06 1.74 -11.39
CA LEU A 122 1.78 2.94 -11.01
C LEU A 122 0.82 4.13 -11.17
N ILE A 123 0.55 4.87 -10.08
CA ILE A 123 -0.39 6.00 -10.08
C ILE A 123 0.33 7.26 -10.50
N LYS A 124 1.46 7.52 -9.85
CA LYS A 124 2.33 8.66 -10.05
C LYS A 124 2.67 8.91 -11.53
N ASN A 125 2.57 7.86 -12.36
CA ASN A 125 2.81 7.83 -13.79
C ASN A 125 1.66 8.54 -14.51
N GLU A 126 0.43 8.02 -14.39
CA GLU A 126 -0.77 8.58 -15.01
C GLU A 126 -1.29 9.85 -14.30
N LYS A 127 -0.62 10.25 -13.21
CA LYS A 127 -0.90 11.44 -12.39
C LYS A 127 -0.41 12.70 -13.10
N GLU A 128 -0.12 12.57 -14.38
CA GLU A 128 0.34 13.68 -15.19
C GLU A 128 -0.78 14.71 -15.29
N GLY A 1 8.28 31.12 -6.40
CA GLY A 1 7.50 32.03 -7.26
C GLY A 1 7.45 31.44 -8.65
N SER A 2 6.30 31.48 -9.33
CA SER A 2 6.14 30.92 -10.67
C SER A 2 7.19 31.51 -11.63
N THR A 3 8.13 30.70 -12.09
CA THR A 3 9.21 31.03 -13.00
C THR A 3 9.59 29.70 -13.66
N MET A 4 8.86 29.38 -14.73
CA MET A 4 9.03 28.17 -15.52
C MET A 4 10.36 28.19 -16.29
N HIS A 5 10.78 27.03 -16.80
CA HIS A 5 11.99 26.87 -17.57
C HIS A 5 11.79 25.68 -18.51
N PHE A 6 12.26 25.79 -19.76
CA PHE A 6 12.14 24.71 -20.74
C PHE A 6 13.31 23.76 -20.51
N THR A 7 13.07 22.70 -19.75
CA THR A 7 14.03 21.67 -19.39
C THR A 7 13.33 20.30 -19.48
N ASP A 8 14.06 19.24 -19.13
CA ASP A 8 13.55 17.87 -19.15
C ASP A 8 12.51 17.62 -18.07
N ASP A 9 11.96 16.40 -18.09
CA ASP A 9 10.97 15.89 -17.17
C ASP A 9 11.61 15.77 -15.78
N ASN A 10 10.78 15.62 -14.75
CA ASN A 10 11.26 15.52 -13.38
C ASN A 10 10.41 14.52 -12.62
N GLU A 11 11.06 13.71 -11.79
CA GLU A 11 10.43 12.70 -10.97
C GLU A 11 9.45 13.39 -10.01
N ASN A 12 8.23 12.86 -9.92
CA ASN A 12 7.16 13.36 -9.05
C ASN A 12 6.57 12.12 -8.40
N ASP A 13 7.28 11.67 -7.36
CA ASP A 13 6.91 10.48 -6.59
C ASP A 13 5.75 10.74 -5.65
N THR A 14 5.46 9.80 -4.74
CA THR A 14 4.32 9.95 -3.83
C THR A 14 4.66 10.66 -2.52
N SER A 15 5.87 10.46 -2.04
CA SER A 15 6.43 11.02 -0.82
C SER A 15 5.54 10.71 0.38
N GLU A 16 5.14 9.45 0.49
CA GLU A 16 4.30 8.94 1.56
C GLU A 16 4.76 7.52 1.88
N THR A 17 4.22 6.94 2.94
CA THR A 17 4.57 5.59 3.38
C THR A 17 3.27 4.79 3.49
N MET A 18 3.37 3.47 3.69
CA MET A 18 2.19 2.64 3.79
C MET A 18 1.26 3.12 4.91
N GLU A 19 1.85 3.62 6.00
CA GLU A 19 1.14 4.13 7.17
C GLU A 19 0.27 5.34 6.78
N SER A 20 0.81 6.30 6.02
CA SER A 20 0.09 7.50 5.59
C SER A 20 -1.16 7.12 4.81
N LEU A 21 -1.05 6.06 4.01
CA LEU A 21 -2.18 5.62 3.21
C LEU A 21 -3.31 5.16 4.11
N ILE A 22 -3.03 4.22 5.01
CA ILE A 22 -4.03 3.66 5.90
C ILE A 22 -4.62 4.76 6.78
N ASP A 23 -3.76 5.63 7.32
CA ASP A 23 -4.12 6.74 8.20
C ASP A 23 -5.18 7.64 7.56
N LYS A 24 -5.19 7.77 6.23
CA LYS A 24 -6.20 8.59 5.53
C LYS A 24 -7.31 7.72 4.95
N GLY A 25 -7.14 6.40 4.90
CA GLY A 25 -8.10 5.46 4.36
C GLY A 25 -7.83 5.13 2.90
N LYS A 26 -6.54 4.98 2.52
CA LYS A 26 -6.13 4.64 1.16
C LYS A 26 -5.90 3.12 1.15
N LEU A 27 -6.98 2.34 1.20
CA LEU A 27 -6.92 0.88 1.18
C LEU A 27 -6.98 0.34 -0.25
N ASP A 28 -7.10 1.20 -1.26
CA ASP A 28 -7.17 0.80 -2.68
C ASP A 28 -5.80 0.98 -3.34
N GLN A 29 -4.75 1.31 -2.59
CA GLN A 29 -3.41 1.53 -3.10
C GLN A 29 -2.37 1.24 -2.02
N VAL A 30 -1.11 1.01 -2.39
CA VAL A 30 -0.01 0.71 -1.44
C VAL A 30 1.30 1.38 -1.81
N VAL A 31 2.26 1.49 -0.87
CA VAL A 31 3.57 2.07 -1.09
C VAL A 31 4.65 1.00 -0.91
N TYR A 32 5.64 1.01 -1.80
CA TYR A 32 6.78 0.13 -1.85
C TYR A 32 7.80 0.87 -2.68
N ASP A 33 9.05 0.87 -2.21
CA ASP A 33 10.17 1.51 -2.89
C ASP A 33 9.88 2.98 -3.22
N ASP A 34 9.12 3.67 -2.36
CA ASP A 34 8.69 5.08 -2.49
C ASP A 34 7.80 5.29 -3.71
N GLN A 35 7.05 4.24 -4.07
CA GLN A 35 6.19 4.27 -5.23
C GLN A 35 4.80 3.93 -4.79
N LEU A 36 3.83 4.50 -5.48
CA LEU A 36 2.43 4.31 -5.16
C LEU A 36 1.73 3.68 -6.33
N TYR A 37 1.11 2.53 -6.06
CA TYR A 37 0.40 1.78 -7.07
C TYR A 37 -1.05 1.62 -6.64
N HIS A 38 -1.97 1.74 -7.58
CA HIS A 38 -3.40 1.64 -7.43
C HIS A 38 -3.83 0.22 -7.69
N LEU A 39 -4.54 -0.41 -6.76
CA LEU A 39 -5.04 -1.77 -6.94
C LEU A 39 -6.10 -1.70 -8.03
N LYS A 40 -6.15 -2.70 -8.92
CA LYS A 40 -7.11 -2.75 -10.02
C LYS A 40 -7.96 -3.99 -9.93
N GLU A 41 -7.29 -5.15 -9.90
CA GLU A 41 -7.99 -6.43 -9.81
C GLU A 41 -7.25 -7.47 -8.98
N LYS A 42 -7.93 -8.56 -8.66
CA LYS A 42 -7.38 -9.70 -7.92
C LYS A 42 -6.89 -10.63 -9.02
N VAL A 43 -5.71 -11.22 -8.83
CA VAL A 43 -5.09 -12.14 -9.77
C VAL A 43 -4.72 -13.44 -9.04
N ASP A 44 -4.20 -14.42 -9.77
CA ASP A 44 -3.77 -15.68 -9.19
C ASP A 44 -2.25 -15.66 -9.07
N GLU A 45 -1.70 -16.62 -8.33
CA GLU A 45 -0.26 -16.75 -8.16
C GLU A 45 0.36 -17.27 -9.44
N ASP A 46 -0.43 -17.70 -10.42
CA ASP A 46 0.07 -18.20 -11.69
C ASP A 46 0.21 -17.06 -12.69
N LYS A 47 -0.09 -15.82 -12.27
CA LYS A 47 -0.02 -14.63 -13.11
C LYS A 47 1.26 -13.81 -12.86
N LYS A 48 1.83 -13.96 -11.66
CA LYS A 48 3.05 -13.25 -11.26
C LYS A 48 4.27 -13.78 -12.00
N GLY A 49 4.98 -12.91 -12.70
CA GLY A 49 6.17 -13.31 -13.44
C GLY A 49 7.32 -13.68 -12.51
N LYS A 50 7.57 -12.85 -11.49
CA LYS A 50 8.67 -13.00 -10.54
C LYS A 50 8.49 -12.04 -9.38
N VAL A 51 9.17 -12.28 -8.25
CA VAL A 51 9.13 -11.42 -7.07
C VAL A 51 10.04 -10.23 -7.40
N ILE A 52 9.77 -9.08 -6.77
CA ILE A 52 10.55 -7.86 -6.94
C ILE A 52 10.88 -7.24 -5.58
N GLY A 53 10.00 -7.44 -4.59
CA GLY A 53 10.15 -6.93 -3.23
C GLY A 53 9.05 -7.53 -2.36
N ALA A 54 8.91 -7.12 -1.10
CA ALA A 54 7.91 -7.65 -0.20
C ALA A 54 7.43 -6.59 0.80
N ILE A 55 6.11 -6.35 0.91
CA ILE A 55 5.63 -5.35 1.87
C ILE A 55 5.99 -5.87 3.26
N GLY A 56 5.50 -7.06 3.63
CA GLY A 56 5.80 -7.67 4.92
C GLY A 56 5.48 -6.79 6.13
N GLN A 57 4.32 -6.13 6.15
CA GLN A 57 3.88 -5.28 7.24
C GLN A 57 2.47 -5.69 7.67
N THR A 58 2.07 -5.27 8.87
CA THR A 58 0.77 -5.49 9.46
C THR A 58 0.34 -4.23 10.20
N PHE A 59 -0.92 -3.78 10.08
CA PHE A 59 -1.48 -2.61 10.78
C PHE A 59 -2.96 -2.90 11.10
N PHE A 60 -3.64 -2.02 11.84
CA PHE A 60 -5.05 -2.16 12.21
C PHE A 60 -5.75 -0.81 12.22
N VAL A 61 -7.06 -0.78 11.92
CA VAL A 61 -7.88 0.43 11.95
C VAL A 61 -9.23 0.10 12.58
N ASP A 62 -10.01 1.13 12.90
CA ASP A 62 -11.34 1.03 13.49
C ASP A 62 -12.39 1.40 12.45
N GLY A 63 -13.67 1.49 12.85
CA GLY A 63 -14.75 1.85 11.95
C GLY A 63 -14.63 3.27 11.43
N ASP A 64 -13.92 4.16 12.14
CA ASP A 64 -13.70 5.54 11.69
C ASP A 64 -12.57 5.57 10.67
N GLY A 65 -11.76 4.50 10.65
CA GLY A 65 -10.62 4.31 9.76
C GLY A 65 -9.35 4.89 10.38
N LYS A 66 -9.27 4.98 11.72
CA LYS A 66 -8.12 5.54 12.40
C LYS A 66 -7.12 4.45 12.72
N ARG A 67 -5.84 4.76 12.53
CA ARG A 67 -4.73 3.85 12.79
C ARG A 67 -4.68 3.62 14.30
N TRP A 68 -4.92 2.38 14.74
CA TRP A 68 -4.88 2.07 16.17
C TRP A 68 -3.47 2.32 16.71
N SER A 69 -3.36 2.96 17.87
CA SER A 69 -2.08 3.23 18.51
C SER A 69 -1.56 1.90 19.05
N GLU A 70 -0.24 1.65 19.04
CA GLU A 70 0.30 0.38 19.54
C GLU A 70 0.00 0.17 21.02
N GLU A 71 -0.14 1.28 21.76
CA GLU A 71 -0.46 1.34 23.17
C GLU A 71 -1.84 0.73 23.34
N GLU A 72 -2.82 1.13 22.54
CA GLU A 72 -4.19 0.61 22.56
C GLU A 72 -4.20 -0.89 22.26
N LEU A 73 -3.25 -1.36 21.44
CA LEU A 73 -3.10 -2.77 21.08
C LEU A 73 -2.46 -3.54 22.25
N LYS A 74 -1.76 -2.88 23.17
CA LYS A 74 -1.12 -3.52 24.33
C LYS A 74 -1.94 -3.31 25.61
N GLU A 75 -2.93 -2.42 25.59
CA GLU A 75 -3.85 -2.07 26.68
C GLU A 75 -4.66 -3.32 27.08
N PRO A 76 -5.36 -3.30 28.22
CA PRO A 76 -6.16 -4.42 28.70
C PRO A 76 -7.44 -4.59 27.87
N TYR A 77 -8.32 -5.47 28.34
CA TYR A 77 -9.59 -5.80 27.73
C TYR A 77 -10.65 -5.76 28.82
N ILE A 78 -11.89 -5.54 28.40
CA ILE A 78 -13.06 -5.47 29.25
C ILE A 78 -14.17 -6.24 28.56
N SER A 79 -15.00 -6.90 29.37
CA SER A 79 -16.13 -7.70 28.89
C SER A 79 -17.42 -7.30 29.58
N ASN A 80 -17.36 -6.37 30.56
CA ASN A 80 -18.53 -5.89 31.29
C ASN A 80 -19.48 -5.15 30.34
N ASN A 81 -18.96 -4.80 29.16
CA ASN A 81 -19.65 -4.13 28.07
C ASN A 81 -18.76 -4.24 26.84
N PRO A 82 -18.97 -5.25 25.97
CA PRO A 82 -18.16 -5.40 24.77
C PRO A 82 -18.43 -4.31 23.72
N ASP A 83 -19.41 -3.43 23.95
CA ASP A 83 -19.76 -2.37 22.99
C ASP A 83 -18.90 -1.12 23.14
N GLU A 84 -18.21 -0.99 24.27
CA GLU A 84 -17.31 0.13 24.57
C GLU A 84 -16.11 0.07 23.62
N ILE A 85 -15.52 -1.12 23.53
CA ILE A 85 -14.35 -1.40 22.72
C ILE A 85 -14.69 -1.31 21.23
N ARG A 86 -13.90 -0.51 20.51
CA ARG A 86 -14.04 -0.23 19.08
C ARG A 86 -13.71 -1.46 18.22
N GLU A 87 -14.10 -1.45 16.93
CA GLU A 87 -13.77 -2.57 16.03
C GLU A 87 -12.28 -2.53 15.70
N LYS A 88 -11.72 -3.63 15.22
CA LYS A 88 -10.31 -3.70 14.89
C LYS A 88 -10.11 -4.52 13.61
N LYS A 89 -9.98 -3.82 12.49
CA LYS A 89 -9.80 -4.37 11.16
C LYS A 89 -8.31 -4.59 10.89
N PRO A 90 -7.79 -5.82 10.91
CA PRO A 90 -6.39 -6.09 10.64
C PRO A 90 -6.13 -5.89 9.13
N LEU A 91 -4.92 -5.48 8.80
CA LEU A 91 -4.43 -5.21 7.45
C LEU A 91 -3.09 -5.95 7.39
N ARG A 92 -3.05 -7.13 6.79
CA ARG A 92 -1.84 -7.96 6.67
C ARG A 92 -1.37 -7.88 5.22
N TYR A 93 -0.23 -7.25 4.96
CA TYR A 93 0.29 -7.13 3.61
C TYR A 93 1.31 -8.23 3.32
N GLY A 94 1.28 -8.65 2.06
CA GLY A 94 1.95 -9.64 1.31
C GLY A 94 3.15 -9.21 0.46
N LYS A 95 3.91 -10.19 0.00
CA LYS A 95 5.06 -9.94 -0.85
C LYS A 95 4.59 -9.35 -2.19
N VAL A 96 5.51 -8.77 -2.96
CA VAL A 96 5.25 -8.12 -4.25
C VAL A 96 5.90 -8.89 -5.39
N TYR A 97 5.27 -8.84 -6.55
CA TYR A 97 5.68 -9.51 -7.77
C TYR A 97 5.52 -8.55 -8.94
N SER A 98 5.98 -8.94 -10.12
CA SER A 98 5.88 -8.16 -11.34
C SER A 98 4.83 -8.83 -12.23
N THR A 99 4.17 -8.02 -13.04
CA THR A 99 3.17 -8.50 -13.97
C THR A 99 3.91 -9.24 -15.07
N ASN A 100 3.30 -10.26 -15.68
CA ASN A 100 3.96 -11.04 -16.72
C ASN A 100 4.03 -10.32 -18.08
N GLU A 101 4.50 -9.07 -18.10
CA GLU A 101 4.66 -8.28 -19.33
C GLU A 101 5.96 -8.70 -20.03
N ASP A 102 6.96 -9.04 -19.21
CA ASP A 102 8.33 -9.46 -19.54
C ASP A 102 9.07 -8.54 -20.52
N SER A 103 8.77 -7.24 -20.43
CA SER A 103 9.34 -6.15 -21.24
C SER A 103 9.97 -5.04 -20.39
N ASP A 104 9.98 -5.24 -19.06
CA ASP A 104 10.52 -4.36 -18.03
C ASP A 104 9.78 -3.03 -17.83
N ALA A 105 8.56 -2.93 -18.39
CA ALA A 105 7.68 -1.76 -18.30
C ALA A 105 7.71 -1.19 -16.87
N LYS A 106 7.54 -2.08 -15.88
CA LYS A 106 7.57 -1.76 -14.45
C LYS A 106 6.52 -0.72 -14.05
N ASP A 107 5.50 -0.49 -14.88
CA ASP A 107 4.49 0.50 -14.50
C ASP A 107 3.40 -0.20 -13.72
N GLU A 108 3.31 -1.53 -13.79
CA GLU A 108 2.33 -2.33 -13.09
C GLU A 108 3.07 -3.48 -12.45
N ILE A 109 2.62 -3.83 -11.25
CA ILE A 109 3.17 -4.90 -10.44
C ILE A 109 2.03 -5.62 -9.71
N ILE A 110 2.30 -6.62 -8.88
CA ILE A 110 1.29 -7.38 -8.15
C ILE A 110 1.61 -7.36 -6.65
N VAL A 111 0.72 -6.80 -5.85
CA VAL A 111 0.79 -6.66 -4.39
C VAL A 111 -0.10 -7.70 -3.74
N GLU A 112 0.43 -8.46 -2.79
CA GLU A 112 -0.38 -9.44 -2.07
C GLU A 112 -0.97 -8.73 -0.84
N PHE A 113 -2.22 -9.00 -0.50
CA PHE A 113 -2.91 -8.45 0.65
C PHE A 113 -3.90 -9.50 1.14
N ASN A 114 -4.15 -9.60 2.44
CA ASN A 114 -5.06 -10.59 3.05
C ASN A 114 -4.84 -12.01 2.47
N ARG A 115 -3.59 -12.37 2.12
CA ARG A 115 -3.16 -13.65 1.55
C ARG A 115 -3.70 -13.89 0.13
N GLU A 116 -4.09 -12.85 -0.59
CA GLU A 116 -4.63 -12.87 -1.95
C GLU A 116 -3.73 -11.97 -2.79
N TYR A 117 -3.51 -12.31 -4.06
CA TYR A 117 -2.64 -11.52 -4.93
C TYR A 117 -3.49 -10.53 -5.73
N TYR A 118 -3.12 -9.26 -5.76
CA TYR A 118 -3.84 -8.22 -6.49
C TYR A 118 -2.90 -7.54 -7.46
N ARG A 119 -3.35 -7.09 -8.63
CA ARG A 119 -2.51 -6.39 -9.61
C ARG A 119 -2.72 -4.90 -9.37
N ALA A 120 -1.62 -4.14 -9.33
CA ALA A 120 -1.62 -2.71 -9.10
C ALA A 120 -0.94 -1.98 -10.28
N VAL A 121 -1.15 -0.67 -10.37
CA VAL A 121 -0.59 0.21 -11.41
C VAL A 121 -0.05 1.53 -10.87
N LEU A 122 1.09 1.99 -11.37
CA LEU A 122 1.76 3.24 -11.00
C LEU A 122 0.77 4.33 -11.42
N ILE A 123 0.39 5.16 -10.46
CA ILE A 123 -0.61 6.20 -10.60
C ILE A 123 -0.11 7.42 -11.35
N LYS A 124 0.98 7.97 -10.84
CA LYS A 124 1.73 9.13 -11.27
C LYS A 124 2.09 9.05 -12.75
N ASN A 125 2.59 7.89 -13.15
CA ASN A 125 3.00 7.55 -14.49
C ASN A 125 1.80 7.77 -15.41
N GLU A 126 0.64 7.19 -15.06
CA GLU A 126 -0.58 7.39 -15.84
C GLU A 126 -1.21 8.73 -15.37
N LYS A 127 -2.44 9.02 -15.77
CA LYS A 127 -3.12 10.27 -15.39
C LYS A 127 -4.55 10.01 -14.90
N GLU A 128 -4.86 8.75 -14.55
CA GLU A 128 -6.18 8.36 -14.05
C GLU A 128 -6.31 8.62 -12.55
N GLY A 1 40.88 24.13 -27.06
CA GLY A 1 39.47 23.86 -27.42
C GLY A 1 38.58 24.45 -26.35
N SER A 2 37.35 23.96 -26.24
CA SER A 2 36.35 24.38 -25.28
C SER A 2 35.56 23.14 -24.86
N THR A 3 34.66 23.28 -23.90
CA THR A 3 33.82 22.21 -23.37
C THR A 3 32.39 22.75 -23.19
N MET A 4 31.48 21.89 -22.75
CA MET A 4 30.07 22.19 -22.51
C MET A 4 29.75 21.75 -21.07
N HIS A 5 28.48 21.84 -20.67
CA HIS A 5 28.00 21.44 -19.35
C HIS A 5 26.95 20.33 -19.52
N PHE A 6 26.37 19.88 -18.41
CA PHE A 6 25.36 18.83 -18.32
C PHE A 6 24.21 19.35 -17.45
N THR A 7 23.15 18.56 -17.29
CA THR A 7 22.03 18.94 -16.45
C THR A 7 21.53 17.68 -15.72
N ASP A 8 20.77 17.90 -14.66
CA ASP A 8 20.14 16.94 -13.77
C ASP A 8 18.70 16.73 -14.24
N ASP A 9 17.98 15.83 -13.58
CA ASP A 9 16.60 15.45 -13.82
C ASP A 9 15.84 15.47 -12.48
N ASN A 10 14.51 15.38 -12.52
CA ASN A 10 13.66 15.41 -11.32
C ASN A 10 12.61 14.32 -11.37
N GLU A 11 12.29 13.75 -10.21
CA GLU A 11 11.30 12.69 -10.05
C GLU A 11 9.98 13.28 -9.54
N ASN A 12 8.87 12.52 -9.63
CA ASN A 12 7.54 12.94 -9.19
C ASN A 12 6.83 11.78 -8.50
N ASP A 13 7.57 10.97 -7.74
CA ASP A 13 7.00 9.83 -7.04
C ASP A 13 6.24 10.31 -5.80
N THR A 14 5.36 9.48 -5.24
CA THR A 14 4.53 9.83 -4.08
C THR A 14 5.29 10.17 -2.81
N SER A 15 6.46 9.55 -2.63
CA SER A 15 7.36 9.75 -1.49
C SER A 15 6.67 9.65 -0.12
N GLU A 16 5.63 8.83 0.01
CA GLU A 16 4.85 8.63 1.24
C GLU A 16 5.10 7.24 1.85
N THR A 17 4.23 6.77 2.75
CA THR A 17 4.38 5.46 3.36
C THR A 17 3.03 4.75 3.45
N MET A 18 3.06 3.44 3.72
CA MET A 18 1.85 2.65 3.83
C MET A 18 0.97 3.20 4.95
N GLU A 19 1.57 3.56 6.09
CA GLU A 19 0.85 4.06 7.25
C GLU A 19 0.04 5.30 6.85
N SER A 20 0.62 6.22 6.07
CA SER A 20 -0.06 7.43 5.62
C SER A 20 -1.29 7.07 4.78
N LEU A 21 -1.19 6.04 3.95
CA LEU A 21 -2.30 5.61 3.11
C LEU A 21 -3.43 5.16 4.02
N ILE A 22 -3.14 4.23 4.93
CA ILE A 22 -4.14 3.70 5.85
C ILE A 22 -4.74 4.86 6.66
N ASP A 23 -3.89 5.73 7.20
CA ASP A 23 -4.22 6.90 8.01
C ASP A 23 -5.19 7.85 7.29
N LYS A 24 -5.30 7.82 5.96
CA LYS A 24 -6.26 8.66 5.22
C LYS A 24 -7.43 7.82 4.71
N GLY A 25 -7.31 6.49 4.73
CA GLY A 25 -8.34 5.59 4.25
C GLY A 25 -8.06 5.15 2.81
N LYS A 26 -6.79 4.99 2.42
CA LYS A 26 -6.39 4.53 1.07
C LYS A 26 -6.23 3.01 1.14
N LEU A 27 -7.34 2.28 1.32
CA LEU A 27 -7.36 0.82 1.43
C LEU A 27 -7.42 0.11 0.07
N ASP A 28 -7.39 0.86 -1.01
CA ASP A 28 -7.44 0.32 -2.39
C ASP A 28 -6.13 0.54 -3.12
N GLN A 29 -5.08 0.96 -2.41
CA GLN A 29 -3.78 1.24 -3.01
C GLN A 29 -2.68 1.08 -1.95
N VAL A 30 -1.42 0.93 -2.39
CA VAL A 30 -0.24 0.73 -1.54
C VAL A 30 1.00 1.48 -2.02
N VAL A 31 2.10 1.50 -1.24
CA VAL A 31 3.37 2.11 -1.61
C VAL A 31 4.43 1.02 -1.50
N TYR A 32 5.50 1.16 -2.27
CA TYR A 32 6.64 0.25 -2.27
C TYR A 32 7.74 0.96 -3.02
N ASP A 33 8.89 1.13 -2.37
CA ASP A 33 10.10 1.75 -2.93
C ASP A 33 9.90 3.20 -3.39
N ASP A 34 9.12 3.99 -2.63
CA ASP A 34 8.77 5.41 -2.86
C ASP A 34 7.68 5.61 -3.91
N GLN A 35 7.10 4.50 -4.41
CA GLN A 35 6.10 4.50 -5.46
C GLN A 35 4.71 4.29 -4.93
N LEU A 36 3.68 4.56 -5.75
CA LEU A 36 2.27 4.44 -5.38
C LEU A 36 1.56 3.58 -6.40
N TYR A 37 0.93 2.48 -5.98
CA TYR A 37 0.23 1.58 -6.89
C TYR A 37 -1.25 1.45 -6.51
N HIS A 38 -2.16 1.62 -7.48
CA HIS A 38 -3.61 1.51 -7.30
C HIS A 38 -4.01 0.09 -7.63
N LEU A 39 -4.74 -0.58 -6.72
CA LEU A 39 -5.19 -1.95 -6.94
C LEU A 39 -6.31 -1.94 -7.98
N LYS A 40 -6.32 -2.92 -8.89
CA LYS A 40 -7.33 -3.02 -9.95
C LYS A 40 -8.17 -4.29 -9.73
N GLU A 41 -7.55 -5.46 -9.81
CA GLU A 41 -8.27 -6.73 -9.62
C GLU A 41 -7.39 -7.76 -8.90
N LYS A 42 -8.02 -8.87 -8.50
CA LYS A 42 -7.40 -9.99 -7.82
C LYS A 42 -6.95 -10.94 -8.93
N VAL A 43 -5.72 -11.45 -8.85
CA VAL A 43 -5.17 -12.38 -9.82
C VAL A 43 -4.73 -13.67 -9.12
N ASP A 44 -4.47 -14.73 -9.88
CA ASP A 44 -4.02 -15.97 -9.28
C ASP A 44 -2.52 -15.87 -8.98
N GLU A 45 -2.05 -16.77 -8.14
CA GLU A 45 -0.66 -16.88 -7.74
C GLU A 45 0.19 -17.44 -8.86
N ASP A 46 -0.40 -18.05 -9.89
CA ASP A 46 0.39 -18.62 -10.99
C ASP A 46 0.60 -17.59 -12.10
N LYS A 47 -0.02 -16.40 -11.97
CA LYS A 47 0.10 -15.32 -12.93
C LYS A 47 1.39 -14.54 -12.69
N LYS A 48 1.92 -14.59 -11.48
CA LYS A 48 3.12 -13.85 -11.12
C LYS A 48 4.30 -14.17 -12.04
N GLY A 49 5.00 -13.14 -12.51
CA GLY A 49 6.16 -13.33 -13.36
C GLY A 49 7.34 -13.74 -12.48
N LYS A 50 7.61 -12.94 -11.45
CA LYS A 50 8.70 -13.11 -10.49
C LYS A 50 8.48 -12.14 -9.34
N VAL A 51 9.19 -12.33 -8.23
CA VAL A 51 9.13 -11.44 -7.06
C VAL A 51 10.07 -10.27 -7.39
N ILE A 52 9.78 -9.11 -6.81
CA ILE A 52 10.58 -7.89 -6.98
C ILE A 52 10.74 -7.16 -5.63
N GLY A 53 9.72 -7.21 -4.78
CA GLY A 53 9.75 -6.54 -3.48
C GLY A 53 8.83 -7.24 -2.49
N ALA A 54 8.72 -6.76 -1.26
CA ALA A 54 7.87 -7.35 -0.25
C ALA A 54 7.37 -6.35 0.79
N ILE A 55 6.05 -6.13 0.86
CA ILE A 55 5.52 -5.21 1.85
C ILE A 55 5.55 -5.99 3.17
N GLY A 56 4.85 -7.13 3.22
CA GLY A 56 4.79 -8.04 4.37
C GLY A 56 4.44 -7.45 5.76
N GLN A 57 4.01 -6.20 5.88
CA GLN A 57 3.68 -5.55 7.14
C GLN A 57 2.28 -5.90 7.65
N THR A 58 1.93 -5.50 8.87
CA THR A 58 0.61 -5.72 9.47
C THR A 58 0.27 -4.48 10.30
N PHE A 59 -0.96 -3.98 10.18
CA PHE A 59 -1.46 -2.80 10.89
C PHE A 59 -2.95 -3.00 11.21
N PHE A 60 -3.57 -2.10 12.00
CA PHE A 60 -5.01 -2.18 12.33
C PHE A 60 -5.73 -0.83 12.29
N VAL A 61 -7.05 -0.84 12.03
CA VAL A 61 -7.89 0.36 12.01
C VAL A 61 -9.21 0.06 12.70
N ASP A 62 -10.02 1.08 12.97
CA ASP A 62 -11.32 0.99 13.60
C ASP A 62 -12.39 1.35 12.55
N GLY A 63 -13.66 1.46 12.96
CA GLY A 63 -14.78 1.81 12.09
C GLY A 63 -14.66 3.25 11.56
N ASP A 64 -13.89 4.09 12.23
CA ASP A 64 -13.65 5.47 11.86
C ASP A 64 -12.45 5.54 10.91
N GLY A 65 -11.83 4.39 10.63
CA GLY A 65 -10.70 4.26 9.74
C GLY A 65 -9.49 4.94 10.35
N LYS A 66 -9.37 4.95 11.68
CA LYS A 66 -8.27 5.55 12.41
C LYS A 66 -7.26 4.46 12.68
N ARG A 67 -5.98 4.76 12.46
CA ARG A 67 -4.90 3.82 12.68
C ARG A 67 -4.76 3.66 14.18
N TRP A 68 -4.90 2.43 14.65
CA TRP A 68 -4.80 2.13 16.07
C TRP A 68 -3.40 2.44 16.57
N SER A 69 -3.31 3.11 17.72
CA SER A 69 -2.03 3.43 18.34
C SER A 69 -1.48 2.11 18.83
N GLU A 70 -0.18 1.83 18.67
CA GLU A 70 0.38 0.57 19.15
C GLU A 70 0.18 0.46 20.66
N GLU A 71 0.05 1.59 21.37
CA GLU A 71 -0.17 1.61 22.79
C GLU A 71 -1.55 1.03 23.12
N GLU A 72 -2.55 1.37 22.32
CA GLU A 72 -3.93 0.90 22.49
C GLU A 72 -3.99 -0.61 22.20
N LEU A 73 -3.06 -1.14 21.39
CA LEU A 73 -3.02 -2.56 21.10
C LEU A 73 -2.58 -3.34 22.36
N LYS A 74 -1.97 -2.68 23.36
CA LYS A 74 -1.52 -3.31 24.60
C LYS A 74 -2.67 -3.38 25.61
N GLU A 75 -3.76 -2.63 25.40
CA GLU A 75 -4.92 -2.58 26.28
C GLU A 75 -5.50 -3.98 26.55
N PRO A 76 -6.29 -4.14 27.63
CA PRO A 76 -6.89 -5.41 27.98
C PRO A 76 -8.05 -5.63 27.02
N TYR A 77 -7.86 -6.56 26.09
CA TYR A 77 -8.84 -6.90 25.08
C TYR A 77 -10.13 -7.44 25.71
N ILE A 78 -10.00 -8.40 26.62
CA ILE A 78 -11.14 -8.99 27.32
C ILE A 78 -11.79 -7.93 28.21
N SER A 79 -13.12 -7.90 28.26
CA SER A 79 -13.92 -6.99 29.04
C SER A 79 -15.34 -7.57 29.16
N ASN A 80 -16.03 -7.27 30.26
CA ASN A 80 -17.41 -7.76 30.48
C ASN A 80 -18.40 -7.06 29.54
N ASN A 81 -17.96 -5.97 28.92
CA ASN A 81 -18.64 -5.08 28.00
C ASN A 81 -18.03 -5.26 26.59
N PRO A 82 -18.33 -6.35 25.87
CA PRO A 82 -17.77 -6.58 24.53
C PRO A 82 -18.23 -5.58 23.48
N ASP A 83 -19.31 -4.83 23.74
CA ASP A 83 -19.84 -3.84 22.80
C ASP A 83 -19.08 -2.52 22.88
N GLU A 84 -18.42 -2.27 24.01
CA GLU A 84 -17.63 -1.08 24.33
C GLU A 84 -16.22 -1.10 23.76
N ILE A 85 -15.76 -2.22 23.19
CA ILE A 85 -14.42 -2.29 22.60
C ILE A 85 -14.58 -2.00 21.11
N ARG A 86 -13.83 -1.00 20.63
CA ARG A 86 -13.86 -0.57 19.24
C ARG A 86 -13.47 -1.70 18.30
N GLU A 87 -13.97 -1.67 17.06
CA GLU A 87 -13.63 -2.71 16.11
C GLU A 87 -12.15 -2.59 15.75
N LYS A 88 -11.58 -3.68 15.23
CA LYS A 88 -10.18 -3.73 14.86
C LYS A 88 -10.07 -4.52 13.56
N LYS A 89 -9.84 -3.83 12.45
CA LYS A 89 -9.69 -4.39 11.13
C LYS A 89 -8.21 -4.64 10.86
N PRO A 90 -7.72 -5.89 10.88
CA PRO A 90 -6.34 -6.20 10.60
C PRO A 90 -6.08 -6.05 9.10
N LEU A 91 -4.92 -5.49 8.74
CA LEU A 91 -4.50 -5.27 7.36
C LEU A 91 -3.17 -6.01 7.25
N ARG A 92 -3.17 -7.21 6.65
CA ARG A 92 -1.98 -8.04 6.47
C ARG A 92 -1.46 -7.82 5.07
N TYR A 93 -0.32 -7.16 4.92
CA TYR A 93 0.29 -6.90 3.63
C TYR A 93 1.15 -8.10 3.25
N GLY A 94 1.27 -8.33 1.96
CA GLY A 94 1.91 -9.36 1.22
C GLY A 94 3.08 -8.95 0.35
N LYS A 95 3.83 -9.96 -0.10
CA LYS A 95 4.98 -9.76 -0.96
C LYS A 95 4.52 -9.20 -2.33
N VAL A 96 5.45 -8.67 -3.12
CA VAL A 96 5.16 -8.07 -4.43
C VAL A 96 5.81 -8.86 -5.56
N TYR A 97 5.10 -8.94 -6.68
CA TYR A 97 5.49 -9.63 -7.88
C TYR A 97 5.36 -8.70 -9.08
N SER A 98 5.96 -9.08 -10.21
CA SER A 98 5.97 -8.32 -11.44
C SER A 98 4.95 -8.85 -12.45
N THR A 99 4.38 -7.96 -13.27
CA THR A 99 3.37 -8.29 -14.29
C THR A 99 3.99 -8.74 -15.62
N ASN A 100 4.74 -9.83 -15.58
CA ASN A 100 5.45 -10.43 -16.74
C ASN A 100 6.26 -9.38 -17.51
N GLU A 101 6.69 -8.33 -16.82
CA GLU A 101 7.43 -7.16 -17.29
C GLU A 101 8.45 -7.43 -18.37
N ASP A 102 9.50 -8.15 -17.98
CA ASP A 102 10.65 -8.53 -18.81
C ASP A 102 11.31 -7.34 -19.54
N SER A 103 11.07 -6.09 -19.10
CA SER A 103 11.59 -4.88 -19.71
C SER A 103 11.88 -3.80 -18.66
N ASP A 104 12.14 -2.57 -19.09
CA ASP A 104 12.43 -1.41 -18.25
C ASP A 104 11.19 -0.52 -18.06
N ALA A 105 9.98 -1.05 -18.30
CA ALA A 105 8.74 -0.31 -18.12
C ALA A 105 8.51 -0.19 -16.61
N LYS A 106 8.36 -1.33 -15.94
CA LYS A 106 8.16 -1.41 -14.49
C LYS A 106 7.04 -0.46 -14.00
N ASP A 107 5.87 -0.47 -14.65
CA ASP A 107 4.74 0.39 -14.29
C ASP A 107 3.56 -0.40 -13.73
N GLU A 108 3.53 -1.73 -13.78
CA GLU A 108 2.42 -2.51 -13.23
C GLU A 108 3.02 -3.61 -12.37
N ILE A 109 2.42 -3.95 -11.24
CA ILE A 109 2.91 -4.96 -10.31
C ILE A 109 1.75 -5.71 -9.71
N ILE A 110 2.04 -6.68 -8.84
CA ILE A 110 1.02 -7.46 -8.18
C ILE A 110 1.37 -7.45 -6.70
N VAL A 111 0.54 -6.78 -5.90
CA VAL A 111 0.66 -6.63 -4.46
C VAL A 111 -0.24 -7.64 -3.76
N GLU A 112 0.31 -8.37 -2.80
CA GLU A 112 -0.49 -9.33 -2.06
C GLU A 112 -1.09 -8.59 -0.85
N PHE A 113 -2.33 -8.90 -0.47
CA PHE A 113 -3.03 -8.34 0.66
C PHE A 113 -3.91 -9.46 1.21
N ASN A 114 -3.86 -9.74 2.51
CA ASN A 114 -4.63 -10.80 3.17
C ASN A 114 -4.47 -12.11 2.37
N ARG A 115 -3.23 -12.48 2.02
CA ARG A 115 -2.85 -13.69 1.28
C ARG A 115 -3.36 -13.76 -0.17
N GLU A 116 -4.00 -12.73 -0.68
CA GLU A 116 -4.57 -12.65 -2.01
C GLU A 116 -3.74 -11.69 -2.83
N TYR A 117 -3.44 -12.04 -4.06
CA TYR A 117 -2.63 -11.22 -4.96
C TYR A 117 -3.50 -10.26 -5.76
N TYR A 118 -3.17 -8.98 -5.79
CA TYR A 118 -3.94 -7.95 -6.49
C TYR A 118 -3.06 -7.21 -7.49
N ARG A 119 -3.46 -7.23 -8.77
CA ARG A 119 -2.74 -6.53 -9.80
C ARG A 119 -2.95 -5.05 -9.52
N ALA A 120 -1.88 -4.28 -9.55
CA ALA A 120 -1.87 -2.85 -9.30
C ALA A 120 -1.11 -2.10 -10.40
N VAL A 121 -1.35 -0.79 -10.55
CA VAL A 121 -0.70 0.06 -11.55
C VAL A 121 -0.03 1.23 -10.88
N LEU A 122 1.14 1.66 -11.39
CA LEU A 122 1.87 2.82 -10.90
C LEU A 122 0.90 3.96 -11.21
N ILE A 123 0.56 4.76 -10.20
CA ILE A 123 -0.44 5.81 -10.38
C ILE A 123 0.24 7.04 -10.92
N LYS A 124 1.35 7.41 -10.29
CA LYS A 124 2.16 8.57 -10.61
C LYS A 124 2.57 8.64 -12.09
N ASN A 125 2.56 7.50 -12.77
CA ASN A 125 2.88 7.35 -14.19
C ASN A 125 1.84 8.04 -15.07
N GLU A 126 0.62 8.21 -14.55
CA GLU A 126 -0.52 8.86 -15.16
C GLU A 126 -0.87 10.06 -14.28
N LYS A 127 -1.77 10.94 -14.72
CA LYS A 127 -2.18 12.13 -13.97
C LYS A 127 -3.64 12.51 -14.19
N GLU A 128 -4.45 11.55 -14.62
CA GLU A 128 -5.88 11.67 -14.89
C GLU A 128 -6.48 10.40 -14.34
N GLY A 1 38.45 33.09 -7.04
CA GLY A 1 37.23 32.25 -7.05
C GLY A 1 36.92 31.89 -8.48
N SER A 2 36.23 30.77 -8.70
CA SER A 2 35.84 30.27 -10.02
C SER A 2 34.50 29.53 -9.85
N THR A 3 33.87 29.14 -10.96
CA THR A 3 32.60 28.42 -10.96
C THR A 3 32.49 27.69 -12.30
N MET A 4 31.46 26.87 -12.46
CA MET A 4 31.13 26.10 -13.66
C MET A 4 29.61 25.95 -13.69
N HIS A 5 29.02 25.66 -14.85
CA HIS A 5 27.58 25.50 -14.96
C HIS A 5 27.25 24.05 -14.58
N PHE A 6 26.25 23.87 -13.70
CA PHE A 6 25.80 22.57 -13.24
C PHE A 6 24.29 22.63 -13.06
N THR A 7 23.64 21.46 -13.08
CA THR A 7 22.20 21.32 -12.95
C THR A 7 21.88 20.12 -12.05
N ASP A 8 20.63 20.00 -11.62
CA ASP A 8 20.12 18.94 -10.79
C ASP A 8 18.69 18.66 -11.24
N ASP A 9 18.07 17.58 -10.77
CA ASP A 9 16.72 17.14 -11.11
C ASP A 9 15.99 16.70 -9.85
N ASN A 10 14.70 16.37 -10.00
CA ASN A 10 13.85 15.88 -8.92
C ASN A 10 12.75 15.04 -9.56
N GLU A 11 12.16 14.12 -8.82
CA GLU A 11 11.09 13.25 -9.30
C GLU A 11 9.71 13.87 -9.06
N ASN A 12 8.67 13.12 -9.42
CA ASN A 12 7.25 13.43 -9.30
C ASN A 12 6.65 12.12 -8.84
N ASP A 13 6.65 11.92 -7.53
CA ASP A 13 6.16 10.73 -6.84
C ASP A 13 5.18 11.08 -5.72
N THR A 14 4.73 10.07 -4.96
CA THR A 14 3.79 10.28 -3.87
C THR A 14 4.46 10.78 -2.59
N SER A 15 5.67 10.30 -2.30
CA SER A 15 6.48 10.60 -1.13
C SER A 15 5.63 10.44 0.14
N GLU A 16 5.04 9.25 0.30
CA GLU A 16 4.19 8.90 1.43
C GLU A 16 4.48 7.44 1.80
N THR A 17 3.82 6.91 2.83
CA THR A 17 4.04 5.53 3.26
C THR A 17 2.72 4.81 3.38
N MET A 18 2.81 3.49 3.58
CA MET A 18 1.67 2.62 3.69
C MET A 18 0.68 3.07 4.78
N GLU A 19 1.18 3.49 5.93
CA GLU A 19 0.32 3.94 7.03
C GLU A 19 -0.46 5.18 6.65
N SER A 20 0.16 6.14 5.98
CA SER A 20 -0.48 7.37 5.56
C SER A 20 -1.67 7.06 4.67
N LEU A 21 -1.60 5.99 3.88
CA LEU A 21 -2.68 5.58 3.01
C LEU A 21 -3.85 5.16 3.89
N ILE A 22 -3.60 4.20 4.78
CA ILE A 22 -4.62 3.68 5.67
C ILE A 22 -5.25 4.81 6.48
N ASP A 23 -4.43 5.68 7.06
CA ASP A 23 -4.82 6.82 7.89
C ASP A 23 -5.78 7.79 7.18
N LYS A 24 -5.88 7.73 5.85
CA LYS A 24 -6.78 8.57 5.06
C LYS A 24 -7.92 7.73 4.45
N GLY A 25 -7.80 6.41 4.48
CA GLY A 25 -8.78 5.48 3.94
C GLY A 25 -8.39 5.03 2.53
N LYS A 26 -7.10 4.97 2.19
CA LYS A 26 -6.62 4.54 0.88
C LYS A 26 -6.39 3.02 0.94
N LEU A 27 -7.48 2.24 0.98
CA LEU A 27 -7.45 0.77 1.06
C LEU A 27 -7.43 0.09 -0.31
N ASP A 28 -7.39 0.87 -1.40
CA ASP A 28 -7.40 0.39 -2.78
C ASP A 28 -6.06 0.64 -3.48
N GLN A 29 -5.03 1.07 -2.74
CA GLN A 29 -3.71 1.35 -3.26
C GLN A 29 -2.65 1.09 -2.17
N VAL A 30 -1.40 0.90 -2.57
CA VAL A 30 -0.29 0.63 -1.64
C VAL A 30 0.99 1.36 -2.04
N VAL A 31 1.99 1.36 -1.14
CA VAL A 31 3.28 1.97 -1.36
C VAL A 31 4.38 0.93 -1.16
N TYR A 32 5.37 0.91 -2.05
CA TYR A 32 6.54 0.03 -2.05
C TYR A 32 7.61 0.80 -2.80
N ASP A 33 8.82 0.80 -2.27
CA ASP A 33 9.99 1.47 -2.84
C ASP A 33 9.75 2.94 -3.11
N ASP A 34 8.95 3.57 -2.25
CA ASP A 34 8.59 4.98 -2.36
C ASP A 34 7.73 5.22 -3.61
N GLN A 35 6.94 4.24 -4.02
CA GLN A 35 6.09 4.33 -5.20
C GLN A 35 4.68 4.06 -4.79
N LEU A 36 3.72 4.50 -5.61
CA LEU A 36 2.30 4.34 -5.32
C LEU A 36 1.65 3.51 -6.40
N TYR A 37 1.02 2.42 -6.00
CA TYR A 37 0.36 1.49 -6.91
C TYR A 37 -1.12 1.37 -6.62
N HIS A 38 -1.96 1.51 -7.64
CA HIS A 38 -3.41 1.42 -7.58
C HIS A 38 -3.82 0.00 -7.87
N LEU A 39 -4.62 -0.62 -7.01
CA LEU A 39 -5.08 -1.99 -7.21
C LEU A 39 -6.24 -1.95 -8.21
N LYS A 40 -6.21 -2.78 -9.26
CA LYS A 40 -7.27 -2.82 -10.28
C LYS A 40 -8.12 -4.05 -10.09
N GLU A 41 -7.51 -5.23 -10.16
CA GLU A 41 -8.25 -6.48 -10.01
C GLU A 41 -7.41 -7.59 -9.38
N LYS A 42 -8.06 -8.68 -8.98
CA LYS A 42 -7.42 -9.84 -8.36
C LYS A 42 -6.90 -10.79 -9.43
N VAL A 43 -5.78 -11.46 -9.18
CA VAL A 43 -5.13 -12.44 -10.05
C VAL A 43 -4.69 -13.64 -9.21
N ASP A 44 -4.18 -14.70 -9.83
CA ASP A 44 -3.74 -15.89 -9.12
C ASP A 44 -2.21 -15.94 -9.01
N GLU A 45 -1.69 -16.84 -8.19
CA GLU A 45 -0.25 -17.06 -8.00
C GLU A 45 0.33 -17.73 -9.24
N ASP A 46 -0.51 -18.34 -10.05
CA ASP A 46 -0.14 -19.03 -11.28
C ASP A 46 0.08 -18.00 -12.39
N LYS A 47 -0.20 -16.71 -12.09
CA LYS A 47 -0.04 -15.62 -13.04
C LYS A 47 1.23 -14.81 -12.82
N LYS A 48 1.80 -14.81 -11.61
CA LYS A 48 3.00 -14.04 -11.34
C LYS A 48 4.13 -14.31 -12.34
N GLY A 49 4.98 -13.30 -12.52
CA GLY A 49 6.12 -13.37 -13.42
C GLY A 49 7.40 -13.64 -12.63
N LYS A 50 7.61 -12.89 -11.55
CA LYS A 50 8.79 -12.97 -10.67
C LYS A 50 8.57 -12.09 -9.44
N VAL A 51 9.20 -12.40 -8.32
CA VAL A 51 9.11 -11.60 -7.09
C VAL A 51 10.04 -10.40 -7.33
N ILE A 52 9.68 -9.25 -6.78
CA ILE A 52 10.48 -8.03 -6.90
C ILE A 52 10.63 -7.31 -5.58
N GLY A 53 9.70 -7.49 -4.63
CA GLY A 53 9.74 -6.86 -3.33
C GLY A 53 8.72 -7.54 -2.43
N ALA A 54 8.62 -7.12 -1.18
CA ALA A 54 7.67 -7.67 -0.22
C ALA A 54 7.20 -6.61 0.75
N ILE A 55 5.89 -6.32 0.80
CA ILE A 55 5.38 -5.31 1.72
C ILE A 55 5.45 -5.92 3.13
N GLY A 56 4.79 -7.06 3.34
CA GLY A 56 4.77 -7.81 4.60
C GLY A 56 4.38 -7.09 5.89
N GLN A 57 3.89 -5.86 5.85
CA GLN A 57 3.51 -5.10 7.05
C GLN A 57 2.18 -5.58 7.62
N THR A 58 1.86 -5.15 8.85
CA THR A 58 0.62 -5.46 9.54
C THR A 58 0.20 -4.22 10.34
N PHE A 59 -1.05 -3.76 10.16
CA PHE A 59 -1.63 -2.60 10.81
C PHE A 59 -3.09 -2.90 11.15
N PHE A 60 -3.74 -2.01 11.92
CA PHE A 60 -5.14 -2.16 12.31
C PHE A 60 -5.87 -0.82 12.28
N VAL A 61 -7.20 -0.81 12.11
CA VAL A 61 -8.01 0.39 12.11
C VAL A 61 -9.30 0.10 12.88
N ASP A 62 -10.00 1.16 13.29
CA ASP A 62 -11.25 1.13 14.01
C ASP A 62 -12.41 1.29 13.03
N GLY A 63 -13.64 1.43 13.55
CA GLY A 63 -14.84 1.61 12.76
C GLY A 63 -14.80 2.86 11.92
N ASP A 64 -14.05 3.88 12.37
CA ASP A 64 -13.92 5.14 11.65
C ASP A 64 -12.83 5.06 10.58
N GLY A 65 -11.93 4.08 10.72
CA GLY A 65 -10.81 3.81 9.82
C GLY A 65 -9.53 4.48 10.31
N LYS A 66 -9.44 4.84 11.58
CA LYS A 66 -8.27 5.50 12.14
C LYS A 66 -7.23 4.46 12.49
N ARG A 67 -5.97 4.77 12.22
CA ARG A 67 -4.84 3.90 12.48
C ARG A 67 -4.65 3.74 13.98
N TRP A 68 -4.83 2.52 14.49
CA TRP A 68 -4.69 2.21 15.91
C TRP A 68 -3.26 2.51 16.34
N SER A 69 -3.11 3.19 17.48
CA SER A 69 -1.83 3.56 18.06
C SER A 69 -1.24 2.36 18.79
N GLU A 70 0.08 2.31 18.89
CA GLU A 70 0.78 1.24 19.59
C GLU A 70 0.40 1.25 21.06
N GLU A 71 -0.03 2.40 21.58
CA GLU A 71 -0.45 2.59 22.96
C GLU A 71 -1.74 1.82 23.23
N GLU A 72 -2.65 1.80 22.27
CA GLU A 72 -3.95 1.13 22.37
C GLU A 72 -3.81 -0.39 22.19
N LEU A 73 -2.78 -0.82 21.46
CA LEU A 73 -2.50 -2.24 21.19
C LEU A 73 -1.88 -2.94 22.41
N LYS A 74 -1.17 -2.22 23.28
CA LYS A 74 -0.52 -2.79 24.46
C LYS A 74 -1.43 -2.81 25.69
N GLU A 75 -2.63 -2.27 25.60
CA GLU A 75 -3.61 -2.26 26.69
C GLU A 75 -3.88 -3.70 27.17
N PRO A 76 -4.50 -3.90 28.34
CA PRO A 76 -4.76 -5.24 28.86
C PRO A 76 -5.96 -5.84 28.17
N TYR A 77 -6.01 -7.18 28.12
CA TYR A 77 -7.14 -7.87 27.49
C TYR A 77 -8.32 -7.78 28.46
N ILE A 78 -8.06 -8.15 29.73
CA ILE A 78 -9.08 -8.10 30.75
C ILE A 78 -9.45 -6.63 30.99
N SER A 79 -10.74 -6.39 31.07
CA SER A 79 -11.37 -5.09 31.26
C SER A 79 -12.74 -5.34 31.91
N ASN A 80 -13.51 -4.29 32.23
CA ASN A 80 -14.82 -4.44 32.87
C ASN A 80 -15.93 -3.57 32.28
N ASN A 81 -15.76 -3.02 31.07
CA ASN A 81 -16.77 -2.20 30.41
C ASN A 81 -16.81 -2.59 28.93
N PRO A 82 -17.82 -3.35 28.49
CA PRO A 82 -17.93 -3.77 27.09
C PRO A 82 -18.23 -2.63 26.12
N ASP A 83 -18.56 -1.44 26.59
CA ASP A 83 -18.87 -0.29 25.75
C ASP A 83 -17.60 0.43 25.30
N GLU A 84 -16.58 0.50 26.16
CA GLU A 84 -15.31 1.17 25.85
C GLU A 84 -14.49 0.44 24.77
N ILE A 85 -14.68 -0.87 24.56
CA ILE A 85 -13.91 -1.61 23.56
C ILE A 85 -14.27 -1.16 22.14
N ARG A 86 -13.46 -1.54 21.14
CA ARG A 86 -13.72 -1.15 19.76
C ARG A 86 -13.33 -2.24 18.78
N GLU A 87 -13.75 -2.08 17.53
CA GLU A 87 -13.44 -3.00 16.45
C GLU A 87 -11.97 -2.79 16.04
N LYS A 88 -11.35 -3.85 15.52
CA LYS A 88 -9.94 -3.83 15.11
C LYS A 88 -9.80 -4.63 13.82
N LYS A 89 -9.77 -3.95 12.67
CA LYS A 89 -9.66 -4.54 11.34
C LYS A 89 -8.18 -4.80 10.99
N PRO A 90 -7.69 -6.04 10.96
CA PRO A 90 -6.31 -6.36 10.63
C PRO A 90 -6.03 -6.25 9.12
N LEU A 91 -5.00 -5.49 8.76
CA LEU A 91 -4.56 -5.24 7.39
C LEU A 91 -3.21 -5.93 7.26
N ARG A 92 -3.19 -7.16 6.75
CA ARG A 92 -1.98 -7.97 6.58
C ARG A 92 -1.51 -7.91 5.13
N TYR A 93 -0.41 -7.23 4.87
CA TYR A 93 0.14 -7.07 3.54
C TYR A 93 1.03 -8.25 3.19
N GLY A 94 1.06 -8.56 1.90
CA GLY A 94 1.67 -9.58 1.13
C GLY A 94 2.88 -9.16 0.32
N LYS A 95 3.60 -10.17 -0.16
CA LYS A 95 4.78 -9.94 -1.00
C LYS A 95 4.33 -9.35 -2.36
N VAL A 96 5.28 -8.83 -3.16
CA VAL A 96 5.01 -8.20 -4.46
C VAL A 96 5.67 -9.01 -5.59
N TYR A 97 5.06 -9.00 -6.77
CA TYR A 97 5.49 -9.69 -7.98
C TYR A 97 5.45 -8.69 -9.15
N SER A 98 6.06 -9.02 -10.28
CA SER A 98 6.12 -8.18 -11.49
C SER A 98 5.41 -8.89 -12.62
N THR A 99 4.71 -8.11 -13.43
CA THR A 99 3.93 -8.59 -14.55
C THR A 99 4.84 -9.28 -15.59
N ASN A 100 4.26 -10.24 -16.31
CA ASN A 100 4.84 -11.10 -17.34
C ASN A 100 5.27 -10.37 -18.62
N GLU A 101 5.34 -9.04 -18.62
CA GLU A 101 5.71 -8.26 -19.81
C GLU A 101 7.14 -8.48 -20.28
N ASP A 102 7.99 -8.92 -19.36
CA ASP A 102 9.41 -9.19 -19.53
C ASP A 102 10.13 -7.99 -20.19
N SER A 103 9.63 -6.78 -19.94
CA SER A 103 10.12 -5.51 -20.43
C SER A 103 10.73 -4.70 -19.30
N ASP A 104 11.34 -3.57 -19.64
CA ASP A 104 11.96 -2.68 -18.67
C ASP A 104 10.95 -1.69 -18.07
N ALA A 105 9.85 -1.46 -18.82
CA ALA A 105 8.72 -0.57 -18.55
C ALA A 105 8.31 -0.56 -17.07
N LYS A 106 7.85 -1.70 -16.53
CA LYS A 106 7.48 -1.85 -15.12
C LYS A 106 6.47 -0.82 -14.64
N ASP A 107 5.49 -0.48 -15.46
CA ASP A 107 4.47 0.49 -15.08
C ASP A 107 3.38 -0.20 -14.25
N GLU A 108 3.38 -1.52 -14.15
CA GLU A 108 2.42 -2.33 -13.41
C GLU A 108 3.16 -3.46 -12.69
N ILE A 109 2.71 -3.80 -11.47
CA ILE A 109 3.24 -4.83 -10.57
C ILE A 109 2.09 -5.46 -9.79
N ILE A 110 2.24 -6.64 -9.20
CA ILE A 110 1.18 -7.35 -8.47
C ILE A 110 1.44 -7.33 -6.96
N VAL A 111 0.54 -6.69 -6.21
CA VAL A 111 0.55 -6.53 -4.74
C VAL A 111 -0.32 -7.57 -4.07
N GLU A 112 0.20 -8.33 -3.11
CA GLU A 112 -0.60 -9.30 -2.38
C GLU A 112 -1.17 -8.64 -1.13
N PHE A 113 -2.41 -8.98 -0.75
CA PHE A 113 -3.07 -8.46 0.43
C PHE A 113 -4.03 -9.52 0.95
N ASN A 114 -4.14 -9.69 2.28
CA ASN A 114 -5.04 -10.64 2.95
C ASN A 114 -5.08 -12.03 2.30
N ARG A 115 -3.94 -12.52 1.78
CA ARG A 115 -3.75 -13.83 1.14
C ARG A 115 -4.33 -13.94 -0.27
N GLU A 116 -4.38 -12.82 -0.99
CA GLU A 116 -4.90 -12.74 -2.36
C GLU A 116 -3.94 -11.82 -3.12
N TYR A 117 -3.76 -12.04 -4.41
CA TYR A 117 -2.87 -11.25 -5.27
C TYR A 117 -3.70 -10.25 -6.05
N TYR A 118 -3.31 -8.97 -6.04
CA TYR A 118 -4.00 -7.89 -6.72
C TYR A 118 -3.09 -7.17 -7.69
N ARG A 119 -3.53 -7.09 -8.94
CA ARG A 119 -2.82 -6.43 -10.01
C ARG A 119 -2.80 -4.95 -9.66
N ALA A 120 -1.63 -4.31 -9.69
CA ALA A 120 -1.50 -2.91 -9.36
C ALA A 120 -0.83 -2.16 -10.52
N VAL A 121 -0.96 -0.83 -10.54
CA VAL A 121 -0.42 0.07 -11.57
C VAL A 121 0.16 1.34 -10.94
N LEU A 122 1.24 1.87 -11.51
CA LEU A 122 1.94 3.06 -11.06
C LEU A 122 1.01 4.26 -11.24
N ILE A 123 0.63 4.94 -10.14
CA ILE A 123 -0.32 6.05 -10.18
C ILE A 123 0.43 7.31 -10.57
N LYS A 124 1.42 7.62 -9.74
CA LYS A 124 2.35 8.73 -9.78
C LYS A 124 3.20 8.82 -11.06
N ASN A 125 2.86 8.03 -12.09
CA ASN A 125 3.51 7.92 -13.38
C ASN A 125 2.49 8.30 -14.45
N GLU A 126 1.27 7.77 -14.35
CA GLU A 126 0.21 8.12 -15.29
C GLU A 126 -0.33 9.49 -14.85
N LYS A 127 -1.40 9.97 -15.47
CA LYS A 127 -2.03 11.25 -15.14
C LYS A 127 -3.55 11.12 -15.11
N GLU A 128 -4.03 9.92 -14.77
CA GLU A 128 -5.44 9.61 -14.67
C GLU A 128 -5.81 9.65 -13.21
N GLY A 1 7.33 36.97 -27.89
CA GLY A 1 8.64 37.23 -28.50
C GLY A 1 9.69 36.92 -27.46
N SER A 2 10.82 36.32 -27.85
CA SER A 2 11.90 35.95 -26.92
C SER A 2 11.37 35.03 -25.81
N THR A 3 10.29 34.31 -26.09
CA THR A 3 9.62 33.39 -25.19
C THR A 3 10.56 32.23 -24.86
N MET A 4 11.12 32.23 -23.66
CA MET A 4 12.02 31.18 -23.19
C MET A 4 11.19 29.93 -22.81
N HIS A 5 11.85 28.88 -22.35
CA HIS A 5 11.26 27.61 -21.92
C HIS A 5 11.94 27.20 -20.61
N PHE A 6 11.60 26.01 -20.08
CA PHE A 6 12.15 25.49 -18.84
C PHE A 6 12.40 23.98 -18.97
N THR A 7 12.93 23.36 -17.92
CA THR A 7 13.22 21.94 -17.84
C THR A 7 11.91 21.14 -17.70
N ASP A 8 11.96 19.80 -17.84
CA ASP A 8 10.79 18.93 -17.71
C ASP A 8 10.57 18.51 -16.26
N ASP A 9 9.52 17.73 -16.03
CA ASP A 9 9.08 17.19 -14.75
C ASP A 9 9.40 15.70 -14.65
N ASN A 10 9.91 15.30 -13.49
CA ASN A 10 10.30 13.94 -13.14
C ASN A 10 10.38 13.87 -11.60
N GLU A 11 10.55 12.67 -11.05
CA GLU A 11 10.63 12.36 -9.63
C GLU A 11 9.41 12.90 -8.86
N ASN A 12 8.27 12.88 -9.54
CA ASN A 12 6.93 13.31 -9.09
C ASN A 12 6.21 12.15 -8.37
N ASP A 13 6.91 11.50 -7.44
CA ASP A 13 6.35 10.39 -6.66
C ASP A 13 5.45 10.92 -5.54
N THR A 14 4.74 10.02 -4.88
CA THR A 14 3.82 10.33 -3.80
C THR A 14 4.50 10.85 -2.53
N SER A 15 5.73 10.42 -2.30
CA SER A 15 6.58 10.74 -1.15
C SER A 15 5.81 10.54 0.17
N GLU A 16 5.21 9.37 0.31
CA GLU A 16 4.44 8.94 1.47
C GLU A 16 4.81 7.49 1.77
N THR A 17 4.27 6.95 2.85
CA THR A 17 4.52 5.58 3.28
C THR A 17 3.19 4.83 3.40
N MET A 18 3.27 3.53 3.62
CA MET A 18 2.08 2.69 3.75
C MET A 18 1.14 3.18 4.85
N GLU A 19 1.69 3.68 5.96
CA GLU A 19 0.90 4.18 7.08
C GLU A 19 0.03 5.35 6.65
N SER A 20 0.58 6.31 5.88
CA SER A 20 -0.11 7.48 5.37
C SER A 20 -1.37 7.07 4.60
N LEU A 21 -1.32 5.91 3.95
CA LEU A 21 -2.44 5.41 3.20
C LEU A 21 -3.52 4.92 4.15
N ILE A 22 -3.15 4.02 5.03
CA ILE A 22 -4.06 3.41 5.98
C ILE A 22 -4.72 4.49 6.84
N ASP A 23 -3.93 5.45 7.31
CA ASP A 23 -4.33 6.58 8.15
C ASP A 23 -5.49 7.37 7.53
N LYS A 24 -5.57 7.43 6.20
CA LYS A 24 -6.65 8.15 5.51
C LYS A 24 -7.73 7.20 4.99
N GLY A 25 -7.48 5.89 4.98
CA GLY A 25 -8.43 4.93 4.47
C GLY A 25 -8.13 4.63 3.01
N LYS A 26 -6.85 4.57 2.59
CA LYS A 26 -6.44 4.28 1.20
C LYS A 26 -6.23 2.76 1.09
N LEU A 27 -7.30 2.01 1.33
CA LEU A 27 -7.29 0.55 1.29
C LEU A 27 -7.29 0.00 -0.14
N ASP A 28 -7.35 0.89 -1.13
CA ASP A 28 -7.38 0.60 -2.57
C ASP A 28 -6.02 0.81 -3.23
N GLN A 29 -4.98 1.18 -2.46
CA GLN A 29 -3.65 1.42 -3.01
C GLN A 29 -2.60 1.12 -1.94
N VAL A 30 -1.34 0.97 -2.34
CA VAL A 30 -0.21 0.66 -1.45
C VAL A 30 1.06 1.39 -1.89
N VAL A 31 2.10 1.40 -1.05
CA VAL A 31 3.38 2.01 -1.33
C VAL A 31 4.44 0.91 -1.20
N TYR A 32 5.46 0.95 -2.05
CA TYR A 32 6.60 0.04 -2.07
C TYR A 32 7.67 0.77 -2.85
N ASP A 33 8.90 0.73 -2.35
CA ASP A 33 10.08 1.36 -2.94
C ASP A 33 9.85 2.84 -3.22
N ASP A 34 9.09 3.51 -2.34
CA ASP A 34 8.76 4.94 -2.43
C ASP A 34 7.86 5.24 -3.65
N GLN A 35 7.04 4.27 -4.05
CA GLN A 35 6.15 4.41 -5.19
C GLN A 35 4.76 4.02 -4.76
N LEU A 36 3.77 4.61 -5.41
CA LEU A 36 2.36 4.40 -5.12
C LEU A 36 1.75 3.56 -6.22
N TYR A 37 1.09 2.48 -5.84
CA TYR A 37 0.44 1.56 -6.75
C TYR A 37 -1.05 1.45 -6.42
N HIS A 38 -1.92 1.54 -7.42
CA HIS A 38 -3.36 1.46 -7.34
C HIS A 38 -3.80 0.04 -7.60
N LEU A 39 -4.58 -0.57 -6.71
CA LEU A 39 -5.05 -1.94 -6.92
C LEU A 39 -6.13 -1.92 -8.00
N LYS A 40 -6.18 -2.94 -8.86
CA LYS A 40 -7.16 -3.04 -9.96
C LYS A 40 -7.96 -4.31 -9.84
N GLU A 41 -7.29 -5.47 -9.83
CA GLU A 41 -7.98 -6.76 -9.72
C GLU A 41 -7.20 -7.78 -8.93
N LYS A 42 -7.89 -8.85 -8.55
CA LYS A 42 -7.33 -9.98 -7.81
C LYS A 42 -6.86 -10.96 -8.89
N VAL A 43 -5.73 -11.62 -8.66
CA VAL A 43 -5.14 -12.56 -9.59
C VAL A 43 -4.67 -13.80 -8.81
N ASP A 44 -4.30 -14.86 -9.54
CA ASP A 44 -3.83 -16.10 -8.95
C ASP A 44 -2.29 -16.12 -8.89
N GLU A 45 -1.72 -17.15 -8.27
CA GLU A 45 -0.29 -17.33 -8.13
C GLU A 45 0.34 -17.68 -9.47
N ASP A 46 -0.47 -18.12 -10.44
CA ASP A 46 0.01 -18.48 -11.76
C ASP A 46 0.17 -17.21 -12.60
N LYS A 47 -0.39 -16.09 -12.13
CA LYS A 47 -0.36 -14.82 -12.82
C LYS A 47 0.92 -14.06 -12.48
N LYS A 48 1.52 -14.36 -11.33
CA LYS A 48 2.76 -13.76 -10.91
C LYS A 48 3.82 -14.37 -11.83
N GLY A 49 4.66 -13.52 -12.38
CA GLY A 49 5.72 -13.96 -13.28
C GLY A 49 6.97 -14.17 -12.45
N LYS A 50 7.27 -13.21 -11.57
CA LYS A 50 8.43 -13.23 -10.71
C LYS A 50 8.30 -12.24 -9.56
N VAL A 51 8.93 -12.54 -8.42
CA VAL A 51 8.93 -11.67 -7.24
C VAL A 51 9.88 -10.51 -7.59
N ILE A 52 9.61 -9.33 -7.04
CA ILE A 52 10.43 -8.11 -7.24
C ILE A 52 10.72 -7.39 -5.92
N GLY A 53 9.92 -7.63 -4.87
CA GLY A 53 10.06 -7.02 -3.57
C GLY A 53 9.01 -7.59 -2.65
N ALA A 54 8.82 -7.03 -1.46
CA ALA A 54 7.84 -7.46 -0.49
C ALA A 54 7.43 -6.28 0.37
N ILE A 55 6.14 -6.16 0.69
CA ILE A 55 5.68 -5.09 1.57
C ILE A 55 6.03 -5.57 2.99
N GLY A 56 5.60 -6.81 3.33
CA GLY A 56 5.85 -7.44 4.62
C GLY A 56 5.54 -6.51 5.79
N GLN A 57 4.29 -6.07 5.91
CA GLN A 57 3.83 -5.19 6.97
C GLN A 57 2.49 -5.66 7.51
N THR A 58 2.09 -5.17 8.68
CA THR A 58 0.84 -5.51 9.32
C THR A 58 0.39 -4.30 10.16
N PHE A 59 -0.87 -3.88 10.02
CA PHE A 59 -1.44 -2.76 10.77
C PHE A 59 -2.91 -3.03 11.07
N PHE A 60 -3.59 -2.15 11.82
CA PHE A 60 -5.00 -2.27 12.17
C PHE A 60 -5.69 -0.89 12.16
N VAL A 61 -6.99 -0.83 11.84
CA VAL A 61 -7.77 0.41 11.84
C VAL A 61 -9.15 0.17 12.45
N ASP A 62 -9.77 1.23 12.93
CA ASP A 62 -11.10 1.22 13.52
C ASP A 62 -12.16 1.50 12.46
N GLY A 63 -13.42 1.51 12.88
CA GLY A 63 -14.56 1.77 12.01
C GLY A 63 -14.48 3.12 11.32
N ASP A 64 -13.77 4.09 11.89
CA ASP A 64 -13.63 5.43 11.33
C ASP A 64 -12.45 5.53 10.34
N GLY A 65 -11.52 4.58 10.42
CA GLY A 65 -10.34 4.48 9.58
C GLY A 65 -9.13 5.16 10.20
N LYS A 66 -9.06 5.16 11.54
CA LYS A 66 -7.95 5.75 12.28
C LYS A 66 -6.99 4.61 12.56
N ARG A 67 -5.69 4.85 12.36
CA ARG A 67 -4.63 3.87 12.58
C ARG A 67 -4.53 3.65 14.09
N TRP A 68 -4.73 2.41 14.56
CA TRP A 68 -4.62 2.10 15.99
C TRP A 68 -3.16 2.26 16.44
N SER A 69 -2.93 2.58 17.72
CA SER A 69 -1.60 2.73 18.29
C SER A 69 -1.28 1.46 19.11
N GLU A 70 0.00 1.09 19.23
CA GLU A 70 0.43 -0.10 19.96
C GLU A 70 -0.05 -0.12 21.42
N GLU A 71 -0.25 1.06 22.01
CA GLU A 71 -0.72 1.28 23.37
C GLU A 71 -2.16 0.78 23.46
N GLU A 72 -3.01 1.24 22.54
CA GLU A 72 -4.41 0.86 22.46
C GLU A 72 -4.49 -0.65 22.21
N LEU A 73 -3.52 -1.17 21.45
CA LEU A 73 -3.42 -2.58 21.13
C LEU A 73 -2.86 -3.40 22.28
N LYS A 74 -2.19 -2.80 23.29
CA LYS A 74 -1.61 -3.52 24.42
C LYS A 74 -2.48 -3.44 25.66
N GLU A 75 -3.34 -2.43 25.78
CA GLU A 75 -4.20 -2.35 26.94
C GLU A 75 -5.26 -3.46 26.85
N PRO A 76 -5.90 -3.84 27.96
CA PRO A 76 -6.92 -4.87 27.93
C PRO A 76 -8.19 -4.16 27.44
N TYR A 77 -8.62 -4.47 26.23
CA TYR A 77 -9.81 -3.85 25.64
C TYR A 77 -11.08 -4.18 26.42
N ILE A 78 -11.07 -5.32 27.11
CA ILE A 78 -12.22 -5.74 27.91
C ILE A 78 -12.51 -4.67 28.97
N SER A 79 -13.80 -4.37 29.18
CA SER A 79 -14.26 -3.38 30.13
C SER A 79 -15.77 -3.61 30.35
N ASN A 80 -16.32 -2.88 31.31
CA ASN A 80 -17.75 -2.91 31.67
C ASN A 80 -18.50 -1.82 30.89
N ASN A 81 -17.82 -1.16 29.95
CA ASN A 81 -18.31 -0.09 29.10
C ASN A 81 -18.41 -0.64 27.70
N PRO A 82 -19.57 -1.15 27.29
CA PRO A 82 -19.76 -1.71 25.96
C PRO A 82 -19.71 -0.66 24.83
N ASP A 83 -19.59 0.63 25.16
CA ASP A 83 -19.54 1.70 24.18
C ASP A 83 -18.11 2.15 23.89
N GLU A 84 -17.22 2.04 24.88
CA GLU A 84 -15.81 2.42 24.79
C GLU A 84 -15.12 1.70 23.64
N ILE A 85 -15.23 0.37 23.66
CA ILE A 85 -14.66 -0.58 22.73
C ILE A 85 -14.97 -0.21 21.28
N ARG A 86 -14.04 -0.48 20.36
CA ARG A 86 -14.18 -0.19 18.94
C ARG A 86 -13.72 -1.37 18.11
N GLU A 87 -14.11 -1.46 16.84
CA GLU A 87 -13.70 -2.56 15.99
C GLU A 87 -12.23 -2.43 15.59
N LYS A 88 -11.61 -3.52 15.14
CA LYS A 88 -10.21 -3.59 14.74
C LYS A 88 -10.09 -4.44 13.49
N LYS A 89 -9.84 -3.83 12.34
CA LYS A 89 -9.70 -4.47 11.03
C LYS A 89 -8.23 -4.78 10.78
N PRO A 90 -7.78 -6.05 10.83
CA PRO A 90 -6.41 -6.40 10.54
C PRO A 90 -6.13 -6.23 9.05
N LEU A 91 -4.98 -5.64 8.72
CA LEU A 91 -4.48 -5.36 7.39
C LEU A 91 -3.13 -6.07 7.32
N ARG A 92 -3.08 -7.23 6.68
CA ARG A 92 -1.87 -8.05 6.54
C ARG A 92 -1.37 -7.95 5.11
N TYR A 93 -0.17 -7.40 4.94
CA TYR A 93 0.44 -7.23 3.64
C TYR A 93 1.44 -8.35 3.35
N GLY A 94 1.43 -8.73 2.09
CA GLY A 94 2.09 -9.70 1.29
C GLY A 94 3.29 -9.25 0.48
N LYS A 95 4.02 -10.24 -0.01
CA LYS A 95 5.18 -9.99 -0.86
C LYS A 95 4.67 -9.35 -2.18
N VAL A 96 5.57 -8.90 -3.06
CA VAL A 96 5.20 -8.25 -4.33
C VAL A 96 5.86 -8.98 -5.51
N TYR A 97 5.14 -9.04 -6.61
CA TYR A 97 5.50 -9.69 -7.86
C TYR A 97 5.32 -8.69 -8.99
N SER A 98 5.69 -9.06 -10.20
CA SER A 98 5.60 -8.27 -11.42
C SER A 98 4.55 -8.96 -12.31
N THR A 99 4.13 -8.27 -13.37
CA THR A 99 3.18 -8.75 -14.36
C THR A 99 4.04 -9.29 -15.53
N ASN A 100 3.43 -9.95 -16.53
CA ASN A 100 4.12 -10.50 -17.70
C ASN A 100 4.55 -9.32 -18.56
N GLU A 101 5.65 -8.67 -18.18
CA GLU A 101 6.21 -7.51 -18.84
C GLU A 101 7.70 -7.72 -19.02
N ASP A 102 7.97 -8.22 -20.20
CA ASP A 102 9.28 -8.56 -20.79
C ASP A 102 10.00 -7.32 -21.34
N SER A 103 9.46 -6.12 -21.14
CA SER A 103 10.01 -4.87 -21.60
C SER A 103 10.49 -4.03 -20.41
N ASP A 104 10.80 -2.76 -20.62
CA ASP A 104 11.32 -1.86 -19.59
C ASP A 104 10.23 -1.06 -18.87
N ALA A 105 8.96 -1.25 -19.24
CA ALA A 105 7.80 -0.56 -18.67
C ALA A 105 7.68 -0.75 -17.16
N LYS A 106 7.35 -1.97 -16.70
CA LYS A 106 7.17 -2.33 -15.28
C LYS A 106 6.29 -1.29 -14.57
N ASP A 107 5.25 -0.77 -15.23
CA ASP A 107 4.36 0.22 -14.63
C ASP A 107 3.31 -0.50 -13.80
N GLU A 108 3.12 -1.80 -14.00
CA GLU A 108 2.16 -2.61 -13.25
C GLU A 108 2.93 -3.71 -12.56
N ILE A 109 2.49 -4.06 -11.36
CA ILE A 109 3.05 -5.07 -10.46
C ILE A 109 1.90 -5.81 -9.77
N ILE A 110 2.18 -6.79 -8.89
CA ILE A 110 1.17 -7.55 -8.18
C ILE A 110 1.52 -7.57 -6.70
N VAL A 111 0.71 -6.92 -5.88
CA VAL A 111 0.87 -6.83 -4.43
C VAL A 111 0.05 -7.95 -3.81
N GLU A 112 0.51 -8.55 -2.72
CA GLU A 112 -0.27 -9.55 -2.02
C GLU A 112 -0.86 -8.86 -0.79
N PHE A 113 -2.08 -9.20 -0.43
CA PHE A 113 -2.79 -8.68 0.71
C PHE A 113 -3.75 -9.76 1.18
N ASN A 114 -3.91 -9.96 2.50
CA ASN A 114 -4.83 -10.97 3.05
C ASN A 114 -4.57 -12.36 2.44
N ARG A 115 -3.30 -12.69 2.14
CA ARG A 115 -2.83 -13.95 1.56
C ARG A 115 -3.23 -14.14 0.08
N GLU A 116 -3.78 -13.14 -0.59
CA GLU A 116 -4.23 -13.17 -1.97
C GLU A 116 -3.41 -12.15 -2.75
N TYR A 117 -3.25 -12.37 -4.04
CA TYR A 117 -2.49 -11.48 -4.92
C TYR A 117 -3.42 -10.56 -5.69
N TYR A 118 -3.08 -9.27 -5.75
CA TYR A 118 -3.83 -8.24 -6.44
C TYR A 118 -2.93 -7.43 -7.38
N ARG A 119 -3.28 -7.38 -8.67
CA ARG A 119 -2.53 -6.64 -9.66
C ARG A 119 -2.77 -5.16 -9.37
N ALA A 120 -1.68 -4.41 -9.30
CA ALA A 120 -1.65 -3.00 -9.04
C ALA A 120 -0.98 -2.26 -10.21
N VAL A 121 -1.16 -0.94 -10.28
CA VAL A 121 -0.61 -0.07 -11.33
C VAL A 121 0.00 1.19 -10.74
N LEU A 122 1.09 1.69 -11.32
CA LEU A 122 1.82 2.87 -10.90
C LEU A 122 0.90 4.07 -11.05
N ILE A 123 0.79 4.91 -10.00
CA ILE A 123 -0.11 6.06 -10.00
C ILE A 123 0.61 7.29 -10.49
N LYS A 124 1.80 7.53 -9.94
CA LYS A 124 2.70 8.63 -10.25
C LYS A 124 2.99 8.78 -11.76
N ASN A 125 2.66 7.74 -12.53
CA ASN A 125 2.84 7.65 -13.96
C ASN A 125 1.83 8.50 -14.73
N GLU A 126 0.58 8.60 -14.26
CA GLU A 126 -0.43 9.44 -14.89
C GLU A 126 -0.27 10.86 -14.32
N LYS A 127 -0.91 11.87 -14.89
CA LYS A 127 -0.83 13.25 -14.41
C LYS A 127 -2.25 13.70 -14.16
N GLU A 128 -2.92 12.98 -13.27
CA GLU A 128 -4.29 13.22 -12.87
C GLU A 128 -4.30 13.00 -11.38
N GLY A 1 30.14 25.90 -22.50
CA GLY A 1 30.51 27.31 -22.65
C GLY A 1 29.60 28.13 -21.75
N SER A 2 29.24 29.35 -22.14
CA SER A 2 28.34 30.14 -21.31
C SER A 2 26.93 29.54 -21.46
N THR A 3 26.01 29.93 -20.57
CA THR A 3 24.63 29.47 -20.54
C THR A 3 23.76 30.67 -20.14
N MET A 4 22.45 30.60 -20.34
CA MET A 4 21.50 31.66 -20.00
C MET A 4 20.13 31.00 -19.82
N HIS A 5 19.58 30.48 -20.92
CA HIS A 5 18.28 29.81 -20.91
C HIS A 5 18.41 28.53 -20.08
N PHE A 6 17.44 28.26 -19.21
CA PHE A 6 17.38 27.09 -18.34
C PHE A 6 15.91 26.78 -18.09
N THR A 7 15.59 25.50 -17.95
CA THR A 7 14.24 25.02 -17.71
C THR A 7 14.28 24.04 -16.54
N ASP A 8 13.12 23.78 -15.96
CA ASP A 8 12.93 22.91 -14.81
C ASP A 8 12.17 21.65 -15.22
N ASP A 9 11.82 20.85 -14.23
CA ASP A 9 11.08 19.60 -14.29
C ASP A 9 9.85 19.75 -13.40
N ASN A 10 9.18 18.65 -13.09
CA ASN A 10 7.99 18.63 -12.24
C ASN A 10 8.09 17.40 -11.37
N GLU A 11 7.48 17.46 -10.19
CA GLU A 11 7.48 16.34 -9.27
C GLU A 11 6.72 15.21 -9.99
N ASN A 12 7.20 13.98 -9.87
CA ASN A 12 6.64 12.79 -10.51
C ASN A 12 6.48 11.66 -9.47
N ASP A 13 6.34 11.92 -8.17
CA ASP A 13 6.20 10.84 -7.20
C ASP A 13 5.22 11.10 -6.05
N THR A 14 4.86 10.03 -5.33
CA THR A 14 3.94 10.06 -4.20
C THR A 14 4.61 10.64 -2.96
N SER A 15 5.83 10.17 -2.71
CA SER A 15 6.69 10.52 -1.61
C SER A 15 5.97 10.35 -0.27
N GLU A 16 5.28 9.22 -0.08
CA GLU A 16 4.55 8.87 1.13
C GLU A 16 4.95 7.46 1.58
N THR A 17 4.36 6.91 2.63
CA THR A 17 4.67 5.57 3.13
C THR A 17 3.37 4.79 3.29
N MET A 18 3.45 3.48 3.57
CA MET A 18 2.26 2.67 3.71
C MET A 18 1.39 3.21 4.85
N GLU A 19 1.99 3.56 5.99
CA GLU A 19 1.26 4.07 7.16
C GLU A 19 0.36 5.24 6.80
N SER A 20 0.86 6.18 6.00
CA SER A 20 0.15 7.37 5.56
C SER A 20 -1.10 6.99 4.77
N LEU A 21 -1.02 5.95 3.94
CA LEU A 21 -2.15 5.52 3.16
C LEU A 21 -3.27 5.09 4.08
N ILE A 22 -2.98 4.18 5.01
CA ILE A 22 -3.97 3.68 5.94
C ILE A 22 -4.52 4.83 6.78
N ASP A 23 -3.68 5.75 7.24
CA ASP A 23 -4.08 6.89 8.06
C ASP A 23 -5.22 7.68 7.39
N LYS A 24 -5.21 7.71 6.05
CA LYS A 24 -6.21 8.39 5.22
C LYS A 24 -7.29 7.44 4.69
N GLY A 25 -7.10 6.13 4.78
CA GLY A 25 -8.03 5.12 4.32
C GLY A 25 -7.76 4.67 2.89
N LYS A 26 -6.51 4.72 2.43
CA LYS A 26 -6.13 4.29 1.09
C LYS A 26 -5.90 2.78 1.10
N LEU A 27 -6.97 1.99 1.25
CA LEU A 27 -6.89 0.53 1.27
C LEU A 27 -7.07 -0.04 -0.14
N ASP A 28 -7.16 0.81 -1.16
CA ASP A 28 -7.33 0.44 -2.57
C ASP A 28 -6.05 0.69 -3.39
N GLN A 29 -4.95 1.07 -2.75
CA GLN A 29 -3.64 1.35 -3.34
C GLN A 29 -2.56 1.13 -2.28
N VAL A 30 -1.31 0.84 -2.67
CA VAL A 30 -0.20 0.61 -1.71
C VAL A 30 1.10 1.28 -2.16
N VAL A 31 2.11 1.35 -1.26
CA VAL A 31 3.41 1.94 -1.54
C VAL A 31 4.50 0.88 -1.38
N TYR A 32 5.41 0.79 -2.34
CA TYR A 32 6.56 -0.11 -2.33
C TYR A 32 7.63 0.61 -3.14
N ASP A 33 8.85 0.61 -2.62
CA ASP A 33 10.04 1.23 -3.19
C ASP A 33 9.82 2.71 -3.50
N ASP A 34 9.14 3.40 -2.59
CA ASP A 34 8.84 4.83 -2.70
C ASP A 34 7.96 5.15 -3.90
N GLN A 35 7.09 4.20 -4.28
CA GLN A 35 6.18 4.38 -5.40
C GLN A 35 4.78 4.02 -4.96
N LEU A 36 3.77 4.58 -5.64
CA LEU A 36 2.37 4.36 -5.34
C LEU A 36 1.73 3.62 -6.49
N TYR A 37 1.05 2.52 -6.16
CA TYR A 37 0.37 1.70 -7.14
C TYR A 37 -1.11 1.65 -6.80
N HIS A 38 -1.93 1.48 -7.82
CA HIS A 38 -3.38 1.38 -7.74
C HIS A 38 -3.84 -0.03 -8.00
N LEU A 39 -4.65 -0.61 -7.10
CA LEU A 39 -5.16 -1.97 -7.26
C LEU A 39 -6.27 -2.00 -8.30
N LYS A 40 -6.21 -2.93 -9.26
CA LYS A 40 -7.23 -3.05 -10.29
C LYS A 40 -8.04 -4.31 -10.08
N GLU A 41 -7.42 -5.47 -10.26
CA GLU A 41 -8.10 -6.76 -10.09
C GLU A 41 -7.33 -7.74 -9.21
N LYS A 42 -8.03 -8.78 -8.75
CA LYS A 42 -7.47 -9.84 -7.92
C LYS A 42 -6.89 -10.83 -8.93
N VAL A 43 -5.73 -11.42 -8.65
CA VAL A 43 -5.07 -12.37 -9.53
C VAL A 43 -4.61 -13.57 -8.73
N ASP A 44 -4.10 -14.59 -9.42
CA ASP A 44 -3.60 -15.83 -8.82
C ASP A 44 -2.07 -15.88 -8.77
N GLU A 45 -1.52 -16.88 -8.09
CA GLU A 45 -0.08 -17.09 -7.98
C GLU A 45 0.49 -17.57 -9.34
N ASP A 46 -0.37 -17.93 -10.29
CA ASP A 46 0.03 -18.36 -11.62
C ASP A 46 0.22 -17.12 -12.51
N LYS A 47 -0.11 -15.91 -12.03
CA LYS A 47 0.00 -14.67 -12.80
C LYS A 47 1.23 -13.82 -12.48
N LYS A 48 1.92 -14.14 -11.39
CA LYS A 48 3.13 -13.45 -10.94
C LYS A 48 4.35 -13.98 -11.69
N GLY A 49 4.87 -13.14 -12.58
CA GLY A 49 6.03 -13.47 -13.41
C GLY A 49 7.32 -13.54 -12.59
N LYS A 50 7.41 -12.84 -11.45
CA LYS A 50 8.62 -12.83 -10.61
C LYS A 50 8.41 -11.95 -9.38
N VAL A 51 9.02 -12.31 -8.25
CA VAL A 51 8.99 -11.54 -7.00
C VAL A 51 9.86 -10.31 -7.28
N ILE A 52 9.53 -9.16 -6.70
CA ILE A 52 10.30 -7.93 -6.89
C ILE A 52 10.53 -7.19 -5.58
N GLY A 53 9.66 -7.37 -4.59
CA GLY A 53 9.77 -6.70 -3.29
C GLY A 53 8.85 -7.39 -2.31
N ALA A 54 8.78 -6.91 -1.07
CA ALA A 54 7.95 -7.48 -0.03
C ALA A 54 7.44 -6.41 0.94
N ILE A 55 6.14 -6.16 1.00
CA ILE A 55 5.60 -5.16 1.93
C ILE A 55 5.68 -5.84 3.31
N GLY A 56 5.01 -6.98 3.48
CA GLY A 56 4.97 -7.79 4.70
C GLY A 56 4.64 -7.08 6.01
N GLN A 57 4.08 -5.86 5.98
CA GLN A 57 3.74 -5.12 7.17
C GLN A 57 2.36 -5.55 7.67
N THR A 58 2.00 -5.15 8.89
CA THR A 58 0.71 -5.47 9.48
C THR A 58 0.24 -4.23 10.24
N PHE A 59 -1.02 -3.84 10.04
CA PHE A 59 -1.58 -2.66 10.70
C PHE A 59 -3.05 -2.91 11.01
N PHE A 60 -3.72 -2.01 11.74
CA PHE A 60 -5.13 -2.16 12.09
C PHE A 60 -5.84 -0.80 12.11
N VAL A 61 -7.14 -0.76 11.83
CA VAL A 61 -7.93 0.47 11.86
C VAL A 61 -9.27 0.21 12.53
N ASP A 62 -9.92 1.27 12.99
CA ASP A 62 -11.22 1.23 13.64
C ASP A 62 -12.34 1.42 12.62
N GLY A 63 -13.57 1.55 13.11
CA GLY A 63 -14.75 1.76 12.28
C GLY A 63 -14.73 3.11 11.56
N ASP A 64 -13.94 4.08 12.03
CA ASP A 64 -13.86 5.40 11.39
C ASP A 64 -12.72 5.42 10.37
N GLY A 65 -11.77 4.51 10.52
CA GLY A 65 -10.61 4.38 9.66
C GLY A 65 -9.38 5.05 10.27
N LYS A 66 -9.18 4.96 11.59
CA LYS A 66 -8.05 5.53 12.32
C LYS A 66 -7.10 4.40 12.70
N ARG A 67 -5.81 4.58 12.45
CA ARG A 67 -4.74 3.66 12.73
C ARG A 67 -4.69 3.45 14.23
N TRP A 68 -4.85 2.20 14.67
CA TRP A 68 -4.80 1.86 16.08
C TRP A 68 -3.41 2.16 16.60
N SER A 69 -3.33 2.80 17.75
CA SER A 69 -2.05 3.13 18.36
C SER A 69 -1.53 1.91 19.12
N GLU A 70 -0.22 1.78 19.25
CA GLU A 70 0.38 0.65 19.95
C GLU A 70 -0.06 0.63 21.41
N GLU A 71 -0.43 1.79 21.97
CA GLU A 71 -0.91 1.93 23.33
C GLU A 71 -2.22 1.15 23.46
N GLU A 72 -3.17 1.41 22.56
CA GLU A 72 -4.46 0.73 22.58
C GLU A 72 -4.28 -0.77 22.34
N LEU A 73 -3.21 -1.18 21.65
CA LEU A 73 -2.92 -2.59 21.40
C LEU A 73 -2.30 -3.24 22.64
N LYS A 74 -1.50 -2.52 23.45
CA LYS A 74 -0.87 -3.06 24.66
C LYS A 74 -1.80 -2.98 25.89
N GLU A 75 -2.91 -2.26 25.77
CA GLU A 75 -3.93 -2.06 26.79
C GLU A 75 -4.62 -3.38 27.18
N PRO A 76 -5.37 -3.40 28.31
CA PRO A 76 -6.11 -4.56 28.74
C PRO A 76 -7.41 -4.50 27.92
N TYR A 77 -7.53 -5.42 26.97
CA TYR A 77 -8.67 -5.52 26.07
C TYR A 77 -9.92 -6.00 26.80
N ILE A 78 -9.79 -7.03 27.63
CA ILE A 78 -10.93 -7.53 28.39
C ILE A 78 -11.28 -6.48 29.43
N SER A 79 -12.57 -6.21 29.57
CA SER A 79 -13.13 -5.24 30.49
C SER A 79 -14.56 -5.67 30.81
N ASN A 80 -15.22 -4.97 31.75
CA ASN A 80 -16.60 -5.29 32.13
C ASN A 80 -17.62 -4.83 31.09
N ASN A 81 -17.20 -4.13 30.04
CA ASN A 81 -18.07 -3.60 28.99
C ASN A 81 -17.55 -4.01 27.60
N PRO A 82 -17.92 -5.19 27.08
CA PRO A 82 -17.46 -5.68 25.77
C PRO A 82 -18.03 -4.96 24.54
N ASP A 83 -18.94 -3.99 24.73
CA ASP A 83 -19.57 -3.21 23.64
C ASP A 83 -19.00 -1.79 23.54
N GLU A 84 -18.46 -1.29 24.66
CA GLU A 84 -17.88 0.04 24.83
C GLU A 84 -16.48 0.18 24.19
N ILE A 85 -15.98 -0.88 23.58
CA ILE A 85 -14.69 -0.91 22.89
C ILE A 85 -14.93 -0.48 21.44
N ARG A 86 -13.91 -0.59 20.58
CA ARG A 86 -14.03 -0.26 19.18
C ARG A 86 -13.54 -1.41 18.34
N GLU A 87 -14.10 -1.53 17.14
CA GLU A 87 -13.72 -2.56 16.19
C GLU A 87 -12.27 -2.38 15.78
N LYS A 88 -11.64 -3.47 15.34
CA LYS A 88 -10.25 -3.46 14.93
C LYS A 88 -10.12 -4.33 13.69
N LYS A 89 -10.11 -3.70 12.52
CA LYS A 89 -9.99 -4.31 11.20
C LYS A 89 -8.51 -4.52 10.90
N PRO A 90 -8.00 -5.76 10.85
CA PRO A 90 -6.61 -6.05 10.56
C PRO A 90 -6.29 -5.82 9.07
N LEU A 91 -5.03 -5.54 8.79
CA LEU A 91 -4.51 -5.27 7.45
C LEU A 91 -3.16 -6.01 7.36
N ARG A 92 -3.15 -7.22 6.80
CA ARG A 92 -1.97 -8.08 6.63
C ARG A 92 -1.38 -7.90 5.25
N TYR A 93 -0.29 -7.18 5.08
CA TYR A 93 0.28 -6.98 3.75
C TYR A 93 1.19 -8.14 3.38
N GLY A 94 1.24 -8.44 2.08
CA GLY A 94 1.91 -9.45 1.34
C GLY A 94 3.11 -9.04 0.51
N LYS A 95 3.85 -10.06 0.05
CA LYS A 95 5.01 -9.83 -0.78
C LYS A 95 4.51 -9.22 -2.13
N VAL A 96 5.42 -8.66 -2.93
CA VAL A 96 5.11 -8.03 -4.20
C VAL A 96 5.81 -8.79 -5.33
N TYR A 97 5.13 -8.87 -6.48
CA TYR A 97 5.56 -9.55 -7.68
C TYR A 97 5.35 -8.59 -8.85
N SER A 98 5.79 -8.99 -10.04
CA SER A 98 5.67 -8.23 -11.26
C SER A 98 4.71 -8.98 -12.17
N THR A 99 4.07 -8.21 -13.05
CA THR A 99 3.17 -8.79 -14.02
C THR A 99 4.06 -9.24 -15.19
N ASN A 100 3.52 -10.05 -16.10
CA ASN A 100 4.23 -10.57 -17.26
C ASN A 100 4.28 -9.50 -18.37
N GLU A 101 4.85 -8.33 -18.08
CA GLU A 101 4.98 -7.22 -19.03
C GLU A 101 5.93 -7.55 -20.17
N ASP A 102 6.89 -8.42 -19.89
CA ASP A 102 7.96 -8.97 -20.68
C ASP A 102 8.95 -7.94 -21.25
N SER A 103 8.65 -6.66 -21.12
CA SER A 103 9.39 -5.49 -21.54
C SER A 103 9.99 -4.81 -20.30
N ASP A 104 10.70 -3.69 -20.46
CA ASP A 104 11.33 -2.99 -19.35
C ASP A 104 10.45 -1.98 -18.60
N ALA A 105 9.25 -1.68 -19.11
CA ALA A 105 8.28 -0.72 -18.54
C ALA A 105 8.23 -0.69 -17.02
N LYS A 106 8.02 -1.84 -16.39
CA LYS A 106 7.94 -1.94 -14.93
C LYS A 106 6.86 -1.00 -14.40
N ASP A 107 5.67 -0.95 -15.03
CA ASP A 107 4.61 -0.05 -14.57
C ASP A 107 3.45 -0.77 -13.91
N GLU A 108 3.21 -2.07 -14.18
CA GLU A 108 2.13 -2.78 -13.51
C GLU A 108 2.81 -3.90 -12.70
N ILE A 109 2.35 -4.16 -11.49
CA ILE A 109 2.91 -5.14 -10.56
C ILE A 109 1.81 -5.89 -9.84
N ILE A 110 2.12 -6.79 -8.91
CA ILE A 110 1.14 -7.54 -8.16
C ILE A 110 1.46 -7.45 -6.68
N VAL A 111 0.59 -6.80 -5.92
CA VAL A 111 0.70 -6.61 -4.49
C VAL A 111 -0.18 -7.64 -3.80
N GLU A 112 0.35 -8.31 -2.80
CA GLU A 112 -0.45 -9.27 -2.05
C GLU A 112 -0.97 -8.54 -0.82
N PHE A 113 -2.19 -8.83 -0.42
CA PHE A 113 -2.82 -8.24 0.75
C PHE A 113 -3.83 -9.26 1.27
N ASN A 114 -3.83 -9.50 2.58
CA ASN A 114 -4.70 -10.39 3.32
C ASN A 114 -4.69 -11.82 2.77
N ARG A 115 -3.54 -12.29 2.28
CA ARG A 115 -3.36 -13.63 1.71
C ARG A 115 -4.12 -13.81 0.39
N GLU A 116 -4.09 -12.77 -0.44
CA GLU A 116 -4.70 -12.72 -1.76
C GLU A 116 -3.76 -11.85 -2.60
N TYR A 117 -3.68 -12.11 -3.90
CA TYR A 117 -2.80 -11.36 -4.80
C TYR A 117 -3.65 -10.39 -5.60
N TYR A 118 -3.17 -9.16 -5.78
CA TYR A 118 -3.91 -8.14 -6.53
C TYR A 118 -3.02 -7.40 -7.51
N ARG A 119 -3.42 -7.37 -8.78
CA ARG A 119 -2.67 -6.68 -9.82
C ARG A 119 -2.86 -5.20 -9.58
N ALA A 120 -1.74 -4.48 -9.54
CA ALA A 120 -1.68 -3.06 -9.34
C ALA A 120 -1.04 -2.37 -10.55
N VAL A 121 -1.10 -1.03 -10.60
CA VAL A 121 -0.55 -0.21 -11.66
C VAL A 121 0.03 1.07 -11.10
N LEU A 122 1.11 1.57 -11.68
CA LEU A 122 1.78 2.77 -11.23
C LEU A 122 0.82 3.95 -11.46
N ILE A 123 0.62 4.82 -10.46
CA ILE A 123 -0.30 5.96 -10.57
C ILE A 123 0.52 7.14 -11.01
N LYS A 124 1.59 7.47 -10.27
CA LYS A 124 2.50 8.57 -10.56
C LYS A 124 3.14 8.53 -11.95
N ASN A 125 2.87 7.48 -12.74
CA ASN A 125 3.34 7.37 -14.10
C ASN A 125 2.63 8.50 -14.86
N GLU A 126 1.34 8.69 -14.55
CA GLU A 126 0.52 9.74 -15.12
C GLU A 126 0.75 11.03 -14.29
N LYS A 127 0.20 12.14 -14.78
CA LYS A 127 0.31 13.45 -14.14
C LYS A 127 -1.05 14.11 -14.04
N GLU A 128 -2.11 13.32 -14.00
CA GLU A 128 -3.51 13.73 -13.90
C GLU A 128 -4.05 13.22 -12.56
N GLY A 1 2.94 37.61 -27.31
CA GLY A 1 2.34 36.30 -27.63
C GLY A 1 3.23 35.21 -27.05
N SER A 2 2.68 34.00 -26.83
CA SER A 2 3.49 32.91 -26.31
C SER A 2 4.37 32.35 -27.43
N THR A 3 5.24 31.41 -27.08
CA THR A 3 6.17 30.73 -27.97
C THR A 3 6.07 29.21 -27.80
N MET A 4 5.65 28.73 -26.62
CA MET A 4 5.49 27.32 -26.24
C MET A 4 6.76 26.46 -26.48
N HIS A 5 7.91 27.09 -26.76
CA HIS A 5 9.21 26.48 -27.03
C HIS A 5 9.87 25.97 -25.72
N PHE A 6 9.10 25.35 -24.84
CA PHE A 6 9.53 24.81 -23.56
C PHE A 6 8.92 23.42 -23.39
N THR A 7 9.72 22.40 -23.63
CA THR A 7 9.33 20.99 -23.53
C THR A 7 10.33 20.35 -22.56
N ASP A 8 9.84 20.00 -21.37
CA ASP A 8 10.60 19.37 -20.30
C ASP A 8 9.63 18.53 -19.46
N ASP A 9 10.16 17.68 -18.57
CA ASP A 9 9.44 16.82 -17.64
C ASP A 9 10.47 16.30 -16.65
N ASN A 10 10.04 15.98 -15.44
CA ASN A 10 10.88 15.45 -14.37
C ASN A 10 9.98 14.56 -13.52
N GLU A 11 10.52 13.56 -12.82
CA GLU A 11 9.69 12.68 -12.00
C GLU A 11 9.09 13.47 -10.82
N ASN A 12 8.00 12.96 -10.25
CA ASN A 12 7.30 13.53 -9.12
C ASN A 12 6.70 12.35 -8.37
N ASP A 13 7.50 11.81 -7.44
CA ASP A 13 7.14 10.68 -6.62
C ASP A 13 6.05 11.02 -5.60
N THR A 14 5.43 9.96 -5.06
CA THR A 14 4.37 10.05 -4.07
C THR A 14 4.90 10.74 -2.81
N SER A 15 6.03 10.23 -2.32
CA SER A 15 6.75 10.67 -1.14
C SER A 15 5.84 10.53 0.09
N GLU A 16 5.41 9.31 0.37
CA GLU A 16 4.56 8.93 1.50
C GLU A 16 4.94 7.50 1.88
N THR A 17 4.37 6.94 2.94
CA THR A 17 4.67 5.57 3.37
C THR A 17 3.36 4.78 3.48
N MET A 18 3.45 3.46 3.69
CA MET A 18 2.27 2.62 3.81
C MET A 18 1.36 3.09 4.94
N GLU A 19 1.95 3.53 6.06
CA GLU A 19 1.20 4.02 7.20
C GLU A 19 0.41 5.27 6.80
N SER A 20 0.98 6.19 6.01
CA SER A 20 0.33 7.41 5.54
C SER A 20 -0.92 7.12 4.72
N LEU A 21 -0.92 5.99 4.01
CA LEU A 21 -2.07 5.62 3.21
C LEU A 21 -3.20 5.32 4.16
N ILE A 22 -2.96 4.43 5.11
CA ILE A 22 -3.93 4.02 6.09
C ILE A 22 -4.37 5.26 6.89
N ASP A 23 -3.46 6.19 7.21
CA ASP A 23 -3.67 7.43 7.95
C ASP A 23 -4.75 8.31 7.29
N LYS A 24 -5.05 8.09 5.99
CA LYS A 24 -6.09 8.80 5.23
C LYS A 24 -7.20 7.84 4.76
N GLY A 25 -7.00 6.53 4.84
CA GLY A 25 -7.96 5.50 4.43
C GLY A 25 -7.69 5.00 3.00
N LYS A 26 -6.43 5.02 2.55
CA LYS A 26 -6.01 4.56 1.22
C LYS A 26 -5.76 3.04 1.26
N LEU A 27 -6.80 2.23 1.41
CA LEU A 27 -6.67 0.76 1.43
C LEU A 27 -6.77 0.19 0.00
N ASP A 28 -6.97 1.04 -1.01
CA ASP A 28 -7.09 0.63 -2.43
C ASP A 28 -5.75 0.75 -3.14
N GLN A 29 -4.70 1.17 -2.43
CA GLN A 29 -3.35 1.33 -2.96
C GLN A 29 -2.35 1.02 -1.86
N VAL A 30 -1.08 0.91 -2.22
CA VAL A 30 0.03 0.61 -1.32
C VAL A 30 1.28 1.37 -1.74
N VAL A 31 2.33 1.38 -0.90
CA VAL A 31 3.60 2.02 -1.19
C VAL A 31 4.70 0.96 -1.08
N TYR A 32 5.66 0.99 -1.98
CA TYR A 32 6.80 0.08 -2.04
C TYR A 32 7.85 0.81 -2.85
N ASP A 33 9.09 0.79 -2.35
CA ASP A 33 10.24 1.40 -3.00
C ASP A 33 10.01 2.87 -3.38
N ASP A 34 9.24 3.60 -2.56
CA ASP A 34 8.86 5.02 -2.73
C ASP A 34 7.93 5.20 -3.92
N GLN A 35 7.11 4.18 -4.19
CA GLN A 35 6.20 4.20 -5.32
C GLN A 35 4.81 3.94 -4.81
N LEU A 36 3.83 4.41 -5.55
CA LEU A 36 2.42 4.29 -5.17
C LEU A 36 1.70 3.49 -6.25
N TYR A 37 1.21 2.31 -5.88
CA TYR A 37 0.51 1.43 -6.81
C TYR A 37 -0.98 1.31 -6.46
N HIS A 38 -1.87 1.55 -7.41
CA HIS A 38 -3.33 1.48 -7.24
C HIS A 38 -3.76 0.06 -7.55
N LEU A 39 -4.41 -0.60 -6.60
CA LEU A 39 -4.89 -1.96 -6.75
C LEU A 39 -6.05 -1.91 -7.74
N LYS A 40 -6.12 -2.83 -8.70
CA LYS A 40 -7.16 -2.89 -9.71
C LYS A 40 -8.06 -4.09 -9.47
N GLU A 41 -7.50 -5.29 -9.51
CA GLU A 41 -8.22 -6.54 -9.28
C GLU A 41 -7.33 -7.62 -8.68
N LYS A 42 -7.98 -8.61 -8.09
CA LYS A 42 -7.32 -9.75 -7.47
C LYS A 42 -6.88 -10.66 -8.63
N VAL A 43 -5.73 -11.30 -8.53
CA VAL A 43 -5.17 -12.20 -9.52
C VAL A 43 -4.65 -13.44 -8.79
N ASP A 44 -4.19 -14.44 -9.54
CA ASP A 44 -3.67 -15.68 -8.97
C ASP A 44 -2.14 -15.74 -8.95
N GLU A 45 -1.60 -16.72 -8.26
CA GLU A 45 -0.17 -16.99 -8.16
C GLU A 45 0.34 -17.55 -9.50
N ASP A 46 -0.57 -17.94 -10.38
CA ASP A 46 -0.25 -18.44 -11.70
C ASP A 46 -0.06 -17.24 -12.63
N LYS A 47 -0.23 -16.00 -12.14
CA LYS A 47 -0.09 -14.78 -12.91
C LYS A 47 1.16 -13.99 -12.55
N LYS A 48 1.73 -14.17 -11.35
CA LYS A 48 2.94 -13.45 -10.95
C LYS A 48 4.06 -13.77 -11.92
N GLY A 49 4.68 -12.74 -12.50
CA GLY A 49 5.78 -12.91 -13.43
C GLY A 49 7.03 -13.30 -12.68
N LYS A 50 7.45 -12.45 -11.75
CA LYS A 50 8.66 -12.61 -10.93
C LYS A 50 8.55 -11.73 -9.70
N VAL A 51 9.22 -12.07 -8.61
CA VAL A 51 9.19 -11.26 -7.38
C VAL A 51 10.04 -10.01 -7.64
N ILE A 52 9.71 -8.91 -6.95
CA ILE A 52 10.44 -7.64 -7.05
C ILE A 52 10.67 -6.99 -5.69
N GLY A 53 9.95 -7.40 -4.66
CA GLY A 53 10.08 -6.89 -3.30
C GLY A 53 8.98 -7.48 -2.44
N ALA A 54 8.86 -7.10 -1.17
CA ALA A 54 7.83 -7.61 -0.27
C ALA A 54 7.37 -6.57 0.74
N ILE A 55 6.06 -6.41 0.95
CA ILE A 55 5.56 -5.43 1.92
C ILE A 55 5.72 -6.03 3.32
N GLY A 56 5.08 -7.18 3.60
CA GLY A 56 5.12 -7.90 4.86
C GLY A 56 4.69 -7.14 6.13
N GLN A 57 4.19 -5.91 6.01
CA GLN A 57 3.75 -5.07 7.13
C GLN A 57 2.36 -5.53 7.61
N THR A 58 1.97 -5.12 8.82
CA THR A 58 0.66 -5.46 9.38
C THR A 58 0.17 -4.28 10.21
N PHE A 59 -1.06 -3.83 9.95
CA PHE A 59 -1.68 -2.71 10.67
C PHE A 59 -3.15 -3.03 10.94
N PHE A 60 -3.82 -2.22 11.77
CA PHE A 60 -5.23 -2.35 12.12
C PHE A 60 -5.90 -0.98 12.13
N VAL A 61 -7.21 -0.92 11.86
CA VAL A 61 -7.99 0.31 11.87
C VAL A 61 -9.38 0.01 12.43
N ASP A 62 -10.08 1.04 12.91
CA ASP A 62 -11.43 0.95 13.47
C ASP A 62 -12.44 1.22 12.35
N GLY A 63 -13.73 1.36 12.68
CA GLY A 63 -14.77 1.66 11.70
C GLY A 63 -14.53 3.00 11.02
N ASP A 64 -13.85 3.93 11.72
CA ASP A 64 -13.52 5.27 11.24
C ASP A 64 -12.28 5.24 10.34
N GLY A 65 -11.62 4.07 10.29
CA GLY A 65 -10.42 3.81 9.53
C GLY A 65 -9.19 4.44 10.16
N LYS A 66 -9.18 4.68 11.48
CA LYS A 66 -8.09 5.28 12.22
C LYS A 66 -7.11 4.21 12.68
N ARG A 67 -5.83 4.38 12.34
CA ARG A 67 -4.70 3.53 12.66
C ARG A 67 -4.70 3.32 14.16
N TRP A 68 -4.89 2.07 14.60
CA TRP A 68 -4.89 1.80 16.02
C TRP A 68 -3.53 2.10 16.63
N SER A 69 -3.49 2.74 17.79
CA SER A 69 -2.25 3.05 18.48
C SER A 69 -1.86 1.80 19.26
N GLU A 70 -0.58 1.45 19.31
CA GLU A 70 -0.06 0.26 20.00
C GLU A 70 -0.47 0.21 21.48
N GLU A 71 -0.67 1.37 22.11
CA GLU A 71 -1.08 1.48 23.50
C GLU A 71 -2.47 0.90 23.70
N GLU A 72 -3.34 1.16 22.72
CA GLU A 72 -4.72 0.69 22.68
C GLU A 72 -4.73 -0.77 22.22
N LEU A 73 -3.70 -1.21 21.49
CA LEU A 73 -3.59 -2.59 21.04
C LEU A 73 -3.21 -3.50 22.20
N LYS A 74 -2.47 -3.01 23.20
CA LYS A 74 -2.07 -3.79 24.37
C LYS A 74 -3.00 -3.59 25.57
N GLU A 75 -3.68 -2.45 25.66
CA GLU A 75 -4.61 -2.00 26.69
C GLU A 75 -3.96 -1.90 28.09
N PRO A 76 -4.58 -1.23 29.07
CA PRO A 76 -4.01 -1.12 30.42
C PRO A 76 -4.18 -2.45 31.18
N TYR A 77 -3.64 -2.53 32.40
CA TYR A 77 -3.71 -3.72 33.25
C TYR A 77 -5.14 -4.20 33.49
N ILE A 78 -6.04 -3.29 33.86
CA ILE A 78 -7.45 -3.60 34.11
C ILE A 78 -8.32 -2.57 33.39
N SER A 79 -9.56 -2.95 33.10
CA SER A 79 -10.56 -2.13 32.44
C SER A 79 -11.93 -2.59 32.94
N ASN A 80 -12.97 -1.78 32.73
CA ASN A 80 -14.33 -2.06 33.16
C ASN A 80 -15.36 -1.46 32.18
N ASN A 81 -14.97 -1.07 30.97
CA ASN A 81 -15.86 -0.46 29.98
C ASN A 81 -16.08 -1.31 28.72
N PRO A 82 -16.96 -2.33 28.77
CA PRO A 82 -17.24 -3.21 27.62
C PRO A 82 -18.05 -2.56 26.48
N ASP A 83 -18.43 -1.29 26.62
CA ASP A 83 -19.19 -0.52 25.62
C ASP A 83 -18.30 0.47 24.85
N GLU A 84 -17.18 0.80 25.46
CA GLU A 84 -16.18 1.72 24.92
C GLU A 84 -15.23 1.05 23.92
N ILE A 85 -15.35 -0.27 23.74
CA ILE A 85 -14.50 -0.98 22.79
C ILE A 85 -14.91 -0.55 21.38
N ARG A 86 -14.04 -0.79 20.39
CA ARG A 86 -14.28 -0.41 19.01
C ARG A 86 -13.80 -1.54 18.11
N GLU A 87 -14.31 -1.62 16.87
CA GLU A 87 -13.90 -2.67 15.96
C GLU A 87 -12.42 -2.52 15.59
N LYS A 88 -11.81 -3.61 15.08
CA LYS A 88 -10.41 -3.60 14.70
C LYS A 88 -10.21 -4.51 13.49
N LYS A 89 -10.18 -3.90 12.31
CA LYS A 89 -10.02 -4.53 11.02
C LYS A 89 -8.52 -4.70 10.75
N PRO A 90 -8.01 -5.91 10.58
CA PRO A 90 -6.60 -6.15 10.29
C PRO A 90 -6.30 -5.76 8.85
N LEU A 91 -5.03 -5.50 8.55
CA LEU A 91 -4.50 -5.15 7.24
C LEU A 91 -3.18 -5.91 7.21
N ARG A 92 -3.15 -7.11 6.62
CA ARG A 92 -1.97 -7.96 6.52
C ARG A 92 -1.43 -7.85 5.11
N TYR A 93 -0.21 -7.35 4.94
CA TYR A 93 0.40 -7.18 3.64
C TYR A 93 1.35 -8.35 3.32
N GLY A 94 1.45 -8.64 2.03
CA GLY A 94 2.11 -9.62 1.26
C GLY A 94 3.28 -9.20 0.37
N LYS A 95 4.02 -10.20 -0.12
CA LYS A 95 5.16 -9.98 -1.00
C LYS A 95 4.64 -9.38 -2.33
N VAL A 96 5.53 -8.78 -3.13
CA VAL A 96 5.19 -8.12 -4.39
C VAL A 96 5.88 -8.81 -5.58
N TYR A 97 5.19 -8.81 -6.73
CA TYR A 97 5.65 -9.40 -7.97
C TYR A 97 5.51 -8.37 -9.08
N SER A 98 5.98 -8.70 -10.27
CA SER A 98 5.93 -7.88 -11.47
C SER A 98 5.10 -8.66 -12.47
N THR A 99 4.57 -7.93 -13.45
CA THR A 99 3.74 -8.40 -14.54
C THR A 99 4.64 -9.04 -15.62
N ASN A 100 4.04 -9.51 -16.71
CA ASN A 100 4.77 -10.13 -17.81
C ASN A 100 5.31 -9.02 -18.69
N GLU A 101 6.38 -8.38 -18.24
CA GLU A 101 7.04 -7.27 -18.89
C GLU A 101 8.51 -7.31 -18.50
N ASP A 102 9.30 -7.86 -19.39
CA ASP A 102 10.75 -8.02 -19.28
C ASP A 102 11.41 -6.75 -19.86
N SER A 103 10.87 -5.56 -19.56
CA SER A 103 11.33 -4.29 -20.06
C SER A 103 11.87 -3.40 -18.94
N ASP A 104 12.18 -2.16 -19.28
CA ASP A 104 12.70 -1.12 -18.40
C ASP A 104 11.58 -0.28 -17.77
N ALA A 105 10.32 -0.59 -18.06
CA ALA A 105 9.16 0.11 -17.56
C ALA A 105 8.94 -0.10 -16.06
N LYS A 106 8.46 -1.28 -15.66
CA LYS A 106 8.15 -1.65 -14.28
C LYS A 106 7.02 -0.71 -13.81
N ASP A 107 5.99 -0.53 -14.65
CA ASP A 107 4.86 0.37 -14.32
C ASP A 107 3.69 -0.39 -13.73
N GLU A 108 3.69 -1.72 -13.81
CA GLU A 108 2.62 -2.54 -13.26
C GLU A 108 3.30 -3.61 -12.43
N ILE A 109 2.67 -3.98 -11.33
CA ILE A 109 3.18 -4.95 -10.39
C ILE A 109 1.99 -5.68 -9.75
N ILE A 110 2.23 -6.66 -8.89
CA ILE A 110 1.19 -7.43 -8.22
C ILE A 110 1.52 -7.45 -6.74
N VAL A 111 0.70 -6.80 -5.91
CA VAL A 111 0.84 -6.71 -4.46
C VAL A 111 -0.01 -7.75 -3.76
N GLU A 112 0.56 -8.49 -2.83
CA GLU A 112 -0.21 -9.47 -2.08
C GLU A 112 -0.74 -8.75 -0.83
N PHE A 113 -1.96 -9.07 -0.43
CA PHE A 113 -2.63 -8.55 0.74
C PHE A 113 -3.63 -9.60 1.18
N ASN A 114 -3.95 -9.74 2.47
CA ASN A 114 -4.93 -10.73 2.96
C ASN A 114 -4.69 -12.14 2.36
N ARG A 115 -3.43 -12.51 2.11
CA ARG A 115 -3.00 -13.80 1.54
C ARG A 115 -3.54 -14.02 0.11
N GLU A 116 -3.81 -12.96 -0.65
CA GLU A 116 -4.31 -12.95 -2.02
C GLU A 116 -3.44 -11.98 -2.81
N TYR A 117 -3.21 -12.23 -4.10
CA TYR A 117 -2.39 -11.37 -4.96
C TYR A 117 -3.31 -10.39 -5.67
N TYR A 118 -2.94 -9.11 -5.73
CA TYR A 118 -3.74 -8.06 -6.38
C TYR A 118 -2.89 -7.28 -7.38
N ARG A 119 -3.32 -7.25 -8.63
CA ARG A 119 -2.61 -6.53 -9.67
C ARG A 119 -2.78 -5.04 -9.36
N ALA A 120 -1.68 -4.30 -9.30
CA ALA A 120 -1.64 -2.88 -8.99
C ALA A 120 -0.91 -2.12 -10.11
N VAL A 121 -1.20 -0.85 -10.31
CA VAL A 121 -0.60 0.00 -11.35
C VAL A 121 0.10 1.20 -10.76
N LEU A 122 1.24 1.61 -11.33
CA LEU A 122 1.98 2.79 -10.91
C LEU A 122 1.04 3.96 -11.22
N ILE A 123 0.50 4.58 -10.18
CA ILE A 123 -0.47 5.66 -10.35
C ILE A 123 0.16 6.89 -10.98
N LYS A 124 1.36 7.22 -10.52
CA LYS A 124 2.12 8.38 -10.96
C LYS A 124 2.24 8.39 -12.49
N ASN A 125 2.28 7.21 -13.12
CA ASN A 125 2.41 7.03 -14.55
C ASN A 125 1.26 7.62 -15.36
N GLU A 126 0.09 7.77 -14.74
CA GLU A 126 -1.11 8.32 -15.35
C GLU A 126 -1.52 9.59 -14.60
N LYS A 127 -2.59 10.22 -15.08
CA LYS A 127 -3.13 11.45 -14.50
C LYS A 127 -4.40 11.24 -13.70
N GLU A 128 -4.73 10.01 -13.31
CA GLU A 128 -5.92 9.65 -12.57
C GLU A 128 -5.55 8.89 -11.32
N GLY A 1 25.14 40.14 -14.10
CA GLY A 1 25.43 39.58 -15.43
C GLY A 1 24.33 38.61 -15.81
N SER A 2 24.28 38.19 -17.08
CA SER A 2 23.28 37.26 -17.58
C SER A 2 23.49 35.88 -16.96
N THR A 3 22.69 35.53 -15.95
CA THR A 3 22.76 34.24 -15.27
C THR A 3 22.11 33.20 -16.18
N MET A 4 22.91 32.37 -16.83
CA MET A 4 22.47 31.32 -17.74
C MET A 4 23.24 30.08 -17.29
N HIS A 5 22.58 29.25 -16.49
CA HIS A 5 23.13 28.01 -15.93
C HIS A 5 22.11 26.89 -16.06
N PHE A 6 22.49 25.68 -15.67
CA PHE A 6 21.64 24.48 -15.70
C PHE A 6 21.89 23.70 -14.41
N THR A 7 20.94 22.85 -14.04
CA THR A 7 20.98 22.03 -12.85
C THR A 7 20.36 20.65 -13.11
N ASP A 8 20.52 19.74 -12.15
CA ASP A 8 19.98 18.40 -12.21
C ASP A 8 18.48 18.44 -11.89
N ASP A 9 17.79 17.29 -11.95
CA ASP A 9 16.36 17.18 -11.66
C ASP A 9 16.19 16.29 -10.42
N ASN A 10 14.98 16.24 -9.85
CA ASN A 10 14.71 15.44 -8.66
C ASN A 10 13.68 14.37 -8.95
N GLU A 11 13.55 13.41 -8.03
CA GLU A 11 12.61 12.30 -8.10
C GLU A 11 11.22 12.89 -7.86
N ASN A 12 10.23 12.44 -8.62
CA ASN A 12 8.84 12.90 -8.54
C ASN A 12 7.98 11.73 -8.06
N ASP A 13 8.33 11.20 -6.89
CA ASP A 13 7.65 10.09 -6.21
C ASP A 13 6.37 10.59 -5.52
N THR A 14 5.61 9.68 -4.91
CA THR A 14 4.37 10.05 -4.21
C THR A 14 4.67 10.87 -2.94
N SER A 15 5.78 10.55 -2.29
CA SER A 15 6.27 11.18 -1.08
C SER A 15 5.27 10.94 0.07
N GLU A 16 4.95 9.67 0.31
CA GLU A 16 4.06 9.20 1.37
C GLU A 16 4.45 7.75 1.67
N THR A 17 3.93 7.18 2.76
CA THR A 17 4.23 5.82 3.17
C THR A 17 2.92 5.03 3.30
N MET A 18 3.04 3.72 3.49
CA MET A 18 1.90 2.81 3.62
C MET A 18 0.94 3.26 4.71
N GLU A 19 1.46 3.72 5.85
CA GLU A 19 0.63 4.16 6.97
C GLU A 19 -0.18 5.40 6.61
N SER A 20 0.38 6.31 5.81
CA SER A 20 -0.30 7.54 5.39
C SER A 20 -1.53 7.20 4.56
N LEU A 21 -1.44 6.10 3.80
CA LEU A 21 -2.55 5.66 2.98
C LEU A 21 -3.67 5.25 3.92
N ILE A 22 -3.37 4.37 4.87
CA ILE A 22 -4.35 3.88 5.83
C ILE A 22 -4.95 5.08 6.59
N ASP A 23 -4.12 6.04 7.01
CA ASP A 23 -4.53 7.23 7.76
C ASP A 23 -5.63 8.01 7.06
N LYS A 24 -5.69 7.94 5.72
CA LYS A 24 -6.73 8.62 4.95
C LYS A 24 -7.80 7.65 4.44
N GLY A 25 -7.55 6.35 4.49
CA GLY A 25 -8.45 5.31 4.02
C GLY A 25 -8.14 4.90 2.57
N LYS A 26 -6.86 4.89 2.16
CA LYS A 26 -6.45 4.51 0.80
C LYS A 26 -6.17 3.00 0.75
N LEU A 27 -7.17 2.15 1.00
CA LEU A 27 -7.00 0.70 0.99
C LEU A 27 -7.08 0.13 -0.43
N ASP A 28 -7.29 0.96 -1.46
CA ASP A 28 -7.38 0.53 -2.86
C ASP A 28 -6.02 0.68 -3.54
N GLN A 29 -4.98 1.03 -2.79
CA GLN A 29 -3.61 1.22 -3.25
C GLN A 29 -2.64 0.93 -2.11
N VAL A 30 -1.35 0.84 -2.44
CA VAL A 30 -0.27 0.59 -1.49
C VAL A 30 1.01 1.34 -1.93
N VAL A 31 1.99 1.47 -1.03
CA VAL A 31 3.27 2.09 -1.31
C VAL A 31 4.33 1.01 -1.11
N TYR A 32 5.37 1.00 -1.93
CA TYR A 32 6.48 0.08 -1.87
C TYR A 32 7.59 0.76 -2.65
N ASP A 33 8.76 0.90 -2.01
CA ASP A 33 9.96 1.50 -2.58
C ASP A 33 9.75 2.94 -3.08
N ASP A 34 8.89 3.71 -2.40
CA ASP A 34 8.53 5.11 -2.72
C ASP A 34 7.66 5.19 -3.97
N GLN A 35 6.90 4.12 -4.24
CA GLN A 35 6.07 4.05 -5.42
C GLN A 35 4.68 3.82 -4.93
N LEU A 36 3.73 4.26 -5.73
CA LEU A 36 2.30 4.17 -5.39
C LEU A 36 1.59 3.42 -6.47
N TYR A 37 0.96 2.29 -6.11
CA TYR A 37 0.25 1.47 -7.09
C TYR A 37 -1.23 1.37 -6.73
N HIS A 38 -2.11 1.54 -7.70
CA HIS A 38 -3.56 1.47 -7.56
C HIS A 38 -3.93 0.05 -7.91
N LEU A 39 -4.54 -0.65 -6.97
CA LEU A 39 -4.98 -2.02 -7.17
C LEU A 39 -6.07 -1.99 -8.24
N LYS A 40 -6.19 -3.07 -9.02
CA LYS A 40 -7.18 -3.17 -10.09
C LYS A 40 -8.04 -4.40 -9.87
N GLU A 41 -7.44 -5.59 -9.93
CA GLU A 41 -8.17 -6.85 -9.71
C GLU A 41 -7.31 -7.90 -9.01
N LYS A 42 -7.97 -8.92 -8.50
CA LYS A 42 -7.38 -10.06 -7.79
C LYS A 42 -6.85 -11.01 -8.84
N VAL A 43 -5.70 -11.66 -8.62
CA VAL A 43 -5.10 -12.58 -9.57
C VAL A 43 -4.65 -13.89 -8.92
N ASP A 44 -4.13 -14.80 -9.72
CA ASP A 44 -3.63 -16.10 -9.30
C ASP A 44 -2.13 -16.05 -9.08
N GLU A 45 -1.58 -17.08 -8.42
CA GLU A 45 -0.15 -17.19 -8.17
C GLU A 45 0.60 -17.51 -9.46
N ASP A 46 -0.12 -17.87 -10.52
CA ASP A 46 0.46 -18.17 -11.82
C ASP A 46 0.66 -16.86 -12.59
N LYS A 47 0.11 -15.74 -12.09
CA LYS A 47 0.17 -14.47 -12.80
C LYS A 47 1.42 -13.69 -12.48
N LYS A 48 2.01 -13.97 -11.34
CA LYS A 48 3.25 -13.32 -10.94
C LYS A 48 4.31 -13.71 -11.98
N GLY A 49 4.90 -12.69 -12.59
CA GLY A 49 5.95 -12.87 -13.58
C GLY A 49 7.21 -13.33 -12.89
N LYS A 50 7.46 -12.79 -11.69
CA LYS A 50 8.59 -13.02 -10.79
C LYS A 50 8.47 -12.09 -9.58
N VAL A 51 9.10 -12.43 -8.45
CA VAL A 51 9.09 -11.60 -7.23
C VAL A 51 10.01 -10.42 -7.53
N ILE A 52 9.74 -9.27 -6.91
CA ILE A 52 10.52 -8.04 -7.07
C ILE A 52 10.76 -7.33 -5.74
N GLY A 53 9.87 -7.50 -4.75
CA GLY A 53 9.99 -6.87 -3.45
C GLY A 53 8.98 -7.46 -2.50
N ALA A 54 8.90 -6.98 -1.25
CA ALA A 54 7.95 -7.46 -0.27
C ALA A 54 7.45 -6.35 0.65
N ILE A 55 6.13 -6.20 0.81
CA ILE A 55 5.59 -5.18 1.71
C ILE A 55 5.73 -5.77 3.11
N GLY A 56 5.15 -6.94 3.37
CA GLY A 56 5.21 -7.65 4.65
C GLY A 56 4.91 -6.84 5.90
N GLN A 57 4.04 -5.83 5.81
CA GLN A 57 3.68 -5.00 6.96
C GLN A 57 2.36 -5.50 7.56
N THR A 58 2.04 -5.05 8.77
CA THR A 58 0.83 -5.40 9.47
C THR A 58 0.38 -4.17 10.28
N PHE A 59 -0.86 -3.74 10.10
CA PHE A 59 -1.43 -2.59 10.81
C PHE A 59 -2.87 -2.90 11.23
N PHE A 60 -3.52 -1.99 11.97
CA PHE A 60 -4.89 -2.15 12.43
C PHE A 60 -5.63 -0.81 12.44
N VAL A 61 -6.95 -0.82 12.22
CA VAL A 61 -7.80 0.37 12.23
C VAL A 61 -9.09 0.02 12.99
N ASP A 62 -9.87 1.01 13.42
CA ASP A 62 -11.13 0.84 14.12
C ASP A 62 -12.30 1.03 13.17
N GLY A 63 -13.51 1.08 13.70
CA GLY A 63 -14.72 1.27 12.91
C GLY A 63 -14.70 2.59 12.13
N ASP A 64 -13.94 3.59 12.61
CA ASP A 64 -13.81 4.90 11.97
C ASP A 64 -12.61 4.93 11.02
N GLY A 65 -11.85 3.84 10.94
CA GLY A 65 -10.68 3.73 10.08
C GLY A 65 -9.49 4.45 10.69
N LYS A 66 -9.46 4.69 12.00
CA LYS A 66 -8.38 5.38 12.70
C LYS A 66 -7.29 4.37 13.01
N ARG A 67 -6.05 4.73 12.74
CA ARG A 67 -4.88 3.89 12.96
C ARG A 67 -4.70 3.71 14.45
N TRP A 68 -4.75 2.44 14.87
CA TRP A 68 -4.59 2.10 16.27
C TRP A 68 -3.15 2.32 16.69
N SER A 69 -2.95 3.06 17.78
CA SER A 69 -1.63 3.31 18.32
C SER A 69 -1.21 2.08 19.13
N GLU A 70 0.09 1.86 19.24
CA GLU A 70 0.66 0.71 19.94
C GLU A 70 0.25 0.59 21.40
N GLU A 71 0.05 1.73 22.07
CA GLU A 71 -0.34 1.80 23.47
C GLU A 71 -1.76 1.27 23.67
N GLU A 72 -2.60 1.45 22.65
CA GLU A 72 -3.97 0.95 22.62
C GLU A 72 -3.95 -0.54 22.24
N LEU A 73 -3.02 -0.95 21.37
CA LEU A 73 -2.89 -2.32 20.90
C LEU A 73 -2.29 -3.27 21.94
N LYS A 74 -1.58 -2.77 22.95
CA LYS A 74 -1.02 -3.64 23.98
C LYS A 74 -2.16 -4.19 24.86
N GLU A 75 -3.33 -3.54 24.85
CA GLU A 75 -4.50 -3.89 25.64
C GLU A 75 -5.21 -5.16 25.15
N PRO A 76 -6.06 -5.79 25.98
CA PRO A 76 -6.79 -7.00 25.65
C PRO A 76 -8.08 -6.68 24.86
N TYR A 77 -8.92 -7.68 24.59
CA TYR A 77 -10.17 -7.50 23.85
C TYR A 77 -11.26 -6.93 24.75
N ILE A 78 -11.96 -7.76 25.53
CA ILE A 78 -13.00 -7.26 26.42
C ILE A 78 -12.29 -6.50 27.54
N SER A 79 -12.89 -5.38 27.94
CA SER A 79 -12.39 -4.48 28.97
C SER A 79 -13.58 -3.90 29.75
N ASN A 80 -13.29 -3.25 30.88
CA ASN A 80 -14.30 -2.64 31.74
C ASN A 80 -14.83 -1.30 31.20
N ASN A 81 -14.20 -0.73 30.17
CA ASN A 81 -14.57 0.53 29.54
C ASN A 81 -15.16 0.23 28.14
N PRO A 82 -16.42 -0.22 28.02
CA PRO A 82 -17.04 -0.56 26.74
C PRO A 82 -17.28 0.61 25.78
N ASP A 83 -17.16 1.86 26.22
CA ASP A 83 -17.37 3.01 25.33
C ASP A 83 -16.05 3.57 24.80
N GLU A 84 -14.94 3.30 25.48
CA GLU A 84 -13.62 3.76 25.06
C GLU A 84 -13.09 2.83 23.97
N ILE A 85 -13.23 1.52 24.18
CA ILE A 85 -12.78 0.49 23.25
C ILE A 85 -13.67 0.48 22.00
N ARG A 86 -13.14 -0.05 20.90
CA ARG A 86 -13.82 -0.17 19.62
C ARG A 86 -13.26 -1.38 18.89
N GLU A 87 -13.84 -1.69 17.74
CA GLU A 87 -13.42 -2.81 16.91
C GLU A 87 -11.98 -2.63 16.41
N LYS A 88 -11.37 -3.72 15.94
CA LYS A 88 -10.01 -3.74 15.44
C LYS A 88 -9.98 -4.54 14.13
N LYS A 89 -9.68 -3.89 13.01
CA LYS A 89 -9.61 -4.47 11.68
C LYS A 89 -8.14 -4.70 11.30
N PRO A 90 -7.62 -5.93 11.39
CA PRO A 90 -6.23 -6.22 11.03
C PRO A 90 -6.02 -6.10 9.51
N LEU A 91 -4.84 -5.66 9.09
CA LEU A 91 -4.41 -5.45 7.71
C LEU A 91 -3.06 -6.14 7.57
N ARG A 92 -2.99 -7.28 6.88
CA ARG A 92 -1.76 -8.07 6.68
C ARG A 92 -1.31 -8.00 5.23
N TYR A 93 -0.13 -7.44 4.99
CA TYR A 93 0.44 -7.30 3.65
C TYR A 93 1.38 -8.45 3.31
N GLY A 94 1.42 -8.73 2.02
CA GLY A 94 2.07 -9.70 1.21
C GLY A 94 3.22 -9.20 0.36
N LYS A 95 3.98 -10.16 -0.17
CA LYS A 95 5.12 -9.88 -1.02
C LYS A 95 4.62 -9.23 -2.33
N VAL A 96 5.52 -8.67 -3.14
CA VAL A 96 5.18 -8.03 -4.40
C VAL A 96 5.90 -8.73 -5.54
N TYR A 97 5.19 -8.83 -6.66
CA TYR A 97 5.64 -9.49 -7.87
C TYR A 97 5.49 -8.54 -9.07
N SER A 98 6.11 -8.89 -10.18
CA SER A 98 6.06 -8.15 -11.43
C SER A 98 5.00 -8.82 -12.30
N THR A 99 4.64 -8.17 -13.39
CA THR A 99 3.67 -8.66 -14.35
C THR A 99 4.44 -9.32 -15.51
N ASN A 100 3.75 -9.71 -16.58
CA ASN A 100 4.31 -10.35 -17.77
C ASN A 100 4.97 -9.29 -18.65
N GLU A 101 6.07 -8.73 -18.15
CA GLU A 101 6.87 -7.69 -18.80
C GLU A 101 8.28 -7.80 -18.26
N ASP A 102 9.10 -8.46 -19.04
CA ASP A 102 10.52 -8.73 -18.77
C ASP A 102 11.40 -7.58 -19.28
N SER A 103 10.83 -6.37 -19.34
CA SER A 103 11.40 -5.13 -19.81
C SER A 103 11.70 -4.23 -18.62
N ASP A 104 12.00 -2.96 -18.89
CA ASP A 104 12.30 -1.96 -17.86
C ASP A 104 11.03 -1.28 -17.35
N ALA A 105 9.95 -1.39 -18.16
CA ALA A 105 8.60 -0.84 -18.00
C ALA A 105 8.19 -0.63 -16.55
N LYS A 106 8.02 -1.73 -15.80
CA LYS A 106 7.64 -1.74 -14.39
C LYS A 106 6.50 -0.76 -14.11
N ASP A 107 5.48 -0.71 -14.97
CA ASP A 107 4.36 0.23 -14.78
C ASP A 107 3.17 -0.47 -14.12
N GLU A 108 3.23 -1.79 -14.00
CA GLU A 108 2.23 -2.60 -13.37
C GLU A 108 3.00 -3.65 -12.59
N ILE A 109 2.49 -3.99 -11.42
CA ILE A 109 3.07 -4.97 -10.50
C ILE A 109 1.91 -5.69 -9.80
N ILE A 110 2.18 -6.67 -8.94
CA ILE A 110 1.15 -7.43 -8.22
C ILE A 110 1.46 -7.39 -6.73
N VAL A 111 0.59 -6.75 -5.95
CA VAL A 111 0.64 -6.57 -4.52
C VAL A 111 -0.17 -7.65 -3.83
N GLU A 112 0.40 -8.33 -2.85
CA GLU A 112 -0.32 -9.34 -2.10
C GLU A 112 -0.86 -8.71 -0.80
N PHE A 113 -2.06 -9.06 -0.37
CA PHE A 113 -2.72 -8.57 0.83
C PHE A 113 -3.72 -9.63 1.29
N ASN A 114 -3.99 -9.76 2.58
CA ASN A 114 -4.93 -10.74 3.15
C ASN A 114 -4.71 -12.17 2.59
N ARG A 115 -3.45 -12.57 2.37
CA ARG A 115 -3.08 -13.90 1.83
C ARG A 115 -3.62 -14.12 0.40
N GLU A 116 -3.72 -13.07 -0.42
CA GLU A 116 -4.22 -13.11 -1.80
C GLU A 116 -3.41 -12.11 -2.61
N TYR A 117 -3.46 -12.21 -3.94
CA TYR A 117 -2.71 -11.37 -4.87
C TYR A 117 -3.60 -10.39 -5.63
N TYR A 118 -3.15 -9.15 -5.78
CA TYR A 118 -3.89 -8.09 -6.47
C TYR A 118 -3.01 -7.34 -7.47
N ARG A 119 -3.39 -7.35 -8.74
CA ARG A 119 -2.66 -6.64 -9.78
C ARG A 119 -2.86 -5.16 -9.51
N ALA A 120 -1.80 -4.36 -9.67
CA ALA A 120 -1.82 -2.92 -9.44
C ALA A 120 -1.05 -2.18 -10.54
N VAL A 121 -1.36 -0.90 -10.76
CA VAL A 121 -0.73 -0.02 -11.76
C VAL A 121 -0.03 1.14 -11.07
N LEU A 122 1.08 1.61 -11.62
CA LEU A 122 1.81 2.76 -11.10
C LEU A 122 0.81 3.92 -11.24
N ILE A 123 0.53 4.66 -10.15
CA ILE A 123 -0.48 5.71 -10.19
C ILE A 123 0.17 6.96 -10.73
N LYS A 124 1.26 7.32 -10.07
CA LYS A 124 2.06 8.49 -10.37
C LYS A 124 2.50 8.55 -11.83
N ASN A 125 2.48 7.42 -12.54
CA ASN A 125 2.85 7.31 -13.94
C ASN A 125 1.72 7.90 -14.79
N GLU A 126 0.53 7.30 -14.70
CA GLU A 126 -0.67 7.71 -15.44
C GLU A 126 -1.30 9.01 -14.94
N LYS A 127 -0.85 9.49 -13.79
CA LYS A 127 -1.28 10.75 -13.13
C LYS A 127 -0.85 11.97 -13.94
N GLU A 128 -0.14 11.73 -15.03
CA GLU A 128 0.39 12.72 -15.94
C GLU A 128 -0.31 12.50 -17.26
N GLY A 1 38.57 24.07 0.91
CA GLY A 1 38.40 24.53 -0.47
C GLY A 1 37.70 25.86 -0.45
N SER A 2 36.76 26.08 -1.36
CA SER A 2 35.95 27.28 -1.51
C SER A 2 34.59 26.79 -2.04
N THR A 3 33.52 27.51 -1.72
CA THR A 3 32.16 27.17 -2.14
C THR A 3 31.80 27.86 -3.46
N MET A 4 30.68 27.44 -4.07
CA MET A 4 30.14 27.94 -5.32
C MET A 4 28.70 27.45 -5.45
N HIS A 5 27.97 27.99 -6.41
CA HIS A 5 26.59 27.60 -6.68
C HIS A 5 26.64 26.25 -7.43
N PHE A 6 25.57 25.46 -7.34
CA PHE A 6 25.46 24.17 -8.02
C PHE A 6 24.00 23.97 -8.41
N THR A 7 23.77 23.20 -9.47
CA THR A 7 22.43 22.90 -9.95
C THR A 7 21.71 21.97 -8.98
N ASP A 8 20.38 21.85 -9.12
CA ASP A 8 19.52 21.01 -8.28
C ASP A 8 18.71 20.07 -9.17
N ASP A 9 18.18 19.01 -8.57
CA ASP A 9 17.39 17.98 -9.22
C ASP A 9 16.08 17.86 -8.44
N ASN A 10 14.96 17.98 -9.14
CA ASN A 10 13.64 17.89 -8.51
C ASN A 10 13.23 16.42 -8.40
N GLU A 11 12.26 16.16 -7.54
CA GLU A 11 11.68 14.85 -7.28
C GLU A 11 10.18 15.03 -7.48
N ASN A 12 9.45 13.96 -7.77
CA ASN A 12 8.02 14.06 -8.03
C ASN A 12 7.23 12.83 -7.59
N ASP A 13 7.78 12.02 -6.69
CA ASP A 13 7.15 10.80 -6.20
C ASP A 13 5.94 11.07 -5.29
N THR A 14 5.31 10.00 -4.75
CA THR A 14 4.14 10.20 -3.89
C THR A 14 4.54 10.96 -2.61
N SER A 15 5.73 10.62 -2.11
CA SER A 15 6.36 11.16 -0.92
C SER A 15 5.47 10.88 0.30
N GLU A 16 5.11 9.60 0.48
CA GLU A 16 4.30 9.12 1.59
C GLU A 16 4.73 7.67 1.89
N THR A 17 4.28 7.14 3.02
CA THR A 17 4.60 5.80 3.47
C THR A 17 3.31 5.00 3.65
N MET A 18 3.44 3.69 3.86
CA MET A 18 2.30 2.79 4.02
C MET A 18 1.35 3.24 5.12
N GLU A 19 1.91 3.71 6.23
CA GLU A 19 1.15 4.17 7.37
C GLU A 19 0.25 5.34 7.00
N SER A 20 0.72 6.31 6.22
CA SER A 20 -0.06 7.49 5.81
C SER A 20 -1.26 7.07 4.98
N LEU A 21 -1.12 6.02 4.16
CA LEU A 21 -2.20 5.52 3.33
C LEU A 21 -3.33 5.08 4.22
N ILE A 22 -3.02 4.22 5.18
CA ILE A 22 -4.00 3.67 6.11
C ILE A 22 -4.55 4.78 6.99
N ASP A 23 -3.72 5.74 7.39
CA ASP A 23 -4.11 6.87 8.24
C ASP A 23 -5.23 7.68 7.57
N LYS A 24 -5.29 7.66 6.22
CA LYS A 24 -6.32 8.36 5.45
C LYS A 24 -7.38 7.39 4.93
N GLY A 25 -7.14 6.08 4.97
CA GLY A 25 -8.07 5.06 4.50
C GLY A 25 -7.85 4.70 3.04
N LYS A 26 -6.61 4.68 2.54
CA LYS A 26 -6.31 4.34 1.13
C LYS A 26 -6.15 2.82 1.00
N LEU A 27 -7.16 2.01 1.33
CA LEU A 27 -7.05 0.54 1.25
C LEU A 27 -7.03 0.02 -0.19
N ASP A 28 -7.27 0.90 -1.16
CA ASP A 28 -7.31 0.57 -2.58
C ASP A 28 -5.95 0.72 -3.22
N GLN A 29 -4.95 1.23 -2.50
CA GLN A 29 -3.62 1.45 -3.02
C GLN A 29 -2.59 1.12 -1.93
N VAL A 30 -1.32 1.02 -2.33
CA VAL A 30 -0.20 0.73 -1.42
C VAL A 30 1.09 1.40 -1.90
N VAL A 31 2.09 1.59 -1.01
CA VAL A 31 3.38 2.17 -1.35
C VAL A 31 4.38 1.00 -1.35
N TYR A 32 5.49 1.15 -2.06
CA TYR A 32 6.57 0.18 -2.14
C TYR A 32 7.73 0.94 -2.77
N ASP A 33 8.90 0.90 -2.13
CA ASP A 33 10.13 1.55 -2.63
C ASP A 33 9.93 3.03 -2.98
N ASP A 34 9.06 3.72 -2.23
CA ASP A 34 8.68 5.15 -2.35
C ASP A 34 7.75 5.43 -3.54
N GLN A 35 7.04 4.40 -4.00
CA GLN A 35 6.15 4.47 -5.15
C GLN A 35 4.74 4.23 -4.66
N LEU A 36 3.74 4.46 -5.50
CA LEU A 36 2.33 4.29 -5.15
C LEU A 36 1.66 3.56 -6.30
N TYR A 37 0.93 2.51 -5.96
CA TYR A 37 0.22 1.69 -6.94
C TYR A 37 -1.24 1.54 -6.55
N HIS A 38 -2.14 1.59 -7.54
CA HIS A 38 -3.58 1.46 -7.36
C HIS A 38 -3.97 0.03 -7.68
N LEU A 39 -4.62 -0.64 -6.74
CA LEU A 39 -5.08 -2.02 -6.92
C LEU A 39 -6.22 -1.99 -7.94
N LYS A 40 -6.25 -2.94 -8.86
CA LYS A 40 -7.27 -3.00 -9.91
C LYS A 40 -8.17 -4.23 -9.76
N GLU A 41 -7.59 -5.42 -9.80
CA GLU A 41 -8.30 -6.67 -9.66
C GLU A 41 -7.44 -7.68 -8.90
N LYS A 42 -7.86 -8.95 -8.78
CA LYS A 42 -7.15 -10.03 -8.09
C LYS A 42 -6.55 -10.98 -9.13
N VAL A 43 -5.43 -11.64 -8.87
CA VAL A 43 -4.76 -12.61 -9.75
C VAL A 43 -4.41 -13.86 -8.93
N ASP A 44 -4.01 -14.93 -9.62
CA ASP A 44 -3.61 -16.18 -8.99
C ASP A 44 -2.08 -16.21 -8.87
N GLU A 45 -1.52 -17.18 -8.14
CA GLU A 45 -0.06 -17.28 -7.98
C GLU A 45 0.61 -17.75 -9.27
N ASP A 46 -0.19 -18.21 -10.23
CA ASP A 46 0.27 -18.70 -11.53
C ASP A 46 0.49 -17.52 -12.48
N LYS A 47 0.04 -16.32 -12.12
CA LYS A 47 0.16 -15.14 -12.98
C LYS A 47 1.39 -14.31 -12.69
N LYS A 48 1.95 -14.40 -11.48
CA LYS A 48 3.14 -13.64 -11.11
C LYS A 48 4.30 -13.96 -12.05
N GLY A 49 5.05 -12.92 -12.43
CA GLY A 49 6.18 -13.05 -13.32
C GLY A 49 7.48 -13.35 -12.58
N LYS A 50 7.75 -12.61 -11.50
CA LYS A 50 8.94 -12.74 -10.66
C LYS A 50 8.77 -11.83 -9.45
N VAL A 51 9.31 -12.20 -8.29
CA VAL A 51 9.23 -11.38 -7.08
C VAL A 51 10.09 -10.16 -7.36
N ILE A 52 9.68 -8.98 -6.88
CA ILE A 52 10.43 -7.74 -7.07
C ILE A 52 10.66 -7.00 -5.75
N GLY A 53 9.81 -7.22 -4.74
CA GLY A 53 9.91 -6.60 -3.44
C GLY A 53 8.97 -7.31 -2.50
N ALA A 54 8.85 -6.88 -1.25
CA ALA A 54 7.98 -7.51 -0.28
C ALA A 54 7.44 -6.50 0.71
N ILE A 55 6.11 -6.26 0.76
CA ILE A 55 5.60 -5.30 1.72
C ILE A 55 5.89 -5.88 3.10
N GLY A 56 5.40 -7.10 3.38
CA GLY A 56 5.60 -7.81 4.64
C GLY A 56 5.41 -6.91 5.86
N GLN A 57 4.28 -6.21 5.91
CA GLN A 57 3.89 -5.31 6.99
C GLN A 57 2.51 -5.73 7.48
N THR A 58 2.15 -5.30 8.70
CA THR A 58 0.85 -5.57 9.31
C THR A 58 0.47 -4.36 10.17
N PHE A 59 -0.78 -3.86 10.05
CA PHE A 59 -1.33 -2.74 10.81
C PHE A 59 -2.79 -3.04 11.12
N PHE A 60 -3.47 -2.21 11.93
CA PHE A 60 -4.88 -2.40 12.28
C PHE A 60 -5.64 -1.06 12.31
N VAL A 61 -6.95 -1.06 12.05
CA VAL A 61 -7.77 0.16 12.05
C VAL A 61 -9.16 -0.16 12.60
N ASP A 62 -9.87 0.86 13.09
CA ASP A 62 -11.24 0.74 13.59
C ASP A 62 -12.18 0.93 12.39
N GLY A 63 -13.49 0.82 12.63
CA GLY A 63 -14.52 0.99 11.62
C GLY A 63 -14.50 2.41 11.02
N ASP A 64 -13.96 3.39 11.75
CA ASP A 64 -13.85 4.78 11.33
C ASP A 64 -12.66 4.99 10.40
N GLY A 65 -11.71 4.06 10.43
CA GLY A 65 -10.52 4.07 9.61
C GLY A 65 -9.46 4.97 10.20
N LYS A 66 -9.07 4.69 11.44
CA LYS A 66 -8.04 5.40 12.19
C LYS A 66 -7.00 4.34 12.57
N ARG A 67 -5.71 4.67 12.51
CA ARG A 67 -4.63 3.75 12.81
C ARG A 67 -4.50 3.51 14.30
N TRP A 68 -4.75 2.27 14.73
CA TRP A 68 -4.65 1.90 16.14
C TRP A 68 -3.23 2.15 16.67
N SER A 69 -3.12 2.78 17.85
CA SER A 69 -1.85 3.07 18.48
C SER A 69 -1.44 1.91 19.38
N GLU A 70 -0.14 1.66 19.54
CA GLU A 70 0.40 0.59 20.37
C GLU A 70 -0.08 0.67 21.82
N GLU A 71 -0.30 1.89 22.31
CA GLU A 71 -0.76 2.16 23.65
C GLU A 71 -2.11 1.48 23.89
N GLU A 72 -3.00 1.56 22.91
CA GLU A 72 -4.32 0.94 22.93
C GLU A 72 -4.24 -0.55 22.59
N LEU A 73 -3.32 -0.95 21.71
CA LEU A 73 -3.17 -2.34 21.28
C LEU A 73 -2.74 -3.29 22.39
N LYS A 74 -2.08 -2.81 23.44
CA LYS A 74 -1.67 -3.68 24.54
C LYS A 74 -2.82 -3.92 25.52
N GLU A 75 -3.93 -3.18 25.40
CA GLU A 75 -5.10 -3.34 26.26
C GLU A 75 -5.73 -4.72 26.03
N PRO A 76 -6.61 -5.21 26.94
CA PRO A 76 -7.23 -6.52 26.79
C PRO A 76 -8.36 -6.47 25.76
N TYR A 77 -8.83 -7.65 25.35
CA TYR A 77 -9.92 -7.77 24.39
C TYR A 77 -11.24 -7.52 25.09
N ILE A 78 -11.51 -8.31 26.14
CA ILE A 78 -12.72 -8.21 26.93
C ILE A 78 -12.45 -7.20 28.04
N SER A 79 -13.44 -6.35 28.28
CA SER A 79 -13.44 -5.31 29.29
C SER A 79 -14.91 -5.03 29.63
N ASN A 80 -15.16 -4.44 30.81
CA ASN A 80 -16.52 -4.10 31.23
C ASN A 80 -16.91 -2.70 30.73
N ASN A 81 -16.12 -2.12 29.82
CA ASN A 81 -16.30 -0.79 29.22
C ASN A 81 -16.48 -0.98 27.70
N PRO A 82 -17.64 -1.49 27.24
CA PRO A 82 -17.91 -1.72 25.82
C PRO A 82 -18.06 -0.45 24.97
N ASP A 83 -18.22 0.73 25.57
CA ASP A 83 -18.38 2.00 24.85
C ASP A 83 -17.02 2.67 24.58
N GLU A 84 -16.01 2.33 25.37
CA GLU A 84 -14.67 2.88 25.24
C GLU A 84 -13.87 2.17 24.14
N ILE A 85 -14.16 0.90 23.87
CA ILE A 85 -13.49 0.09 22.85
C ILE A 85 -14.20 0.18 21.49
N ARG A 86 -13.56 -0.31 20.43
CA ARG A 86 -14.09 -0.33 19.07
C ARG A 86 -13.50 -1.52 18.31
N GLU A 87 -14.02 -1.80 17.12
CA GLU A 87 -13.56 -2.90 16.27
C GLU A 87 -12.10 -2.73 15.84
N LYS A 88 -11.46 -3.82 15.37
CA LYS A 88 -10.07 -3.79 14.95
C LYS A 88 -9.84 -4.69 13.73
N LYS A 89 -9.74 -4.11 12.54
CA LYS A 89 -9.54 -4.76 11.25
C LYS A 89 -8.05 -4.99 10.99
N PRO A 90 -7.60 -6.23 10.85
CA PRO A 90 -6.21 -6.56 10.56
C PRO A 90 -5.88 -6.37 9.08
N LEU A 91 -4.87 -5.56 8.79
CA LEU A 91 -4.38 -5.26 7.46
C LEU A 91 -3.07 -6.06 7.41
N ARG A 92 -3.02 -7.15 6.64
CA ARG A 92 -1.83 -8.03 6.53
C ARG A 92 -1.27 -7.98 5.12
N TYR A 93 -0.24 -7.18 4.86
CA TYR A 93 0.34 -7.10 3.53
C TYR A 93 1.39 -8.18 3.31
N GLY A 94 1.39 -8.64 2.06
CA GLY A 94 2.07 -9.62 1.28
C GLY A 94 3.22 -9.17 0.41
N LYS A 95 3.98 -10.15 -0.09
CA LYS A 95 5.13 -9.89 -0.95
C LYS A 95 4.64 -9.27 -2.28
N VAL A 96 5.55 -8.69 -3.08
CA VAL A 96 5.23 -8.04 -4.36
C VAL A 96 5.87 -8.79 -5.52
N TYR A 97 5.18 -8.82 -6.67
CA TYR A 97 5.61 -9.51 -7.87
C TYR A 97 5.46 -8.60 -9.09
N SER A 98 6.05 -9.00 -10.20
CA SER A 98 6.04 -8.35 -11.50
C SER A 98 4.90 -8.99 -12.31
N THR A 99 4.30 -8.22 -13.23
CA THR A 99 3.23 -8.70 -14.10
C THR A 99 3.88 -9.36 -15.32
N ASN A 100 3.08 -10.11 -16.08
CA ASN A 100 3.56 -10.75 -17.29
C ASN A 100 3.57 -9.72 -18.41
N GLU A 101 4.69 -9.03 -18.59
CA GLU A 101 4.85 -8.03 -19.65
C GLU A 101 6.18 -8.20 -20.34
N ASP A 102 7.24 -8.17 -19.54
CA ASP A 102 8.66 -8.28 -19.94
C ASP A 102 9.06 -7.25 -21.02
N SER A 103 8.16 -6.30 -21.29
CA SER A 103 8.27 -5.23 -22.25
C SER A 103 9.15 -4.04 -21.80
N ASP A 104 9.79 -4.19 -20.65
CA ASP A 104 10.70 -3.27 -19.95
C ASP A 104 9.97 -2.10 -19.28
N ALA A 105 8.65 -2.02 -19.44
CA ALA A 105 7.78 -0.99 -18.90
C ALA A 105 7.83 -0.94 -17.37
N LYS A 106 7.52 -2.05 -16.71
CA LYS A 106 7.52 -2.15 -15.24
C LYS A 106 6.56 -1.10 -14.66
N ASP A 107 5.44 -0.90 -15.36
CA ASP A 107 4.40 0.08 -14.99
C ASP A 107 3.29 -0.59 -14.20
N GLU A 108 3.26 -1.92 -14.19
CA GLU A 108 2.28 -2.69 -13.46
C GLU A 108 3.05 -3.75 -12.72
N ILE A 109 2.57 -4.04 -11.51
CA ILE A 109 3.14 -5.03 -10.60
C ILE A 109 1.96 -5.71 -9.89
N ILE A 110 2.23 -6.61 -8.93
CA ILE A 110 1.22 -7.35 -8.20
C ILE A 110 1.54 -7.29 -6.71
N VAL A 111 0.62 -6.77 -5.91
CA VAL A 111 0.73 -6.63 -4.45
C VAL A 111 -0.13 -7.67 -3.75
N GLU A 112 0.43 -8.39 -2.79
CA GLU A 112 -0.35 -9.36 -2.04
C GLU A 112 -0.92 -8.63 -0.82
N PHE A 113 -2.16 -8.91 -0.44
CA PHE A 113 -2.82 -8.33 0.70
C PHE A 113 -3.83 -9.35 1.25
N ASN A 114 -3.91 -9.48 2.58
CA ASN A 114 -4.80 -10.41 3.29
C ASN A 114 -4.74 -11.82 2.67
N ARG A 115 -3.54 -12.25 2.24
CA ARG A 115 -3.22 -13.55 1.64
C ARG A 115 -3.65 -13.73 0.18
N GLU A 116 -4.09 -12.68 -0.53
CA GLU A 116 -4.53 -12.73 -1.92
C GLU A 116 -3.65 -11.79 -2.73
N TYR A 117 -3.43 -12.09 -4.01
CA TYR A 117 -2.59 -11.30 -4.91
C TYR A 117 -3.47 -10.36 -5.72
N TYR A 118 -3.12 -9.07 -5.76
CA TYR A 118 -3.87 -8.03 -6.47
C TYR A 118 -2.99 -7.30 -7.48
N ARG A 119 -3.43 -7.22 -8.74
CA ARG A 119 -2.68 -6.52 -9.76
C ARG A 119 -2.80 -5.02 -9.47
N ALA A 120 -1.68 -4.30 -9.51
CA ALA A 120 -1.63 -2.87 -9.24
C ALA A 120 -0.90 -2.08 -10.34
N VAL A 121 -1.32 -0.84 -10.61
CA VAL A 121 -0.75 0.04 -11.64
C VAL A 121 -0.04 1.21 -11.00
N LEU A 122 1.05 1.66 -11.62
CA LEU A 122 1.81 2.82 -11.18
C LEU A 122 0.86 3.99 -11.40
N ILE A 123 0.37 4.60 -10.31
CA ILE A 123 -0.62 5.68 -10.37
C ILE A 123 -0.02 6.93 -10.96
N LYS A 124 1.13 7.24 -10.39
CA LYS A 124 1.98 8.37 -10.62
C LYS A 124 2.42 8.51 -12.06
N ASN A 125 2.44 7.38 -12.76
CA ASN A 125 2.82 7.31 -14.14
C ASN A 125 1.66 7.80 -15.00
N GLU A 126 0.46 7.31 -14.70
CA GLU A 126 -0.78 7.66 -15.38
C GLU A 126 -1.27 9.04 -14.87
N LYS A 127 -2.52 9.40 -15.16
CA LYS A 127 -3.09 10.70 -14.77
C LYS A 127 -4.53 10.64 -14.29
N GLU A 128 -4.92 9.58 -13.57
CA GLU A 128 -6.26 9.39 -13.05
C GLU A 128 -6.14 9.02 -11.58
N GLY A 1 23.90 40.69 -18.22
CA GLY A 1 24.03 39.41 -17.48
C GLY A 1 24.62 38.36 -18.40
N SER A 2 24.52 37.08 -18.03
CA SER A 2 25.04 35.97 -18.82
C SER A 2 24.01 34.86 -18.70
N THR A 3 23.93 34.17 -17.55
CA THR A 3 22.97 33.11 -17.25
C THR A 3 22.92 31.95 -18.29
N MET A 4 23.89 31.84 -19.20
CA MET A 4 23.95 30.78 -20.20
C MET A 4 24.36 29.50 -19.48
N HIS A 5 23.39 28.70 -19.05
CA HIS A 5 23.58 27.45 -18.34
C HIS A 5 22.38 26.53 -18.67
N PHE A 6 22.35 25.35 -18.05
CA PHE A 6 21.31 24.35 -18.22
C PHE A 6 20.91 23.88 -16.82
N THR A 7 19.83 23.13 -16.70
CA THR A 7 19.32 22.59 -15.44
C THR A 7 19.03 21.10 -15.64
N ASP A 8 18.52 20.44 -14.61
CA ASP A 8 18.16 19.03 -14.66
C ASP A 8 16.78 18.91 -14.02
N ASP A 9 16.09 17.82 -14.28
CA ASP A 9 14.75 17.53 -13.78
C ASP A 9 14.85 16.36 -12.79
N ASN A 10 13.72 15.82 -12.33
CA ASN A 10 13.63 14.69 -11.41
C ASN A 10 12.20 14.15 -11.47
N GLU A 11 11.93 12.93 -10.99
CA GLU A 11 10.57 12.38 -11.01
C GLU A 11 9.67 13.15 -10.02
N ASN A 12 8.45 12.66 -9.82
CA ASN A 12 7.48 13.26 -8.92
C ASN A 12 6.76 12.13 -8.19
N ASP A 13 7.45 11.51 -7.23
CA ASP A 13 6.92 10.41 -6.45
C ASP A 13 5.81 10.86 -5.49
N THR A 14 5.23 9.94 -4.73
CA THR A 14 4.14 10.24 -3.79
C THR A 14 4.59 10.97 -2.53
N SER A 15 5.73 10.58 -2.00
CA SER A 15 6.37 11.10 -0.80
C SER A 15 5.46 10.84 0.41
N GLU A 16 5.02 9.59 0.58
CA GLU A 16 4.17 9.13 1.67
C GLU A 16 4.56 7.68 1.97
N THR A 17 3.94 7.03 2.95
CA THR A 17 4.24 5.64 3.32
C THR A 17 2.92 4.88 3.40
N MET A 18 3.01 3.57 3.65
CA MET A 18 1.86 2.72 3.74
C MET A 18 0.90 3.21 4.84
N GLU A 19 1.42 3.57 6.01
CA GLU A 19 0.64 4.05 7.15
C GLU A 19 -0.23 5.24 6.75
N SER A 20 0.34 6.21 6.03
CA SER A 20 -0.35 7.41 5.57
C SER A 20 -1.55 7.05 4.69
N LEU A 21 -1.46 5.94 3.97
CA LEU A 21 -2.55 5.49 3.11
C LEU A 21 -3.67 4.98 4.00
N ILE A 22 -3.33 4.05 4.88
CA ILE A 22 -4.28 3.43 5.78
C ILE A 22 -5.01 4.47 6.62
N ASP A 23 -4.28 5.42 7.20
CA ASP A 23 -4.85 6.46 8.07
C ASP A 23 -5.85 7.37 7.40
N LYS A 24 -5.90 7.40 6.06
CA LYS A 24 -6.87 8.20 5.31
C LYS A 24 -7.93 7.28 4.69
N GLY A 25 -7.68 5.96 4.65
CA GLY A 25 -8.57 4.96 4.08
C GLY A 25 -8.18 4.64 2.63
N LYS A 26 -6.89 4.60 2.29
CA LYS A 26 -6.41 4.29 0.92
C LYS A 26 -6.11 2.79 0.87
N LEU A 27 -7.11 1.92 1.04
CA LEU A 27 -6.93 0.46 0.99
C LEU A 27 -6.94 -0.05 -0.45
N ASP A 28 -7.15 0.85 -1.41
CA ASP A 28 -7.20 0.53 -2.83
C ASP A 28 -5.83 0.70 -3.47
N GLN A 29 -4.81 1.10 -2.71
CA GLN A 29 -3.46 1.32 -3.21
C GLN A 29 -2.45 1.02 -2.11
N VAL A 30 -1.17 0.96 -2.49
CA VAL A 30 -0.06 0.68 -1.57
C VAL A 30 1.20 1.47 -1.96
N VAL A 31 2.21 1.53 -1.07
CA VAL A 31 3.47 2.22 -1.30
C VAL A 31 4.61 1.21 -1.15
N TYR A 32 5.51 1.15 -2.12
CA TYR A 32 6.66 0.27 -2.12
C TYR A 32 7.75 1.00 -2.86
N ASP A 33 8.96 0.96 -2.30
CA ASP A 33 10.15 1.58 -2.88
C ASP A 33 9.93 3.06 -3.22
N ASP A 34 9.13 3.75 -2.38
CA ASP A 34 8.77 5.17 -2.52
C ASP A 34 7.87 5.41 -3.72
N GLN A 35 7.04 4.42 -4.08
CA GLN A 35 6.15 4.53 -5.24
C GLN A 35 4.74 4.21 -4.84
N LEU A 36 3.76 4.68 -5.60
CA LEU A 36 2.35 4.48 -5.30
C LEU A 36 1.66 3.71 -6.42
N TYR A 37 1.08 2.56 -6.09
CA TYR A 37 0.39 1.71 -7.05
C TYR A 37 -1.09 1.56 -6.68
N HIS A 38 -2.00 1.68 -7.65
CA HIS A 38 -3.44 1.54 -7.45
C HIS A 38 -3.80 0.11 -7.78
N LEU A 39 -4.45 -0.59 -6.87
CA LEU A 39 -4.89 -1.97 -7.07
C LEU A 39 -6.04 -1.95 -8.09
N LYS A 40 -6.12 -2.97 -8.95
CA LYS A 40 -7.14 -3.07 -9.99
C LYS A 40 -8.02 -4.31 -9.87
N GLU A 41 -7.41 -5.50 -9.89
CA GLU A 41 -8.15 -6.76 -9.83
C GLU A 41 -7.35 -7.82 -9.06
N LYS A 42 -7.94 -8.99 -8.84
CA LYS A 42 -7.32 -10.11 -8.15
C LYS A 42 -6.79 -11.05 -9.25
N VAL A 43 -5.62 -11.64 -9.04
CA VAL A 43 -4.98 -12.56 -9.98
C VAL A 43 -4.57 -13.86 -9.26
N ASP A 44 -3.98 -14.80 -9.99
CA ASP A 44 -3.53 -16.08 -9.46
C ASP A 44 -2.01 -16.06 -9.22
N GLU A 45 -1.51 -17.05 -8.48
CA GLU A 45 -0.07 -17.17 -8.22
C GLU A 45 0.67 -17.63 -9.47
N ASP A 46 -0.09 -18.06 -10.48
CA ASP A 46 0.39 -18.54 -11.75
C ASP A 46 0.59 -17.39 -12.74
N LYS A 47 0.20 -16.16 -12.34
CA LYS A 47 0.31 -14.97 -13.18
C LYS A 47 1.55 -14.14 -12.86
N LYS A 48 2.09 -14.25 -11.65
CA LYS A 48 3.26 -13.47 -11.30
C LYS A 48 4.43 -13.90 -12.20
N GLY A 49 5.24 -12.93 -12.60
CA GLY A 49 6.40 -13.19 -13.43
C GLY A 49 7.63 -13.48 -12.57
N LYS A 50 7.84 -12.70 -11.49
CA LYS A 50 8.98 -12.83 -10.58
C LYS A 50 8.82 -11.93 -9.36
N VAL A 51 9.49 -12.23 -8.26
CA VAL A 51 9.44 -11.43 -7.03
C VAL A 51 10.44 -10.29 -7.22
N ILE A 52 10.04 -9.10 -6.75
CA ILE A 52 10.86 -7.89 -6.81
C ILE A 52 11.05 -7.32 -5.40
N GLY A 53 10.04 -7.42 -4.53
CA GLY A 53 10.11 -6.90 -3.16
C GLY A 53 8.92 -7.39 -2.37
N ALA A 54 8.77 -6.99 -1.11
CA ALA A 54 7.68 -7.39 -0.26
C ALA A 54 7.24 -6.28 0.70
N ILE A 55 5.93 -6.20 0.96
CA ILE A 55 5.41 -5.20 1.88
C ILE A 55 5.68 -5.71 3.29
N GLY A 56 5.16 -6.90 3.62
CA GLY A 56 5.33 -7.56 4.91
C GLY A 56 4.80 -6.83 6.14
N GLN A 57 4.12 -5.69 6.00
CA GLN A 57 3.59 -4.95 7.13
C GLN A 57 2.25 -5.53 7.57
N THR A 58 1.83 -5.20 8.79
CA THR A 58 0.56 -5.64 9.35
C THR A 58 0.10 -4.52 10.28
N PHE A 59 -1.08 -3.95 10.00
CA PHE A 59 -1.64 -2.86 10.80
C PHE A 59 -3.11 -3.13 11.10
N PHE A 60 -3.73 -2.27 11.92
CA PHE A 60 -5.13 -2.36 12.29
C PHE A 60 -5.78 -0.99 12.27
N VAL A 61 -7.09 -0.95 12.02
CA VAL A 61 -7.89 0.26 12.00
C VAL A 61 -9.24 -0.06 12.64
N ASP A 62 -10.00 0.96 13.01
CA ASP A 62 -11.32 0.87 13.62
C ASP A 62 -12.40 1.13 12.57
N GLY A 63 -13.65 1.27 13.02
CA GLY A 63 -14.77 1.54 12.16
C GLY A 63 -14.59 2.85 11.41
N ASP A 64 -13.79 3.78 11.94
CA ASP A 64 -13.53 5.06 11.30
C ASP A 64 -12.37 4.97 10.31
N GLY A 65 -11.51 3.96 10.44
CA GLY A 65 -10.35 3.73 9.61
C GLY A 65 -9.09 4.35 10.20
N LYS A 66 -9.12 4.70 11.48
CA LYS A 66 -8.01 5.33 12.18
C LYS A 66 -7.01 4.28 12.62
N ARG A 67 -5.73 4.52 12.36
CA ARG A 67 -4.65 3.61 12.72
C ARG A 67 -4.63 3.41 14.22
N TRP A 68 -4.82 2.15 14.64
CA TRP A 68 -4.81 1.81 16.06
C TRP A 68 -3.40 2.03 16.60
N SER A 69 -3.30 2.78 17.69
CA SER A 69 -2.03 3.04 18.36
C SER A 69 -1.54 1.70 18.92
N GLU A 70 -0.22 1.50 19.04
CA GLU A 70 0.35 0.24 19.55
C GLU A 70 -0.11 -0.06 20.97
N GLU A 71 -0.34 0.98 21.75
CA GLU A 71 -0.81 0.84 23.12
C GLU A 71 -2.22 0.29 23.09
N GLU A 72 -3.07 0.81 22.22
CA GLU A 72 -4.45 0.34 22.09
C GLU A 72 -4.42 -1.14 21.69
N LEU A 73 -3.41 -1.58 20.93
CA LEU A 73 -3.25 -2.96 20.49
C LEU A 73 -2.70 -3.89 21.56
N LYS A 74 -2.14 -3.36 22.65
CA LYS A 74 -1.57 -4.15 23.75
C LYS A 74 -2.42 -4.10 25.02
N GLU A 75 -3.37 -3.17 25.10
CA GLU A 75 -4.29 -2.97 26.24
C GLU A 75 -5.24 -4.19 26.39
N PRO A 76 -5.94 -4.33 27.52
CA PRO A 76 -6.83 -5.45 27.76
C PRO A 76 -8.16 -5.27 27.02
N TYR A 77 -8.69 -6.40 26.53
CA TYR A 77 -9.94 -6.50 25.78
C TYR A 77 -11.16 -6.55 26.69
N ILE A 78 -10.97 -7.08 27.89
CA ILE A 78 -12.02 -7.19 28.90
C ILE A 78 -11.95 -5.97 29.82
N SER A 79 -13.13 -5.45 30.17
CA SER A 79 -13.32 -4.30 31.03
C SER A 79 -14.72 -4.42 31.62
N ASN A 80 -15.16 -3.40 32.36
CA ASN A 80 -16.47 -3.34 33.01
C ASN A 80 -17.44 -2.47 32.21
N ASN A 81 -17.12 -2.13 30.96
CA ASN A 81 -17.96 -1.31 30.09
C ASN A 81 -17.78 -1.77 28.63
N PRO A 82 -18.76 -2.41 28.01
CA PRO A 82 -18.68 -2.87 26.63
C PRO A 82 -18.68 -1.74 25.58
N ASP A 83 -18.92 -0.49 25.98
CA ASP A 83 -18.94 0.67 25.07
C ASP A 83 -17.55 1.29 24.90
N GLU A 84 -16.67 1.03 25.87
CA GLU A 84 -15.28 1.51 25.91
C GLU A 84 -14.39 0.80 24.90
N ILE A 85 -14.87 -0.28 24.27
CA ILE A 85 -14.12 -1.05 23.29
C ILE A 85 -14.63 -0.73 21.88
N ARG A 86 -13.75 -0.71 20.88
CA ARG A 86 -14.06 -0.41 19.48
C ARG A 86 -13.65 -1.57 18.58
N GLU A 87 -14.19 -1.62 17.36
CA GLU A 87 -13.89 -2.68 16.40
C GLU A 87 -12.44 -2.57 15.92
N LYS A 88 -11.86 -3.66 15.42
CA LYS A 88 -10.48 -3.69 14.98
C LYS A 88 -10.28 -4.56 13.74
N LYS A 89 -10.14 -3.91 12.58
CA LYS A 89 -9.95 -4.47 11.24
C LYS A 89 -8.47 -4.69 10.95
N PRO A 90 -7.95 -5.94 10.94
CA PRO A 90 -6.56 -6.24 10.63
C PRO A 90 -6.31 -6.09 9.12
N LEU A 91 -5.13 -5.58 8.76
CA LEU A 91 -4.65 -5.33 7.39
C LEU A 91 -3.33 -6.07 7.33
N ARG A 92 -3.28 -7.22 6.65
CA ARG A 92 -2.10 -8.07 6.52
C ARG A 92 -1.55 -7.92 5.11
N TYR A 93 -0.45 -7.19 4.93
CA TYR A 93 0.16 -6.99 3.63
C TYR A 93 1.12 -8.13 3.30
N GLY A 94 1.21 -8.40 2.01
CA GLY A 94 1.93 -9.41 1.31
C GLY A 94 3.09 -9.02 0.40
N LYS A 95 3.88 -10.02 0.00
CA LYS A 95 5.02 -9.82 -0.89
C LYS A 95 4.48 -9.36 -2.26
N VAL A 96 5.36 -8.71 -3.04
CA VAL A 96 5.07 -8.14 -4.34
C VAL A 96 5.81 -8.90 -5.45
N TYR A 97 5.24 -8.85 -6.64
CA TYR A 97 5.74 -9.50 -7.82
C TYR A 97 5.63 -8.58 -9.03
N SER A 98 6.27 -8.97 -10.11
CA SER A 98 6.30 -8.29 -11.38
C SER A 98 5.24 -8.94 -12.26
N THR A 99 4.78 -8.20 -13.24
CA THR A 99 3.81 -8.62 -14.24
C THR A 99 4.59 -9.26 -15.38
N ASN A 100 3.91 -9.68 -16.46
CA ASN A 100 4.57 -10.28 -17.61
C ASN A 100 5.28 -9.19 -18.44
N GLU A 101 5.46 -7.97 -17.92
CA GLU A 101 6.14 -6.85 -18.59
C GLU A 101 7.54 -7.28 -19.03
N ASP A 102 8.24 -7.97 -18.13
CA ASP A 102 9.60 -8.53 -18.24
C ASP A 102 10.60 -7.56 -18.88
N SER A 103 10.32 -6.25 -18.86
CA SER A 103 11.12 -5.18 -19.45
C SER A 103 11.46 -4.11 -18.40
N ASP A 104 12.19 -3.06 -18.79
CA ASP A 104 12.60 -2.02 -17.86
C ASP A 104 11.46 -1.13 -17.34
N ALA A 105 10.29 -1.19 -17.98
CA ALA A 105 9.11 -0.42 -17.65
C ALA A 105 8.81 -0.30 -16.14
N LYS A 106 8.60 -1.42 -15.45
CA LYS A 106 8.29 -1.48 -14.02
C LYS A 106 7.16 -0.51 -13.67
N ASP A 107 6.14 -0.45 -14.52
CA ASP A 107 4.99 0.43 -14.32
C ASP A 107 3.76 -0.35 -13.88
N GLU A 108 3.79 -1.68 -13.92
CA GLU A 108 2.69 -2.51 -13.45
C GLU A 108 3.34 -3.63 -12.64
N ILE A 109 2.71 -4.01 -11.53
CA ILE A 109 3.20 -5.03 -10.59
C ILE A 109 2.01 -5.70 -9.89
N ILE A 110 2.26 -6.75 -9.13
CA ILE A 110 1.24 -7.52 -8.42
C ILE A 110 1.53 -7.53 -6.92
N VAL A 111 0.68 -6.89 -6.13
CA VAL A 111 0.75 -6.77 -4.68
C VAL A 111 -0.16 -7.78 -3.96
N GLU A 112 0.33 -8.49 -2.94
CA GLU A 112 -0.54 -9.41 -2.20
C GLU A 112 -1.21 -8.66 -1.02
N PHE A 113 -2.47 -8.94 -0.72
CA PHE A 113 -3.19 -8.38 0.41
C PHE A 113 -4.08 -9.46 1.00
N ASN A 114 -4.09 -9.58 2.32
CA ASN A 114 -4.90 -10.52 3.08
C ASN A 114 -4.86 -11.95 2.53
N ARG A 115 -3.70 -12.39 2.00
CA ARG A 115 -3.43 -13.71 1.44
C ARG A 115 -3.86 -13.90 -0.02
N GLU A 116 -4.14 -12.84 -0.77
CA GLU A 116 -4.54 -12.93 -2.16
C GLU A 116 -3.70 -11.97 -2.98
N TYR A 117 -3.40 -12.32 -4.22
CA TYR A 117 -2.57 -11.50 -5.12
C TYR A 117 -3.46 -10.54 -5.90
N TYR A 118 -3.10 -9.25 -5.91
CA TYR A 118 -3.83 -8.19 -6.59
C TYR A 118 -2.95 -7.44 -7.57
N ARG A 119 -3.45 -7.24 -8.76
CA ARG A 119 -2.76 -6.53 -9.83
C ARG A 119 -2.78 -5.04 -9.50
N ALA A 120 -1.69 -4.32 -9.69
CA ALA A 120 -1.61 -2.87 -9.41
C ALA A 120 -0.90 -2.10 -10.53
N VAL A 121 -1.21 -0.81 -10.68
CA VAL A 121 -0.61 0.05 -11.70
C VAL A 121 0.03 1.26 -11.04
N LEU A 122 1.17 1.71 -11.58
CA LEU A 122 1.89 2.88 -11.10
C LEU A 122 0.94 4.04 -11.39
N ILE A 123 0.44 4.67 -10.34
CA ILE A 123 -0.53 5.74 -10.49
C ILE A 123 0.07 6.94 -11.20
N LYS A 124 1.27 7.34 -10.76
CA LYS A 124 2.02 8.46 -11.27
C LYS A 124 2.34 8.32 -12.76
N ASN A 125 2.28 7.11 -13.28
CA ASN A 125 2.55 6.81 -14.68
C ASN A 125 1.46 7.39 -15.56
N GLU A 126 0.22 7.12 -15.19
CA GLU A 126 -0.98 7.58 -15.87
C GLU A 126 -1.43 8.89 -15.23
N LYS A 127 -2.63 9.38 -15.56
CA LYS A 127 -3.13 10.64 -15.02
C LYS A 127 -4.54 10.45 -14.49
N GLU A 128 -4.66 9.73 -13.38
CA GLU A 128 -5.90 9.43 -12.67
C GLU A 128 -5.67 9.75 -11.21
N GLY A 1 16.36 42.96 -24.53
CA GLY A 1 16.83 41.61 -24.85
C GLY A 1 16.87 40.80 -23.57
N SER A 2 16.89 39.47 -23.69
CA SER A 2 16.91 38.54 -22.58
C SER A 2 17.47 37.21 -23.09
N THR A 3 17.72 36.27 -22.18
CA THR A 3 18.26 34.94 -22.48
C THR A 3 17.37 33.93 -21.74
N MET A 4 17.49 32.64 -22.07
CA MET A 4 16.73 31.56 -21.44
C MET A 4 17.60 30.31 -21.42
N HIS A 5 17.23 29.32 -20.61
CA HIS A 5 17.92 28.05 -20.45
C HIS A 5 16.90 27.04 -19.92
N PHE A 6 17.37 25.84 -19.56
CA PHE A 6 16.60 24.73 -19.01
C PHE A 6 17.20 24.37 -17.64
N THR A 7 16.67 23.34 -16.98
CA THR A 7 17.11 22.87 -15.66
C THR A 7 17.16 21.34 -15.63
N ASP A 8 17.72 20.76 -14.57
CA ASP A 8 17.80 19.31 -14.42
C ASP A 8 16.38 18.82 -14.12
N ASP A 9 15.92 17.86 -14.92
CA ASP A 9 14.60 17.24 -14.83
C ASP A 9 14.45 16.58 -13.47
N ASN A 10 13.27 16.63 -12.87
CA ASN A 10 12.98 16.03 -11.57
C ASN A 10 12.11 14.79 -11.74
N GLU A 11 12.16 13.90 -10.76
CA GLU A 11 11.38 12.66 -10.72
C GLU A 11 9.93 12.97 -10.36
N ASN A 12 9.10 11.93 -10.15
CA ASN A 12 7.69 12.08 -9.78
C ASN A 12 7.35 10.95 -8.83
N ASP A 13 7.66 11.11 -7.54
CA ASP A 13 7.40 10.15 -6.48
C ASP A 13 6.15 10.55 -5.69
N THR A 14 5.79 9.76 -4.67
CA THR A 14 4.66 10.03 -3.81
C THR A 14 5.16 10.76 -2.57
N SER A 15 6.25 10.25 -1.99
CA SER A 15 6.92 10.75 -0.81
C SER A 15 6.07 10.48 0.43
N GLU A 16 5.44 9.31 0.50
CA GLU A 16 4.61 8.86 1.61
C GLU A 16 4.94 7.38 1.87
N THR A 17 4.31 6.78 2.87
CA THR A 17 4.54 5.39 3.22
C THR A 17 3.18 4.69 3.34
N MET A 18 3.21 3.38 3.54
CA MET A 18 2.01 2.57 3.67
C MET A 18 1.13 3.09 4.80
N GLU A 19 1.74 3.54 5.90
CA GLU A 19 1.01 4.07 7.05
C GLU A 19 0.25 5.33 6.69
N SER A 20 0.86 6.21 5.89
CA SER A 20 0.25 7.46 5.44
C SER A 20 -1.03 7.18 4.68
N LEU A 21 -1.08 6.03 3.98
CA LEU A 21 -2.23 5.65 3.21
C LEU A 21 -3.33 5.21 4.14
N ILE A 22 -3.03 4.26 5.01
CA ILE A 22 -4.01 3.70 5.94
C ILE A 22 -4.58 4.80 6.83
N ASP A 23 -3.74 5.69 7.36
CA ASP A 23 -4.16 6.78 8.24
C ASP A 23 -5.21 7.69 7.59
N LYS A 24 -5.23 7.78 6.26
CA LYS A 24 -6.20 8.59 5.52
C LYS A 24 -7.34 7.75 4.96
N GLY A 25 -7.20 6.42 4.96
CA GLY A 25 -8.20 5.50 4.45
C GLY A 25 -7.90 5.09 3.01
N LYS A 26 -6.65 5.09 2.57
CA LYS A 26 -6.25 4.68 1.21
C LYS A 26 -5.95 3.18 1.31
N LEU A 27 -6.98 2.33 1.43
CA LEU A 27 -6.81 0.89 1.52
C LEU A 27 -6.84 0.23 0.14
N ASP A 28 -7.10 1.00 -0.92
CA ASP A 28 -7.18 0.52 -2.30
C ASP A 28 -5.87 0.73 -3.04
N GLN A 29 -4.85 1.23 -2.37
CA GLN A 29 -3.54 1.48 -2.94
C GLN A 29 -2.48 1.18 -1.90
N VAL A 30 -1.24 0.96 -2.34
CA VAL A 30 -0.12 0.62 -1.46
C VAL A 30 1.15 1.38 -1.88
N VAL A 31 2.19 1.36 -1.03
CA VAL A 31 3.46 2.01 -1.30
C VAL A 31 4.59 1.01 -1.17
N TYR A 32 5.49 1.01 -2.14
CA TYR A 32 6.67 0.16 -2.21
C TYR A 32 7.74 0.99 -2.92
N ASP A 33 8.92 1.08 -2.30
CA ASP A 33 10.10 1.77 -2.78
C ASP A 33 9.81 3.21 -3.25
N ASP A 34 8.98 3.93 -2.46
CA ASP A 34 8.52 5.31 -2.67
C ASP A 34 7.66 5.47 -3.92
N GLN A 35 6.89 4.42 -4.21
CA GLN A 35 6.03 4.41 -5.37
C GLN A 35 4.68 4.02 -4.88
N LEU A 36 3.69 4.58 -5.53
CA LEU A 36 2.29 4.42 -5.22
C LEU A 36 1.60 3.65 -6.31
N TYR A 37 1.01 2.51 -5.92
CA TYR A 37 0.31 1.65 -6.85
C TYR A 37 -1.16 1.54 -6.45
N HIS A 38 -2.09 1.59 -7.42
CA HIS A 38 -3.54 1.49 -7.22
C HIS A 38 -3.95 0.08 -7.55
N LEU A 39 -4.66 -0.57 -6.64
CA LEU A 39 -5.14 -1.93 -6.85
C LEU A 39 -6.30 -1.88 -7.85
N LYS A 40 -6.38 -2.90 -8.71
CA LYS A 40 -7.41 -3.00 -9.73
C LYS A 40 -8.28 -4.23 -9.53
N GLU A 41 -7.68 -5.41 -9.50
CA GLU A 41 -8.40 -6.68 -9.34
C GLU A 41 -7.54 -7.77 -8.70
N LYS A 42 -8.16 -8.89 -8.33
CA LYS A 42 -7.49 -10.03 -7.72
C LYS A 42 -7.06 -10.95 -8.86
N VAL A 43 -5.93 -11.63 -8.73
CA VAL A 43 -5.35 -12.55 -9.71
C VAL A 43 -4.96 -13.87 -9.05
N ASP A 44 -4.49 -14.83 -9.83
CA ASP A 44 -4.05 -16.13 -9.34
C ASP A 44 -2.54 -16.09 -9.15
N GLU A 45 -1.94 -17.06 -8.46
CA GLU A 45 -0.49 -17.05 -8.31
C GLU A 45 0.17 -17.39 -9.64
N ASP A 46 -0.56 -17.97 -10.58
CA ASP A 46 -0.05 -18.40 -11.88
C ASP A 46 0.15 -17.23 -12.82
N LYS A 47 -0.22 -16.05 -12.36
CA LYS A 47 -0.11 -14.82 -13.10
C LYS A 47 1.21 -14.15 -12.76
N LYS A 48 1.82 -14.45 -11.60
CA LYS A 48 3.07 -13.81 -11.27
C LYS A 48 4.15 -14.19 -12.26
N GLY A 49 4.95 -13.22 -12.67
CA GLY A 49 6.03 -13.46 -13.60
C GLY A 49 7.30 -13.75 -12.80
N LYS A 50 7.53 -12.96 -11.75
CA LYS A 50 8.69 -13.03 -10.85
C LYS A 50 8.47 -12.08 -9.68
N VAL A 51 9.18 -12.28 -8.58
CA VAL A 51 9.13 -11.42 -7.39
C VAL A 51 10.07 -10.25 -7.69
N ILE A 52 9.74 -9.08 -7.12
CA ILE A 52 10.53 -7.86 -7.27
C ILE A 52 10.77 -7.21 -5.92
N GLY A 53 9.82 -7.32 -4.98
CA GLY A 53 9.93 -6.71 -3.65
C GLY A 53 8.90 -7.35 -2.73
N ALA A 54 8.79 -6.89 -1.50
CA ALA A 54 7.83 -7.37 -0.51
C ALA A 54 7.40 -6.26 0.43
N ILE A 55 6.09 -6.10 0.64
CA ILE A 55 5.58 -5.10 1.57
C ILE A 55 5.76 -5.70 2.96
N GLY A 56 5.15 -6.86 3.22
CA GLY A 56 5.21 -7.61 4.47
C GLY A 56 4.76 -6.89 5.75
N GLN A 57 4.30 -5.64 5.70
CA GLN A 57 3.87 -4.88 6.86
C GLN A 57 2.53 -5.39 7.41
N THR A 58 2.18 -4.96 8.63
CA THR A 58 0.93 -5.33 9.29
C THR A 58 0.46 -4.15 10.14
N PHE A 59 -0.80 -3.74 9.97
CA PHE A 59 -1.39 -2.64 10.72
C PHE A 59 -2.87 -2.95 11.03
N PHE A 60 -3.56 -2.08 11.78
CA PHE A 60 -4.97 -2.26 12.16
C PHE A 60 -5.75 -0.94 12.18
N VAL A 61 -7.03 -0.93 11.80
CA VAL A 61 -7.86 0.27 11.82
C VAL A 61 -9.20 -0.06 12.48
N ASP A 62 -9.94 0.99 12.85
CA ASP A 62 -11.25 0.89 13.46
C ASP A 62 -12.31 1.06 12.39
N GLY A 63 -13.58 1.10 12.80
CA GLY A 63 -14.71 1.27 11.91
C GLY A 63 -14.64 2.57 11.13
N ASP A 64 -13.95 3.60 11.63
CA ASP A 64 -13.84 4.89 10.92
C ASP A 64 -12.60 4.90 10.02
N GLY A 65 -11.62 4.03 10.28
CA GLY A 65 -10.39 3.93 9.52
C GLY A 65 -9.21 4.63 10.18
N LYS A 66 -9.25 4.85 11.51
CA LYS A 66 -8.15 5.50 12.22
C LYS A 66 -7.11 4.44 12.50
N ARG A 67 -5.84 4.80 12.33
CA ARG A 67 -4.73 3.89 12.57
C ARG A 67 -4.65 3.63 14.07
N TRP A 68 -4.89 2.39 14.51
CA TRP A 68 -4.82 2.04 15.92
C TRP A 68 -3.37 2.21 16.36
N SER A 69 -3.15 2.79 17.53
CA SER A 69 -1.80 2.97 18.05
C SER A 69 -1.43 1.76 18.90
N GLU A 70 -0.14 1.46 19.04
CA GLU A 70 0.36 0.34 19.84
C GLU A 70 -0.19 0.43 21.27
N GLU A 71 -0.35 1.66 21.76
CA GLU A 71 -0.86 2.04 23.07
C GLU A 71 -2.25 1.44 23.28
N GLU A 72 -3.18 1.67 22.36
CA GLU A 72 -4.56 1.16 22.45
C GLU A 72 -4.59 -0.34 22.18
N LEU A 73 -3.62 -0.85 21.42
CA LEU A 73 -3.52 -2.25 21.08
C LEU A 73 -3.01 -3.08 22.24
N LYS A 74 -2.15 -2.56 23.14
CA LYS A 74 -1.63 -3.33 24.26
C LYS A 74 -2.60 -3.33 25.47
N GLU A 75 -3.62 -2.47 25.48
CA GLU A 75 -4.62 -2.37 26.56
C GLU A 75 -5.38 -3.68 26.80
N PRO A 76 -6.06 -3.83 27.96
CA PRO A 76 -6.79 -5.05 28.27
C PRO A 76 -8.12 -5.11 27.52
N TYR A 77 -8.55 -6.34 27.22
CA TYR A 77 -9.78 -6.64 26.50
C TYR A 77 -10.97 -6.49 27.44
N ILE A 78 -10.96 -7.26 28.54
CA ILE A 78 -12.01 -7.23 29.53
C ILE A 78 -12.00 -5.87 30.24
N SER A 79 -13.19 -5.38 30.62
CA SER A 79 -13.40 -4.12 31.31
C SER A 79 -14.83 -4.12 31.85
N ASN A 80 -15.23 -3.02 32.50
CA ASN A 80 -16.56 -2.84 33.06
C ASN A 80 -17.62 -2.71 31.96
N ASN A 81 -17.22 -2.18 30.80
CA ASN A 81 -18.06 -1.94 29.64
C ASN A 81 -17.38 -2.55 28.40
N PRO A 82 -17.45 -3.88 28.23
CA PRO A 82 -16.83 -4.58 27.10
C PRO A 82 -17.49 -4.30 25.75
N ASP A 83 -18.60 -3.58 25.71
CA ASP A 83 -19.31 -3.24 24.46
C ASP A 83 -18.86 -1.89 23.90
N GLU A 84 -18.41 -1.00 24.79
CA GLU A 84 -17.93 0.36 24.49
C GLU A 84 -16.58 0.37 23.77
N ILE A 85 -16.00 -0.79 23.52
CA ILE A 85 -14.72 -0.97 22.81
C ILE A 85 -14.91 -0.60 21.32
N ARG A 86 -13.84 -0.62 20.53
CA ARG A 86 -13.88 -0.32 19.09
C ARG A 86 -13.39 -1.55 18.32
N GLU A 87 -13.75 -1.67 17.05
CA GLU A 87 -13.34 -2.81 16.25
C GLU A 87 -11.88 -2.67 15.81
N LYS A 88 -11.25 -3.78 15.43
CA LYS A 88 -9.87 -3.85 14.97
C LYS A 88 -9.84 -4.65 13.69
N LYS A 89 -9.69 -4.00 12.54
CA LYS A 89 -9.63 -4.60 11.21
C LYS A 89 -8.15 -4.84 10.87
N PRO A 90 -7.63 -6.07 10.91
CA PRO A 90 -6.24 -6.37 10.57
C PRO A 90 -5.98 -6.16 9.08
N LEU A 91 -4.81 -5.60 8.76
CA LEU A 91 -4.34 -5.31 7.41
C LEU A 91 -2.99 -6.01 7.33
N ARG A 92 -2.93 -7.22 6.78
CA ARG A 92 -1.72 -8.02 6.64
C ARG A 92 -1.26 -7.92 5.19
N TYR A 93 -0.07 -7.38 4.96
CA TYR A 93 0.48 -7.22 3.62
C TYR A 93 1.42 -8.38 3.26
N GLY A 94 1.42 -8.65 1.96
CA GLY A 94 2.05 -9.61 1.14
C GLY A 94 3.18 -9.10 0.27
N LYS A 95 3.93 -10.05 -0.27
CA LYS A 95 5.06 -9.76 -1.16
C LYS A 95 4.55 -9.12 -2.47
N VAL A 96 5.43 -8.61 -3.33
CA VAL A 96 5.06 -7.97 -4.60
C VAL A 96 5.77 -8.68 -5.76
N TYR A 97 5.03 -8.87 -6.86
CA TYR A 97 5.45 -9.53 -8.07
C TYR A 97 5.35 -8.58 -9.27
N SER A 98 5.96 -8.92 -10.41
CA SER A 98 5.98 -8.15 -11.65
C SER A 98 5.12 -8.84 -12.69
N THR A 99 4.32 -8.05 -13.40
CA THR A 99 3.46 -8.55 -14.46
C THR A 99 4.35 -9.10 -15.59
N ASN A 100 3.74 -9.77 -16.57
CA ASN A 100 4.43 -10.34 -17.73
C ASN A 100 4.87 -9.16 -18.59
N GLU A 101 6.09 -8.68 -18.37
CA GLU A 101 6.71 -7.55 -19.02
C GLU A 101 8.20 -7.82 -19.04
N ASP A 102 8.66 -8.18 -20.22
CA ASP A 102 10.06 -8.49 -20.54
C ASP A 102 10.82 -7.20 -20.89
N SER A 103 10.39 -6.05 -20.36
CA SER A 103 10.94 -4.72 -20.57
C SER A 103 11.24 -4.07 -19.22
N ASP A 104 11.84 -2.88 -19.27
CA ASP A 104 12.22 -2.07 -18.11
C ASP A 104 11.05 -1.24 -17.55
N ALA A 105 9.86 -1.41 -18.13
CA ALA A 105 8.60 -0.74 -17.85
C ALA A 105 8.24 -0.65 -16.36
N LYS A 106 7.89 -1.76 -15.71
CA LYS A 106 7.49 -1.82 -14.29
C LYS A 106 6.39 -0.81 -13.94
N ASP A 107 5.45 -0.54 -14.84
CA ASP A 107 4.34 0.39 -14.58
C ASP A 107 3.18 -0.39 -13.97
N GLU A 108 3.19 -1.72 -14.05
CA GLU A 108 2.18 -2.59 -13.47
C GLU A 108 2.93 -3.64 -12.65
N ILE A 109 2.35 -4.02 -11.52
CA ILE A 109 2.88 -4.99 -10.56
C ILE A 109 1.72 -5.73 -9.88
N ILE A 110 1.99 -6.75 -9.08
CA ILE A 110 0.97 -7.51 -8.36
C ILE A 110 1.33 -7.50 -6.87
N VAL A 111 0.51 -6.83 -6.07
CA VAL A 111 0.63 -6.69 -4.62
C VAL A 111 -0.14 -7.80 -3.95
N GLU A 112 0.41 -8.44 -2.93
CA GLU A 112 -0.31 -9.46 -2.20
C GLU A 112 -0.87 -8.80 -0.92
N PHE A 113 -2.07 -9.17 -0.50
CA PHE A 113 -2.72 -8.67 0.69
C PHE A 113 -3.67 -9.75 1.20
N ASN A 114 -3.81 -9.92 2.52
CA ASN A 114 -4.68 -10.93 3.12
C ASN A 114 -4.47 -12.34 2.51
N ARG A 115 -3.22 -12.68 2.14
CA ARG A 115 -2.77 -13.94 1.52
C ARG A 115 -3.33 -14.15 0.10
N GLU A 116 -3.71 -13.09 -0.61
CA GLU A 116 -4.27 -13.13 -1.95
C GLU A 116 -3.46 -12.15 -2.79
N TYR A 117 -3.42 -12.34 -4.10
CA TYR A 117 -2.67 -11.50 -5.03
C TYR A 117 -3.59 -10.53 -5.76
N TYR A 118 -3.19 -9.26 -5.84
CA TYR A 118 -3.94 -8.19 -6.49
C TYR A 118 -3.11 -7.42 -7.51
N ARG A 119 -3.58 -7.34 -8.75
CA ARG A 119 -2.89 -6.61 -9.80
C ARG A 119 -3.09 -5.13 -9.49
N ALA A 120 -2.01 -4.36 -9.52
CA ALA A 120 -1.98 -2.94 -9.26
C ALA A 120 -1.26 -2.20 -10.39
N VAL A 121 -1.42 -0.88 -10.46
CA VAL A 121 -0.79 -0.03 -11.48
C VAL A 121 -0.11 1.16 -10.82
N LEU A 122 0.95 1.67 -11.43
CA LEU A 122 1.72 2.83 -11.00
C LEU A 122 0.74 4.00 -11.19
N ILE A 123 0.36 4.70 -10.12
CA ILE A 123 -0.65 5.77 -10.22
C ILE A 123 -0.01 7.02 -10.78
N LYS A 124 1.13 7.38 -10.18
CA LYS A 124 1.92 8.52 -10.56
C LYS A 124 2.15 8.55 -12.07
N ASN A 125 2.31 7.39 -12.69
CA ASN A 125 2.51 7.26 -14.11
C ASN A 125 1.30 7.80 -14.87
N GLU A 126 0.07 7.42 -14.48
CA GLU A 126 -1.14 7.91 -15.17
C GLU A 126 -1.51 9.36 -14.81
N LYS A 127 -0.95 9.86 -13.72
CA LYS A 127 -1.15 11.20 -13.14
C LYS A 127 -2.64 11.50 -13.04
N GLU A 128 -3.30 10.77 -12.15
CA GLU A 128 -4.73 10.86 -11.86
C GLU A 128 -4.93 11.26 -10.42
N GLY A 1 19.41 36.27 -9.06
CA GLY A 1 19.34 36.79 -10.44
C GLY A 1 17.91 37.21 -10.73
N SER A 2 17.50 37.23 -12.01
CA SER A 2 16.17 37.63 -12.44
C SER A 2 15.33 36.43 -12.94
N THR A 3 15.93 35.25 -13.02
CA THR A 3 15.30 34.00 -13.46
C THR A 3 15.28 33.00 -12.31
N MET A 4 14.46 31.95 -12.41
CA MET A 4 14.33 30.90 -11.40
C MET A 4 15.27 29.73 -11.68
N HIS A 5 16.27 29.93 -12.55
CA HIS A 5 17.27 28.93 -12.95
C HIS A 5 18.24 28.57 -11.80
N PHE A 6 18.07 29.16 -10.60
CA PHE A 6 18.86 28.96 -9.41
C PHE A 6 18.63 27.59 -8.71
N THR A 7 18.04 26.61 -9.41
CA THR A 7 17.79 25.27 -8.90
C THR A 7 17.79 24.31 -10.09
N ASP A 8 17.74 23.01 -9.80
CA ASP A 8 17.75 21.90 -10.74
C ASP A 8 16.41 21.17 -10.71
N ASP A 9 16.36 20.01 -11.38
CA ASP A 9 15.22 19.11 -11.46
C ASP A 9 15.14 18.33 -10.16
N ASN A 10 13.95 17.81 -9.86
CA ASN A 10 13.65 17.02 -8.67
C ASN A 10 12.79 15.83 -9.11
N GLU A 11 12.66 14.82 -8.25
CA GLU A 11 11.85 13.65 -8.51
C GLU A 11 10.37 14.07 -8.52
N ASN A 12 9.47 13.12 -8.77
CA ASN A 12 8.04 13.36 -8.81
C ASN A 12 7.38 12.05 -8.42
N ASP A 13 7.33 11.80 -7.11
CA ASP A 13 6.76 10.62 -6.50
C ASP A 13 5.73 11.02 -5.45
N THR A 14 4.96 10.05 -4.96
CA THR A 14 3.90 10.28 -4.00
C THR A 14 4.31 10.99 -2.70
N SER A 15 5.47 10.64 -2.18
CA SER A 15 6.05 11.16 -0.94
C SER A 15 5.13 10.84 0.25
N GLU A 16 4.55 9.63 0.30
CA GLU A 16 3.67 9.17 1.38
C GLU A 16 4.08 7.75 1.80
N THR A 17 3.35 7.11 2.72
CA THR A 17 3.71 5.76 3.19
C THR A 17 2.52 4.88 3.34
N MET A 18 2.78 3.57 3.51
CA MET A 18 1.69 2.65 3.67
C MET A 18 0.82 3.05 4.87
N GLU A 19 1.44 3.53 5.95
CA GLU A 19 0.75 3.96 7.15
C GLU A 19 -0.18 5.13 6.83
N SER A 20 0.35 6.16 6.14
CA SER A 20 -0.39 7.36 5.75
C SER A 20 -1.60 7.02 4.90
N LEU A 21 -1.50 5.96 4.11
CA LEU A 21 -2.57 5.51 3.23
C LEU A 21 -3.68 4.97 4.09
N ILE A 22 -3.35 4.01 4.94
CA ILE A 22 -4.30 3.35 5.81
C ILE A 22 -4.96 4.36 6.72
N ASP A 23 -4.19 5.29 7.28
CA ASP A 23 -4.72 6.31 8.19
C ASP A 23 -5.75 7.22 7.52
N LYS A 24 -5.83 7.26 6.19
CA LYS A 24 -6.83 8.05 5.47
C LYS A 24 -7.91 7.13 4.89
N GLY A 25 -7.69 5.82 4.87
CA GLY A 25 -8.62 4.83 4.34
C GLY A 25 -8.25 4.47 2.89
N LYS A 26 -6.97 4.55 2.51
CA LYS A 26 -6.49 4.22 1.15
C LYS A 26 -6.08 2.75 1.14
N LEU A 27 -7.06 1.84 1.15
CA LEU A 27 -6.81 0.40 1.10
C LEU A 27 -6.88 -0.09 -0.35
N ASP A 28 -7.21 0.81 -1.28
CA ASP A 28 -7.37 0.60 -2.71
C ASP A 28 -6.05 0.78 -3.44
N GLN A 29 -5.00 1.14 -2.72
CA GLN A 29 -3.67 1.38 -3.24
C GLN A 29 -2.66 1.10 -2.13
N VAL A 30 -1.39 1.04 -2.51
CA VAL A 30 -0.27 0.75 -1.61
C VAL A 30 0.97 1.55 -2.03
N VAL A 31 1.99 1.63 -1.17
CA VAL A 31 3.27 2.27 -1.42
C VAL A 31 4.30 1.14 -1.30
N TYR A 32 5.37 1.18 -2.06
CA TYR A 32 6.45 0.19 -2.01
C TYR A 32 7.61 0.86 -2.70
N ASP A 33 8.80 0.74 -2.12
CA ASP A 33 10.02 1.30 -2.69
C ASP A 33 9.89 2.78 -3.00
N ASP A 34 9.12 3.52 -2.17
CA ASP A 34 8.87 4.96 -2.30
C ASP A 34 8.01 5.26 -3.55
N GLN A 35 7.16 4.31 -3.95
CA GLN A 35 6.30 4.44 -5.13
C GLN A 35 4.87 4.24 -4.71
N LEU A 36 3.91 4.42 -5.61
CA LEU A 36 2.50 4.26 -5.30
C LEU A 36 1.83 3.47 -6.40
N TYR A 37 1.15 2.39 -6.02
CA TYR A 37 0.45 1.52 -6.95
C TYR A 37 -1.03 1.42 -6.60
N HIS A 38 -1.89 1.58 -7.60
CA HIS A 38 -3.34 1.53 -7.52
C HIS A 38 -3.77 0.10 -7.77
N LEU A 39 -4.57 -0.48 -6.89
CA LEU A 39 -5.05 -1.85 -7.07
C LEU A 39 -6.12 -1.82 -8.16
N LYS A 40 -6.08 -2.78 -9.08
CA LYS A 40 -7.02 -2.88 -10.20
C LYS A 40 -7.87 -4.11 -10.08
N GLU A 41 -7.23 -5.26 -9.99
CA GLU A 41 -7.96 -6.53 -9.87
C GLU A 41 -7.23 -7.56 -9.03
N LYS A 42 -7.96 -8.62 -8.67
CA LYS A 42 -7.46 -9.76 -7.89
C LYS A 42 -7.04 -10.80 -8.93
N VAL A 43 -5.86 -11.40 -8.76
CA VAL A 43 -5.29 -12.38 -9.67
C VAL A 43 -4.86 -13.64 -8.92
N ASP A 44 -4.43 -14.66 -9.66
CA ASP A 44 -3.96 -15.94 -9.13
C ASP A 44 -2.44 -15.99 -8.99
N GLU A 45 -1.92 -17.01 -8.32
CA GLU A 45 -0.49 -17.22 -8.13
C GLU A 45 0.16 -17.69 -9.44
N ASP A 46 -0.62 -18.15 -10.42
CA ASP A 46 -0.11 -18.58 -11.71
C ASP A 46 0.13 -17.33 -12.57
N LYS A 47 -0.27 -16.14 -12.09
CA LYS A 47 -0.14 -14.89 -12.82
C LYS A 47 1.11 -14.14 -12.43
N LYS A 48 1.71 -14.42 -11.26
CA LYS A 48 2.92 -13.72 -10.86
C LYS A 48 4.09 -14.24 -11.69
N GLY A 49 4.74 -13.33 -12.42
CA GLY A 49 5.86 -13.65 -13.26
C GLY A 49 7.08 -13.96 -12.41
N LYS A 50 7.38 -13.08 -11.45
CA LYS A 50 8.52 -13.22 -10.56
C LYS A 50 8.43 -12.26 -9.39
N VAL A 51 9.11 -12.56 -8.29
CA VAL A 51 9.16 -11.71 -7.12
C VAL A 51 10.08 -10.52 -7.45
N ILE A 52 9.82 -9.38 -6.82
CA ILE A 52 10.60 -8.15 -6.98
C ILE A 52 10.85 -7.48 -5.63
N GLY A 53 9.95 -7.65 -4.66
CA GLY A 53 10.06 -7.07 -3.34
C GLY A 53 8.95 -7.59 -2.46
N ALA A 54 8.83 -7.09 -1.23
CA ALA A 54 7.80 -7.47 -0.29
C ALA A 54 7.38 -6.26 0.53
N ILE A 55 6.06 -6.08 0.69
CA ILE A 55 5.55 -4.99 1.51
C ILE A 55 5.77 -5.50 2.93
N GLY A 56 5.17 -6.66 3.23
CA GLY A 56 5.27 -7.37 4.50
C GLY A 56 5.09 -6.47 5.72
N GLN A 57 3.94 -5.80 5.83
CA GLN A 57 3.61 -4.93 6.96
C GLN A 57 2.28 -5.42 7.56
N THR A 58 1.94 -4.95 8.77
CA THR A 58 0.70 -5.33 9.43
C THR A 58 0.19 -4.13 10.20
N PHE A 59 -1.07 -3.78 10.00
CA PHE A 59 -1.71 -2.65 10.65
C PHE A 59 -3.16 -2.99 10.99
N PHE A 60 -3.80 -2.11 11.75
CA PHE A 60 -5.19 -2.25 12.15
C PHE A 60 -5.84 -0.87 12.14
N VAL A 61 -7.15 -0.81 11.88
CA VAL A 61 -7.90 0.45 11.90
C VAL A 61 -9.23 0.17 12.62
N ASP A 62 -9.84 1.22 13.15
CA ASP A 62 -11.13 1.17 13.85
C ASP A 62 -12.25 1.46 12.86
N GLY A 63 -13.47 1.63 13.39
CA GLY A 63 -14.67 1.91 12.60
C GLY A 63 -14.62 3.28 11.92
N ASP A 64 -13.63 4.12 12.17
CA ASP A 64 -13.46 5.44 11.57
C ASP A 64 -12.35 5.38 10.51
N GLY A 65 -11.48 4.37 10.61
CA GLY A 65 -10.35 4.14 9.71
C GLY A 65 -9.06 4.71 10.28
N LYS A 66 -8.99 4.97 11.60
CA LYS A 66 -7.79 5.52 12.22
C LYS A 66 -6.83 4.41 12.51
N ARG A 67 -5.56 4.63 12.18
CA ARG A 67 -4.50 3.67 12.44
C ARG A 67 -4.43 3.46 13.94
N TRP A 68 -4.60 2.22 14.40
CA TRP A 68 -4.52 1.93 15.81
C TRP A 68 -3.06 2.05 16.21
N SER A 69 -2.79 2.83 17.26
CA SER A 69 -1.44 2.98 17.75
C SER A 69 -1.16 1.76 18.62
N GLU A 70 0.10 1.32 18.66
CA GLU A 70 0.50 0.16 19.45
C GLU A 70 0.16 0.38 20.93
N GLU A 71 0.13 1.64 21.33
CA GLU A 71 -0.18 2.10 22.66
C GLU A 71 -1.56 1.59 23.06
N GLU A 72 -2.51 1.63 22.14
CA GLU A 72 -3.88 1.14 22.30
C GLU A 72 -3.98 -0.37 22.10
N LEU A 73 -3.06 -1.00 21.35
CA LEU A 73 -3.04 -2.43 21.09
C LEU A 73 -2.56 -3.26 22.28
N LYS A 74 -1.66 -2.71 23.12
CA LYS A 74 -1.13 -3.41 24.28
C LYS A 74 -2.07 -3.35 25.49
N GLU A 75 -3.16 -2.61 25.38
CA GLU A 75 -4.15 -2.44 26.45
C GLU A 75 -4.90 -3.75 26.72
N PRO A 76 -5.52 -3.87 27.91
CA PRO A 76 -6.25 -5.05 28.29
C PRO A 76 -7.56 -5.10 27.51
N TYR A 77 -7.96 -6.29 27.09
CA TYR A 77 -9.19 -6.54 26.35
C TYR A 77 -10.39 -6.11 27.18
N ILE A 78 -10.42 -6.53 28.44
CA ILE A 78 -11.48 -6.20 29.38
C ILE A 78 -11.34 -4.72 29.76
N SER A 79 -12.46 -4.07 30.06
CA SER A 79 -12.51 -2.68 30.45
C SER A 79 -13.72 -2.48 31.35
N ASN A 80 -13.74 -1.37 32.09
CA ASN A 80 -14.86 -1.04 32.98
C ASN A 80 -15.93 -0.27 32.18
N ASN A 81 -15.70 -0.05 30.88
CA ASN A 81 -16.57 0.68 29.98
C ASN A 81 -16.72 -0.17 28.73
N PRO A 82 -17.85 -0.85 28.53
CA PRO A 82 -18.10 -1.66 27.35
C PRO A 82 -18.33 -0.80 26.10
N ASP A 83 -18.27 0.52 26.25
CA ASP A 83 -18.47 1.53 25.22
C ASP A 83 -17.15 2.03 24.64
N GLU A 84 -16.07 2.05 25.42
CA GLU A 84 -14.76 2.51 24.93
C GLU A 84 -14.18 1.56 23.89
N ILE A 85 -14.39 0.26 24.08
CA ILE A 85 -13.90 -0.78 23.18
C ILE A 85 -14.42 -0.50 21.77
N ARG A 86 -13.62 -0.84 20.76
CA ARG A 86 -13.99 -0.56 19.38
C ARG A 86 -13.58 -1.72 18.47
N GLU A 87 -14.13 -1.72 17.27
CA GLU A 87 -13.81 -2.72 16.26
C GLU A 87 -12.34 -2.50 15.86
N LYS A 88 -11.72 -3.56 15.33
CA LYS A 88 -10.33 -3.51 14.92
C LYS A 88 -10.16 -4.37 13.67
N LYS A 89 -10.15 -3.74 12.49
CA LYS A 89 -9.99 -4.40 11.19
C LYS A 89 -8.50 -4.63 10.93
N PRO A 90 -7.99 -5.88 10.98
CA PRO A 90 -6.59 -6.16 10.69
C PRO A 90 -6.32 -5.97 9.20
N LEU A 91 -5.07 -5.67 8.83
CA LEU A 91 -4.61 -5.44 7.47
C LEU A 91 -3.22 -6.08 7.38
N ARG A 92 -3.12 -7.29 6.81
CA ARG A 92 -1.86 -8.03 6.67
C ARG A 92 -1.40 -7.97 5.22
N TYR A 93 -0.24 -7.37 4.96
CA TYR A 93 0.30 -7.22 3.61
C TYR A 93 1.31 -8.33 3.31
N GLY A 94 1.37 -8.70 2.04
CA GLY A 94 2.10 -9.69 1.32
C GLY A 94 3.26 -9.26 0.43
N LYS A 95 4.07 -10.26 0.03
CA LYS A 95 5.21 -10.05 -0.86
C LYS A 95 4.64 -9.58 -2.21
N VAL A 96 5.48 -8.96 -3.05
CA VAL A 96 5.12 -8.39 -4.35
C VAL A 96 5.82 -9.16 -5.47
N TYR A 97 5.21 -9.14 -6.65
CA TYR A 97 5.64 -9.80 -7.87
C TYR A 97 5.48 -8.84 -9.05
N SER A 98 5.93 -9.24 -10.25
CA SER A 98 5.84 -8.44 -11.46
C SER A 98 4.90 -9.15 -12.45
N THR A 99 4.44 -8.38 -13.43
CA THR A 99 3.50 -8.72 -14.50
C THR A 99 4.21 -9.08 -15.83
N ASN A 100 4.79 -10.28 -15.93
CA ASN A 100 5.53 -10.89 -17.07
C ASN A 100 6.63 -10.03 -17.69
N GLU A 101 6.83 -8.83 -17.18
CA GLU A 101 7.73 -7.74 -17.50
C GLU A 101 8.98 -8.16 -18.23
N ASP A 102 9.95 -8.59 -17.44
CA ASP A 102 11.29 -9.02 -17.81
C ASP A 102 12.08 -7.98 -18.65
N SER A 103 11.55 -6.76 -18.71
CA SER A 103 12.01 -5.55 -19.37
C SER A 103 12.10 -4.41 -18.35
N ASP A 104 12.26 -3.17 -18.83
CA ASP A 104 12.40 -1.93 -18.07
C ASP A 104 11.11 -1.12 -17.95
N ALA A 105 9.97 -1.59 -18.46
CA ALA A 105 8.69 -0.88 -18.40
C ALA A 105 8.23 -0.53 -16.96
N LYS A 106 8.07 -1.55 -16.12
CA LYS A 106 7.66 -1.55 -14.71
C LYS A 106 6.57 -0.53 -14.36
N ASP A 107 5.49 -0.50 -15.13
CA ASP A 107 4.37 0.41 -14.86
C ASP A 107 3.28 -0.34 -14.09
N GLU A 108 3.38 -1.66 -13.98
CA GLU A 108 2.44 -2.51 -13.27
C GLU A 108 3.24 -3.63 -12.63
N ILE A 109 2.74 -4.09 -11.48
CA ILE A 109 3.27 -5.17 -10.66
C ILE A 109 2.08 -5.87 -9.96
N ILE A 110 2.30 -6.89 -9.12
CA ILE A 110 1.25 -7.63 -8.41
C ILE A 110 1.57 -7.62 -6.91
N VAL A 111 0.69 -7.05 -6.09
CA VAL A 111 0.81 -6.92 -4.64
C VAL A 111 -0.08 -7.91 -3.89
N GLU A 112 0.47 -8.67 -2.94
CA GLU A 112 -0.38 -9.58 -2.17
C GLU A 112 -0.91 -8.83 -0.95
N PHE A 113 -2.16 -9.08 -0.59
CA PHE A 113 -2.82 -8.49 0.56
C PHE A 113 -3.83 -9.54 1.02
N ASN A 114 -3.93 -9.83 2.32
CA ASN A 114 -4.89 -10.80 2.87
C ASN A 114 -4.80 -12.18 2.18
N ARG A 115 -3.58 -12.59 1.82
CA ARG A 115 -3.18 -13.84 1.15
C ARG A 115 -3.62 -13.92 -0.31
N GLU A 116 -4.17 -12.88 -0.90
CA GLU A 116 -4.62 -12.86 -2.28
C GLU A 116 -3.72 -11.90 -3.03
N TYR A 117 -3.42 -12.23 -4.27
CA TYR A 117 -2.55 -11.43 -5.13
C TYR A 117 -3.43 -10.43 -5.87
N TYR A 118 -3.02 -9.17 -5.89
CA TYR A 118 -3.78 -8.11 -6.56
C TYR A 118 -2.89 -7.35 -7.54
N ARG A 119 -3.30 -7.26 -8.81
CA ARG A 119 -2.55 -6.54 -9.83
C ARG A 119 -2.66 -5.06 -9.51
N ALA A 120 -1.53 -4.36 -9.43
CA ALA A 120 -1.47 -2.94 -9.13
C ALA A 120 -0.71 -2.19 -10.22
N VAL A 121 -1.06 -0.93 -10.44
CA VAL A 121 -0.49 -0.06 -11.46
C VAL A 121 0.07 1.23 -10.88
N LEU A 122 1.18 1.70 -11.43
CA LEU A 122 1.90 2.90 -11.03
C LEU A 122 0.95 4.10 -11.17
N ILE A 123 0.84 4.93 -10.12
CA ILE A 123 -0.08 6.08 -10.11
C ILE A 123 0.69 7.31 -10.50
N LYS A 124 1.81 7.56 -9.82
CA LYS A 124 2.65 8.70 -10.08
C LYS A 124 3.30 8.70 -11.47
N ASN A 125 2.94 7.74 -12.34
CA ASN A 125 3.42 7.60 -13.70
C ASN A 125 2.57 8.54 -14.56
N GLU A 126 1.23 8.52 -14.39
CA GLU A 126 0.33 9.42 -15.13
C GLU A 126 0.58 10.85 -14.61
N LYS A 127 0.00 11.85 -15.24
CA LYS A 127 0.18 13.27 -14.87
C LYS A 127 -1.13 14.05 -14.90
N GLU A 128 -2.24 13.37 -14.67
CA GLU A 128 -3.58 13.94 -14.66
C GLU A 128 -4.28 13.22 -13.54
#